data_3MGT
#
_entry.id   3MGT
#
_cell.length_a   63.172
_cell.length_b   79.304
_cell.length_c   86.739
_cell.angle_alpha   90.02
_cell.angle_beta   89.99
_cell.angle_gamma   89.96
#
_symmetry.space_group_name_H-M   'P 1'
#
loop_
_entity.id
_entity.type
_entity.pdbx_description
1 polymer 'HLA class I histocompatibility antigen, A-2 alpha chain'
2 polymer Beta-2-microglobulin
3 polymer '10-meric peptide from Hemagglutinin'
4 water water
#
loop_
_entity_poly.entity_id
_entity_poly.type
_entity_poly.pdbx_seq_one_letter_code
_entity_poly.pdbx_strand_id
1 'polypeptide(L)'
;GSHSMRYFFTSVSRPGRGEPRFIAVGYVDDTQFVRFDSDAASQRMEPRAPWIEQEGPEYWDGETRKVKAHSQTHRVDLGT
LRGYYNQSEAGSHTVQRMYGCDVGSDWRFLRGYHQYAYDGKDYIALKEDLRSWTAADMAAQTTKHKWEAAHVAEQLRAYL
EGTCVEWLRRYLENGKETLQRTDAPKTHMTHHAVSDHEATLRCWALSFYPAEITLTWQRDGEDQTQDTELVETRPAGDGT
FQKWAAVVVPSGQEQRYTCHVQHEGLPKPLTLRWE
;
A,D,G,J
2 'polypeptide(L)'
;MIQRTPKIQVYSRHPAENGKSNFLNCYVSGFHPSDIEVDLLKNGERIEKVEHSDLSFSKDWSFYLLYYTEFTPTEKDEYA
CRVNHVTLSQPKIVKWDRDM
;
B,E,H,K
3 'polypeptide(L)' KLYQNPTTYI C,F,I,L
#
# COMPACT_ATOMS: atom_id res chain seq x y z
N GLY A 1 21.47 13.15 26.19
CA GLY A 1 21.87 14.39 25.54
C GLY A 1 20.98 14.76 24.38
N SER A 2 21.53 15.53 23.44
CA SER A 2 20.79 15.96 22.27
C SER A 2 20.76 14.85 21.22
N HIS A 3 19.78 14.93 20.31
CA HIS A 3 19.64 13.94 19.26
C HIS A 3 19.17 14.55 17.95
N SER A 4 19.42 13.83 16.86
CA SER A 4 19.01 14.28 15.54
C SER A 4 18.59 13.11 14.67
N MET A 5 17.77 13.40 13.67
CA MET A 5 17.52 12.44 12.60
C MET A 5 17.82 13.10 11.26
N ARG A 6 18.52 12.38 10.40
CA ARG A 6 18.91 12.92 9.10
C ARG A 6 18.65 11.92 7.99
N TYR A 7 18.14 12.42 6.87
CA TYR A 7 18.13 11.63 5.65
C TYR A 7 19.04 12.31 4.62
N PHE A 8 19.89 11.51 4.00
CA PHE A 8 20.84 11.97 2.99
C PHE A 8 20.51 11.33 1.65
N PHE A 9 20.39 12.16 0.63
CA PHE A 9 20.06 11.67 -0.70
C PHE A 9 21.11 12.10 -1.72
N THR A 10 21.57 11.13 -2.52
CA THR A 10 22.55 11.42 -3.57
C THR A 10 22.06 10.91 -4.91
N SER A 11 21.96 11.84 -5.86
CA SER A 11 21.53 11.52 -7.22
C SER A 11 22.63 11.88 -8.21
N VAL A 12 23.11 10.89 -8.95
CA VAL A 12 24.17 11.12 -9.93
C VAL A 12 23.75 10.69 -11.34
N SER A 13 23.71 11.65 -12.27
CA SER A 13 23.35 11.33 -13.65
C SER A 13 24.42 10.48 -14.32
N ARG A 14 24.00 9.60 -15.22
CA ARG A 14 24.93 8.75 -15.95
C ARG A 14 24.62 8.81 -17.45
N PRO A 15 25.15 9.85 -18.12
CA PRO A 15 24.87 10.13 -19.54
C PRO A 15 25.10 8.91 -20.44
N GLY A 16 24.08 8.57 -21.22
CA GLY A 16 24.18 7.46 -22.17
C GLY A 16 24.18 6.10 -21.49
N ARG A 17 23.87 6.09 -20.20
CA ARG A 17 23.87 4.85 -19.43
C ARG A 17 22.57 4.68 -18.66
N GLY A 18 21.54 5.41 -19.10
CA GLY A 18 20.20 5.25 -18.57
C GLY A 18 19.85 6.10 -17.37
N GLU A 19 19.17 5.49 -16.41
CA GLU A 19 18.70 6.19 -15.21
C GLU A 19 19.84 6.51 -14.25
N PRO A 20 19.74 7.65 -13.56
CA PRO A 20 20.75 8.09 -12.58
C PRO A 20 20.83 7.15 -11.39
N ARG A 21 22.01 7.03 -10.81
CA ARG A 21 22.18 6.33 -9.54
C ARG A 21 21.49 7.16 -8.47
N PHE A 22 20.77 6.50 -7.57
CA PHE A 22 20.10 7.18 -6.48
C PHE A 22 20.32 6.39 -5.18
N ILE A 23 20.97 7.02 -4.22
CA ILE A 23 21.21 6.39 -2.93
C ILE A 23 20.59 7.21 -1.82
N ALA A 24 19.80 6.55 -0.98
CA ALA A 24 19.23 7.21 0.18
C ALA A 24 19.66 6.48 1.46
N VAL A 25 19.99 7.26 2.49
CA VAL A 25 20.31 6.70 3.79
C VAL A 25 19.71 7.57 4.89
N GLY A 26 19.32 6.93 5.99
CA GLY A 26 18.81 7.63 7.14
C GLY A 26 19.67 7.35 8.35
N TYR A 27 19.89 8.37 9.18
CA TYR A 27 20.66 8.23 10.39
C TYR A 27 19.87 8.74 11.59
N VAL A 28 19.99 8.05 12.70
CA VAL A 28 19.64 8.62 13.99
C VAL A 28 20.97 8.90 14.68
N ASP A 29 21.23 10.18 14.98
CA ASP A 29 22.54 10.60 15.48
C ASP A 29 23.63 10.08 14.55
N ASP A 30 24.55 9.29 15.09
CA ASP A 30 25.63 8.72 14.29
C ASP A 30 25.38 7.24 14.00
N THR A 31 24.11 6.85 13.95
CA THR A 31 23.77 5.45 13.64
C THR A 31 22.86 5.38 12.43
N GLN A 32 23.38 4.82 11.34
CA GLN A 32 22.57 4.59 10.16
C GLN A 32 21.50 3.55 10.50
N PHE A 33 20.29 3.74 10.00
CA PHE A 33 19.23 2.76 10.25
C PHE A 33 18.49 2.27 9.00
N VAL A 34 18.52 3.06 7.92
CA VAL A 34 17.91 2.63 6.66
C VAL A 34 18.69 3.03 5.43
N ARG A 35 18.41 2.35 4.33
CA ARG A 35 19.02 2.66 3.05
C ARG A 35 18.11 2.30 1.89
N PHE A 36 18.42 2.88 0.73
CA PHE A 36 17.82 2.50 -0.54
C PHE A 36 18.83 2.74 -1.65
N ASP A 37 19.03 1.73 -2.49
CA ASP A 37 19.97 1.84 -3.60
C ASP A 37 19.26 1.47 -4.90
N SER A 38 19.18 2.44 -5.83
CA SER A 38 18.46 2.24 -7.07
C SER A 38 19.03 1.06 -7.87
N ASP A 39 20.34 0.85 -7.75
CA ASP A 39 21.00 -0.24 -8.45
C ASP A 39 20.88 -1.61 -7.74
N ALA A 40 20.17 -1.65 -6.62
CA ALA A 40 19.95 -2.92 -5.93
C ALA A 40 18.76 -3.68 -6.50
N ALA A 41 18.72 -4.99 -6.26
CA ALA A 41 17.64 -5.83 -6.80
C ALA A 41 16.32 -5.67 -6.07
N SER A 42 16.38 -5.50 -4.75
CA SER A 42 15.18 -5.43 -3.92
C SER A 42 14.25 -4.30 -4.33
N GLN A 43 14.81 -3.12 -4.56
CA GLN A 43 14.01 -1.96 -4.91
C GLN A 43 13.13 -1.55 -3.73
N ARG A 44 13.62 -1.81 -2.52
CA ARG A 44 12.90 -1.46 -1.31
C ARG A 44 13.81 -0.76 -0.31
N MET A 45 13.23 0.07 0.54
CA MET A 45 13.95 0.60 1.68
C MET A 45 14.33 -0.58 2.56
N GLU A 46 15.56 -0.60 3.07
CA GLU A 46 16.05 -1.73 3.85
C GLU A 46 16.58 -1.31 5.21
N PRO A 47 16.38 -2.15 6.23
CA PRO A 47 16.92 -1.92 7.57
C PRO A 47 18.44 -1.99 7.55
N ARG A 48 19.09 -1.13 8.32
CA ARG A 48 20.54 -1.17 8.49
C ARG A 48 20.90 -1.09 9.96
N ALA A 49 19.88 -1.20 10.80
CA ALA A 49 20.06 -1.30 12.23
C ALA A 49 19.08 -2.34 12.78
N PRO A 50 19.50 -3.11 13.78
CA PRO A 50 18.70 -4.19 14.36
C PRO A 50 17.34 -3.72 14.90
N TRP A 51 17.31 -2.54 15.52
CA TRP A 51 16.11 -2.06 16.19
C TRP A 51 15.01 -1.55 15.25
N ILE A 52 15.29 -1.52 13.93
CA ILE A 52 14.29 -1.11 12.96
C ILE A 52 13.80 -2.31 12.16
N GLU A 53 14.50 -3.44 12.28
CA GLU A 53 14.22 -4.62 11.45
C GLU A 53 12.81 -5.17 11.63
N GLN A 54 12.28 -5.05 12.84
CA GLN A 54 10.97 -5.64 13.15
C GLN A 54 9.84 -4.61 13.16
N GLU A 55 10.11 -3.44 12.60
CA GLU A 55 9.03 -2.52 12.28
C GLU A 55 8.21 -3.24 11.21
N GLY A 56 6.90 -3.20 11.31
CA GLY A 56 6.05 -4.00 10.44
C GLY A 56 6.18 -3.75 8.94
N PRO A 57 5.51 -4.60 8.14
CA PRO A 57 5.44 -4.46 6.68
C PRO A 57 4.80 -3.14 6.26
N GLU A 58 3.86 -2.64 7.05
CA GLU A 58 3.26 -1.34 6.77
C GLU A 58 4.34 -0.26 6.76
N TYR A 59 5.24 -0.32 7.72
CA TYR A 59 6.33 0.64 7.78
C TYR A 59 7.19 0.58 6.52
N TRP A 60 7.64 -0.61 6.18
CA TRP A 60 8.57 -0.81 5.07
C TRP A 60 7.94 -0.56 3.70
N ASP A 61 6.67 -0.92 3.54
CA ASP A 61 5.97 -0.60 2.30
C ASP A 61 5.88 0.91 2.12
N GLY A 62 5.59 1.60 3.23
CA GLY A 62 5.42 3.03 3.22
C GLY A 62 6.70 3.80 2.94
N GLU A 63 7.79 3.39 3.57
CA GLU A 63 9.09 4.03 3.34
C GLU A 63 9.59 3.71 1.94
N THR A 64 9.29 2.51 1.45
CA THR A 64 9.68 2.11 0.11
C THR A 64 8.97 2.98 -0.92
N ARG A 65 7.67 3.14 -0.71
CA ARG A 65 6.84 3.97 -1.59
C ARG A 65 7.32 5.42 -1.64
N LYS A 66 7.54 6.02 -0.48
CA LYS A 66 7.96 7.43 -0.44
C LYS A 66 9.37 7.66 -1.00
N VAL A 67 10.28 6.73 -0.77
CA VAL A 67 11.64 6.89 -1.26
C VAL A 67 11.70 6.76 -2.77
N LYS A 68 10.78 5.98 -3.33
CA LYS A 68 10.72 5.85 -4.78
C LYS A 68 10.20 7.14 -5.39
N ALA A 69 9.27 7.80 -4.69
CA ALA A 69 8.78 9.10 -5.12
C ALA A 69 9.90 10.13 -5.05
N HIS A 70 10.75 10.01 -4.04
CA HIS A 70 11.93 10.86 -3.90
C HIS A 70 12.85 10.66 -5.11
N SER A 71 13.06 9.40 -5.46
CA SER A 71 13.91 9.04 -6.58
C SER A 71 13.42 9.68 -7.88
N GLN A 72 12.13 9.53 -8.16
CA GLN A 72 11.55 10.07 -9.39
C GLN A 72 11.70 11.60 -9.46
N THR A 73 11.56 12.26 -8.32
CA THR A 73 11.70 13.70 -8.26
C THR A 73 13.13 14.13 -8.62
N HIS A 74 14.10 13.46 -8.02
CA HIS A 74 15.50 13.78 -8.26
C HIS A 74 15.89 13.59 -9.71
N ARG A 75 15.39 12.51 -10.31
CA ARG A 75 15.67 12.20 -11.71
C ARG A 75 15.27 13.36 -12.62
N VAL A 76 14.15 14.00 -12.30
CA VAL A 76 13.70 15.16 -13.08
C VAL A 76 14.56 16.37 -12.79
N ASP A 77 14.86 16.59 -11.51
CA ASP A 77 15.66 17.73 -11.07
C ASP A 77 16.99 17.80 -11.81
N LEU A 78 17.60 16.64 -12.06
CA LEU A 78 18.88 16.60 -12.78
C LEU A 78 18.75 17.27 -14.14
N GLY A 79 17.65 16.98 -14.83
CA GLY A 79 17.39 17.59 -16.13
C GLY A 79 17.19 19.09 -15.98
N THR A 80 16.30 19.48 -15.07
CA THR A 80 15.98 20.88 -14.84
C THR A 80 17.25 21.68 -14.55
N LEU A 81 18.14 21.13 -13.72
CA LEU A 81 19.39 21.79 -13.40
C LEU A 81 20.32 21.85 -14.61
N ARG A 82 20.31 20.80 -15.41
CA ARG A 82 21.09 20.75 -16.64
C ARG A 82 20.73 21.94 -17.50
N GLY A 83 19.44 22.29 -17.49
CA GLY A 83 18.94 23.42 -18.24
C GLY A 83 19.25 24.77 -17.59
N TYR A 84 18.97 24.88 -16.29
CA TYR A 84 19.23 26.13 -15.58
C TYR A 84 20.65 26.63 -15.86
N TYR A 85 21.59 25.70 -16.02
CA TYR A 85 22.99 26.04 -16.16
C TYR A 85 23.52 25.82 -17.56
N ASN A 86 22.62 25.53 -18.50
CA ASN A 86 22.99 25.35 -19.90
C ASN A 86 24.12 24.35 -20.10
N GLN A 87 24.16 23.31 -19.29
CA GLN A 87 25.20 22.29 -19.39
C GLN A 87 24.86 21.25 -20.45
N SER A 88 25.90 20.54 -20.89
CA SER A 88 25.75 19.51 -21.91
C SER A 88 24.96 18.32 -21.39
N GLU A 89 24.52 17.48 -22.32
CA GLU A 89 23.79 16.27 -22.00
C GLU A 89 24.76 15.12 -21.71
N ALA A 90 26.03 15.32 -22.05
CA ALA A 90 27.02 14.25 -21.95
C ALA A 90 27.79 14.26 -20.62
N GLY A 91 27.53 15.26 -19.80
CA GLY A 91 28.22 15.39 -18.53
C GLY A 91 27.49 14.75 -17.36
N SER A 92 28.25 14.14 -16.45
CA SER A 92 27.67 13.58 -15.23
C SER A 92 27.61 14.64 -14.13
N HIS A 93 26.45 14.77 -13.51
CA HIS A 93 26.28 15.76 -12.45
C HIS A 93 25.68 15.15 -11.18
N THR A 94 25.90 15.81 -10.05
CA THR A 94 25.43 15.30 -8.77
C THR A 94 24.44 16.25 -8.10
N VAL A 95 23.29 15.72 -7.73
CA VAL A 95 22.37 16.44 -6.86
C VAL A 95 22.35 15.77 -5.49
N GLN A 96 22.48 16.59 -4.44
CA GLN A 96 22.41 16.08 -3.08
C GLN A 96 21.33 16.80 -2.30
N ARG A 97 20.66 16.06 -1.42
CA ARG A 97 19.59 16.60 -0.61
C ARG A 97 19.78 16.07 0.81
N MET A 98 19.57 16.94 1.79
CA MET A 98 19.58 16.52 3.18
C MET A 98 18.44 17.22 3.91
N TYR A 99 17.70 16.46 4.70
CA TYR A 99 16.75 17.05 5.63
C TYR A 99 16.65 16.26 6.92
N GLY A 100 16.11 16.90 7.94
CA GLY A 100 15.97 16.28 9.23
C GLY A 100 15.82 17.27 10.36
N CYS A 101 15.85 16.78 11.59
CA CYS A 101 15.56 17.58 12.76
C CYS A 101 16.54 17.35 13.92
N ASP A 102 16.68 18.36 14.77
CA ASP A 102 17.46 18.25 16.00
C ASP A 102 16.56 18.41 17.22
N VAL A 103 16.77 17.58 18.24
CA VAL A 103 16.08 17.74 19.51
C VAL A 103 17.07 17.83 20.67
N GLY A 104 16.66 18.47 21.76
CA GLY A 104 17.52 18.66 22.91
C GLY A 104 17.54 17.49 23.86
N SER A 105 18.10 17.69 25.05
CA SER A 105 18.18 16.64 26.06
C SER A 105 16.78 16.21 26.51
N ASP A 106 15.82 17.12 26.38
CA ASP A 106 14.44 16.85 26.74
C ASP A 106 13.66 16.35 25.53
N TRP A 107 14.38 16.01 24.46
CA TRP A 107 13.77 15.45 23.27
C TRP A 107 12.82 16.43 22.59
N ARG A 108 12.86 17.68 23.01
CA ARG A 108 12.03 18.71 22.39
C ARG A 108 12.73 19.28 21.17
N PHE A 109 11.94 19.71 20.19
CA PHE A 109 12.46 20.24 18.92
C PHE A 109 13.40 21.44 19.10
N LEU A 110 14.61 21.32 18.55
CA LEU A 110 15.55 22.43 18.48
C LEU A 110 15.61 23.09 17.10
N ARG A 111 15.90 22.30 16.07
CA ARG A 111 16.10 22.83 14.72
C ARG A 111 15.62 21.88 13.64
N GLY A 112 15.28 22.44 12.48
CA GLY A 112 14.95 21.66 11.30
C GLY A 112 15.83 22.06 10.15
N TYR A 113 16.05 21.15 9.22
CA TYR A 113 16.88 21.41 8.06
C TYR A 113 16.22 20.89 6.79
N HIS A 114 16.55 21.52 5.67
CA HIS A 114 16.17 21.01 4.36
C HIS A 114 16.96 21.79 3.32
N GLN A 115 17.94 21.13 2.72
CA GLN A 115 18.84 21.82 1.80
C GLN A 115 19.31 20.94 0.65
N TYR A 116 19.63 21.60 -0.47
CA TYR A 116 20.07 20.94 -1.69
C TYR A 116 21.44 21.46 -2.10
N ALA A 117 22.19 20.62 -2.82
CA ALA A 117 23.46 21.01 -3.39
C ALA A 117 23.55 20.48 -4.81
N TYR A 118 24.14 21.28 -5.70
CA TYR A 118 24.35 20.86 -7.08
C TYR A 118 25.84 20.82 -7.36
N ASP A 119 26.32 19.65 -7.76
CA ASP A 119 27.75 19.41 -7.96
C ASP A 119 28.62 19.89 -6.80
N GLY A 120 28.23 19.51 -5.59
CA GLY A 120 29.06 19.73 -4.42
C GLY A 120 29.00 21.10 -3.78
N LYS A 121 28.23 22.01 -4.35
CA LYS A 121 28.06 23.32 -3.72
C LYS A 121 26.60 23.68 -3.44
N ASP A 122 26.41 24.47 -2.39
CA ASP A 122 25.08 24.91 -2.00
C ASP A 122 24.26 25.42 -3.19
N TYR A 123 23.01 24.98 -3.24
CA TYR A 123 22.09 25.44 -4.26
C TYR A 123 20.92 26.17 -3.62
N ILE A 124 20.11 25.44 -2.83
CA ILE A 124 19.05 26.08 -2.07
C ILE A 124 18.94 25.48 -0.67
N ALA A 125 18.69 26.34 0.33
CA ALA A 125 18.57 25.88 1.71
C ALA A 125 17.45 26.59 2.47
N LEU A 126 16.62 25.80 3.15
CA LEU A 126 15.64 26.36 4.07
C LEU A 126 16.39 27.01 5.23
N LYS A 127 15.99 28.23 5.59
CA LYS A 127 16.66 28.94 6.69
C LYS A 127 16.17 28.42 8.03
N GLU A 128 16.81 28.87 9.10
CA GLU A 128 16.51 28.39 10.44
C GLU A 128 15.07 28.66 10.87
N ASP A 129 14.50 29.78 10.42
CA ASP A 129 13.11 30.09 10.76
C ASP A 129 12.13 29.16 10.06
N LEU A 130 12.64 28.33 9.16
CA LEU A 130 11.83 27.38 8.41
C LEU A 130 10.72 28.07 7.63
N ARG A 131 10.95 29.34 7.30
CA ARG A 131 9.96 30.14 6.58
C ARG A 131 10.56 30.82 5.36
N SER A 132 11.87 30.97 5.34
CA SER A 132 12.56 31.62 4.22
C SER A 132 13.60 30.71 3.58
N TRP A 133 14.02 31.06 2.36
CA TRP A 133 14.95 30.26 1.59
C TRP A 133 16.22 31.03 1.26
N THR A 134 17.36 30.35 1.35
CA THR A 134 18.62 30.95 0.92
C THR A 134 18.94 30.47 -0.49
N ALA A 135 18.93 31.40 -1.44
CA ALA A 135 19.38 31.11 -2.79
C ALA A 135 20.51 32.04 -3.16
N ALA A 136 21.57 31.49 -3.74
CA ALA A 136 22.74 32.30 -4.07
C ALA A 136 22.69 32.90 -5.47
N ASP A 137 22.49 32.06 -6.48
CA ASP A 137 22.49 32.53 -7.86
C ASP A 137 21.09 32.62 -8.45
N MET A 138 21.02 32.90 -9.74
CA MET A 138 19.74 33.09 -10.44
C MET A 138 18.96 31.80 -10.57
N ALA A 139 19.67 30.72 -10.91
CA ALA A 139 19.04 29.40 -11.01
C ALA A 139 18.30 29.09 -9.73
N ALA A 140 19.03 29.09 -8.62
CA ALA A 140 18.44 28.80 -7.31
C ALA A 140 17.26 29.73 -7.02
N GLN A 141 17.40 31.02 -7.35
CA GLN A 141 16.33 31.97 -7.10
C GLN A 141 15.05 31.57 -7.83
N THR A 142 15.21 31.02 -9.03
CA THR A 142 14.09 30.54 -9.82
C THR A 142 13.35 29.43 -9.08
N THR A 143 14.11 28.46 -8.56
CA THR A 143 13.57 27.40 -7.74
C THR A 143 12.87 27.99 -6.52
N LYS A 144 13.51 28.97 -5.88
CA LYS A 144 12.97 29.64 -4.71
C LYS A 144 11.59 30.25 -5.01
N HIS A 145 11.44 30.80 -6.22
CA HIS A 145 10.15 31.36 -6.62
C HIS A 145 9.09 30.27 -6.76
N LYS A 146 9.44 29.18 -7.44
CA LYS A 146 8.56 28.01 -7.50
C LYS A 146 8.05 27.63 -6.11
N TRP A 147 8.99 27.54 -5.18
CA TRP A 147 8.71 26.97 -3.86
C TRP A 147 7.94 27.93 -2.96
N GLU A 148 8.09 29.22 -3.20
CA GLU A 148 7.31 30.22 -2.48
C GLU A 148 5.85 30.19 -2.91
N ALA A 149 5.62 29.93 -4.19
CA ALA A 149 4.26 29.93 -4.75
C ALA A 149 3.53 28.63 -4.41
N ALA A 150 4.29 27.55 -4.27
CA ALA A 150 3.71 26.26 -3.90
C ALA A 150 3.72 26.07 -2.39
N HIS A 151 4.16 27.12 -1.69
CA HIS A 151 4.23 27.12 -0.24
C HIS A 151 4.92 25.87 0.30
N VAL A 152 6.06 25.54 -0.30
CA VAL A 152 6.84 24.37 0.08
C VAL A 152 7.33 24.43 1.54
N ALA A 153 7.79 25.61 1.97
CA ALA A 153 8.32 25.74 3.32
C ALA A 153 7.33 25.34 4.40
N GLU A 154 6.05 25.66 4.18
CA GLU A 154 5.01 25.41 5.17
C GLU A 154 4.80 23.92 5.39
N GLN A 155 4.78 23.17 4.30
CA GLN A 155 4.58 21.73 4.38
C GLN A 155 5.82 21.06 4.98
N LEU A 156 6.99 21.55 4.59
CA LEU A 156 8.24 21.04 5.14
C LEU A 156 8.34 21.32 6.64
N ARG A 157 7.93 22.51 7.05
CA ARG A 157 7.95 22.88 8.46
C ARG A 157 7.06 21.96 9.30
N ALA A 158 5.89 21.60 8.77
CA ALA A 158 4.98 20.71 9.46
C ALA A 158 5.68 19.39 9.77
N TYR A 159 6.31 18.81 8.74
CA TYR A 159 7.02 17.55 8.90
C TYR A 159 8.19 17.66 9.87
N LEU A 160 8.96 18.73 9.75
CA LEU A 160 10.18 18.91 10.54
C LEU A 160 9.89 19.06 12.04
N GLU A 161 8.82 19.77 12.38
CA GLU A 161 8.46 19.96 13.78
C GLU A 161 7.52 18.87 14.26
N GLY A 162 6.93 18.15 13.32
CA GLY A 162 5.94 17.15 13.66
C GLY A 162 6.47 15.73 13.55
N THR A 163 6.15 15.08 12.44
CA THR A 163 6.49 13.68 12.23
C THR A 163 8.00 13.38 12.34
N CYS A 164 8.86 14.31 11.92
CA CYS A 164 10.30 14.10 12.01
C CYS A 164 10.73 13.94 13.48
N VAL A 165 10.32 14.88 14.32
CA VAL A 165 10.57 14.81 15.75
C VAL A 165 9.86 13.60 16.38
N GLU A 166 8.60 13.44 16.02
CA GLU A 166 7.76 12.37 16.54
C GLU A 166 8.36 10.99 16.32
N TRP A 167 8.91 10.79 15.12
CA TRP A 167 9.48 9.50 14.77
C TRP A 167 10.92 9.34 15.22
N LEU A 168 11.62 10.45 15.40
CA LEU A 168 12.94 10.41 16.00
C LEU A 168 12.80 9.88 17.43
N ARG A 169 11.81 10.39 18.15
CA ARG A 169 11.55 9.93 19.51
C ARG A 169 11.26 8.43 19.52
N ARG A 170 10.44 7.96 18.59
CA ARG A 170 10.10 6.54 18.55
C ARG A 170 11.32 5.66 18.33
N TYR A 171 12.19 6.09 17.42
CA TYR A 171 13.41 5.33 17.12
C TYR A 171 14.31 5.29 18.35
N LEU A 172 14.43 6.42 19.02
CA LEU A 172 15.20 6.49 20.25
C LEU A 172 14.67 5.48 21.27
N GLU A 173 13.35 5.43 21.42
CA GLU A 173 12.73 4.46 22.34
C GLU A 173 12.98 3.02 21.91
N ASN A 174 12.60 2.69 20.67
CA ASN A 174 12.77 1.33 20.15
C ASN A 174 14.21 0.83 20.18
N GLY A 175 15.15 1.71 19.88
CA GLY A 175 16.57 1.36 19.88
C GLY A 175 17.28 1.90 21.10
N LYS A 176 16.59 1.87 22.24
CA LYS A 176 17.12 2.47 23.47
C LYS A 176 18.51 1.97 23.85
N GLU A 177 18.69 0.66 23.82
CA GLU A 177 19.94 0.08 24.28
C GLU A 177 21.14 0.58 23.46
N THR A 178 20.87 0.97 22.22
CA THR A 178 21.92 1.40 21.31
C THR A 178 21.93 2.92 21.13
N LEU A 179 20.77 3.50 20.88
CA LEU A 179 20.68 4.93 20.58
C LEU A 179 20.75 5.82 21.82
N GLN A 180 20.39 5.28 22.98
CA GLN A 180 20.43 6.07 24.21
C GLN A 180 21.63 5.69 25.09
N ARG A 181 22.55 4.92 24.54
CA ARG A 181 23.73 4.52 25.30
C ARG A 181 24.81 5.59 25.22
N THR A 182 25.70 5.59 26.20
CA THR A 182 26.87 6.46 26.16
C THR A 182 28.12 5.66 26.50
N ASP A 183 28.91 5.33 25.48
CA ASP A 183 30.16 4.61 25.69
C ASP A 183 31.31 5.60 25.82
N ALA A 184 31.74 5.84 27.05
CA ALA A 184 32.91 6.64 27.31
C ALA A 184 34.11 6.03 26.59
N PRO A 185 34.99 6.88 26.03
CA PRO A 185 36.20 6.43 25.34
C PRO A 185 37.09 5.59 26.25
N LYS A 186 37.69 4.56 25.69
CA LYS A 186 38.79 3.85 26.34
C LYS A 186 40.07 4.55 25.85
N THR A 187 40.87 5.06 26.78
CA THR A 187 42.02 5.88 26.40
C THR A 187 43.36 5.28 26.81
N HIS A 188 44.35 5.44 25.95
CA HIS A 188 45.71 5.03 26.28
C HIS A 188 46.72 5.84 25.48
N MET A 189 47.99 5.67 25.80
CA MET A 189 49.05 6.47 25.18
C MET A 189 50.13 5.52 24.67
N THR A 190 50.66 5.80 23.50
CA THR A 190 51.81 5.05 22.99
C THR A 190 53.01 5.96 22.87
N HIS A 191 54.20 5.37 22.95
CA HIS A 191 55.47 6.10 22.87
C HIS A 191 56.42 5.37 21.94
N HIS A 192 56.78 6.01 20.83
CA HIS A 192 57.73 5.42 19.89
C HIS A 192 58.82 6.41 19.49
N ALA A 193 60.07 5.93 19.47
CA ALA A 193 61.20 6.79 19.14
C ALA A 193 61.37 6.97 17.64
N VAL A 194 61.15 8.19 17.16
CA VAL A 194 61.38 8.52 15.76
C VAL A 194 62.87 8.54 15.51
N SER A 195 63.61 9.03 16.49
CA SER A 195 65.07 9.03 16.47
C SER A 195 65.58 8.92 17.90
N ASP A 196 66.80 9.38 18.13
CA ASP A 196 67.36 9.36 19.48
C ASP A 196 67.23 10.73 20.16
N HIS A 197 66.74 11.72 19.41
CA HIS A 197 66.54 13.05 19.95
C HIS A 197 65.06 13.40 20.08
N GLU A 198 64.20 12.57 19.48
CA GLU A 198 62.76 12.81 19.49
C GLU A 198 61.92 11.53 19.55
N ALA A 199 60.71 11.65 20.09
CA ALA A 199 59.79 10.52 20.14
C ALA A 199 58.35 10.96 19.85
N THR A 200 57.58 10.07 19.23
CA THR A 200 56.16 10.31 19.02
C THR A 200 55.35 9.86 20.24
N LEU A 201 54.53 10.76 20.74
CA LEU A 201 53.61 10.48 21.83
C LEU A 201 52.19 10.56 21.27
N ARG A 202 51.49 9.43 21.25
CA ARG A 202 50.15 9.39 20.67
C ARG A 202 49.08 9.04 21.70
N CYS A 203 48.05 9.88 21.78
CA CYS A 203 46.95 9.69 22.73
C CYS A 203 45.74 9.10 22.01
N TRP A 204 45.26 7.95 22.50
CA TRP A 204 44.18 7.21 21.86
C TRP A 204 42.84 7.32 22.56
N ALA A 205 41.78 7.50 21.77
CA ALA A 205 40.41 7.37 22.26
C ALA A 205 39.69 6.31 21.44
N LEU A 206 39.21 5.25 22.11
CA LEU A 206 38.66 4.10 21.40
C LEU A 206 37.30 3.62 21.93
N SER A 207 36.48 3.10 21.01
CA SER A 207 35.24 2.41 21.35
C SER A 207 34.23 3.33 22.04
N PHE A 208 34.17 4.58 21.60
CA PHE A 208 33.26 5.54 22.22
C PHE A 208 32.06 5.85 21.34
N TYR A 209 31.00 6.34 21.97
CA TYR A 209 29.76 6.71 21.29
C TYR A 209 29.02 7.72 22.16
N PRO A 210 28.47 8.79 21.55
CA PRO A 210 28.52 9.09 20.12
C PRO A 210 29.89 9.57 19.66
N ALA A 211 29.93 10.07 18.43
CA ALA A 211 31.18 10.41 17.76
C ALA A 211 31.84 11.69 18.26
N GLU A 212 31.04 12.69 18.61
CA GLU A 212 31.58 13.98 19.04
C GLU A 212 32.53 13.80 20.23
N ILE A 213 33.75 14.32 20.09
CA ILE A 213 34.76 14.19 21.14
C ILE A 213 35.78 15.31 21.00
N THR A 214 36.47 15.62 22.10
CA THR A 214 37.55 16.61 22.06
C THR A 214 38.86 15.99 22.54
N LEU A 215 39.89 16.10 21.70
CA LEU A 215 41.16 15.44 21.94
C LEU A 215 42.30 16.42 21.71
N THR A 216 42.98 16.80 22.79
CA THR A 216 43.94 17.89 22.75
C THR A 216 45.26 17.58 23.47
N TRP A 217 46.37 18.10 22.94
CA TRP A 217 47.66 18.01 23.62
C TRP A 217 48.07 19.36 24.17
N GLN A 218 48.67 19.36 25.36
CA GLN A 218 49.22 20.56 25.95
C GLN A 218 50.64 20.35 26.43
N ARG A 219 51.45 21.40 26.35
CA ARG A 219 52.80 21.38 26.90
C ARG A 219 52.90 22.42 27.99
N ASP A 220 53.04 21.96 29.23
CA ASP A 220 53.04 22.86 30.39
C ASP A 220 51.80 23.77 30.38
N GLY A 221 50.67 23.21 29.96
CA GLY A 221 49.40 23.91 30.04
C GLY A 221 48.99 24.74 28.82
N GLU A 222 49.86 24.85 27.82
CA GLU A 222 49.53 25.64 26.64
C GLU A 222 49.14 24.76 25.44
N ASP A 223 48.19 25.23 24.66
CA ASP A 223 47.67 24.47 23.52
C ASP A 223 48.77 24.17 22.50
N GLN A 224 48.73 22.98 21.93
CA GLN A 224 49.71 22.57 20.93
C GLN A 224 49.05 22.31 19.58
N THR A 225 48.01 23.07 19.29
CA THR A 225 47.23 22.94 18.08
C THR A 225 48.04 22.68 16.81
N GLN A 226 48.91 23.62 16.46
CA GLN A 226 49.61 23.55 15.19
C GLN A 226 50.72 22.50 15.19
N ASP A 227 51.07 22.03 16.38
CA ASP A 227 52.11 21.03 16.51
C ASP A 227 51.51 19.66 16.83
N THR A 228 50.19 19.55 16.71
CA THR A 228 49.50 18.29 16.97
C THR A 228 49.00 17.62 15.69
N GLU A 229 49.35 16.36 15.52
CA GLU A 229 48.81 15.54 14.43
C GLU A 229 47.48 14.97 14.92
N LEU A 230 46.37 15.45 14.35
CA LEU A 230 45.03 15.08 14.81
C LEU A 230 44.21 14.46 13.67
N VAL A 231 43.84 13.19 13.81
CA VAL A 231 43.07 12.52 12.74
C VAL A 231 41.56 12.76 12.86
N GLU A 232 40.88 12.66 11.73
CA GLU A 232 39.43 12.76 11.73
C GLU A 232 38.84 11.61 12.54
N THR A 233 37.81 11.91 13.31
CA THR A 233 37.10 10.89 14.05
C THR A 233 36.59 9.85 13.04
N ARG A 234 36.78 8.57 13.34
CA ARG A 234 36.57 7.51 12.35
C ARG A 234 35.79 6.34 12.94
N PRO A 235 34.95 5.69 12.13
CA PRO A 235 34.15 4.55 12.63
C PRO A 235 34.96 3.28 12.78
N ALA A 236 34.76 2.58 13.89
CA ALA A 236 35.44 1.31 14.12
C ALA A 236 34.79 0.18 13.32
N GLY A 237 33.55 0.39 12.90
CA GLY A 237 32.81 -0.60 12.15
C GLY A 237 31.79 -1.35 12.99
N ASP A 238 31.84 -1.16 14.31
CA ASP A 238 30.93 -1.86 15.21
C ASP A 238 29.94 -0.90 15.87
N GLY A 239 29.85 0.31 15.34
CA GLY A 239 28.95 1.30 15.90
C GLY A 239 29.65 2.22 16.89
N THR A 240 30.94 1.96 17.16
CA THR A 240 31.72 2.90 17.96
C THR A 240 32.70 3.68 17.09
N PHE A 241 33.40 4.62 17.70
CA PHE A 241 34.31 5.49 16.97
C PHE A 241 35.70 5.57 17.60
N GLN A 242 36.66 6.03 16.80
CA GLN A 242 38.04 6.17 17.25
C GLN A 242 38.57 7.55 16.90
N LYS A 243 39.63 7.95 17.60
CA LYS A 243 40.35 9.17 17.28
C LYS A 243 41.68 9.17 18.02
N TRP A 244 42.70 9.78 17.43
CA TRP A 244 43.95 9.98 18.16
C TRP A 244 44.64 11.29 17.83
N ALA A 245 45.39 11.80 18.80
CA ALA A 245 46.23 12.98 18.62
C ALA A 245 47.66 12.61 18.95
N ALA A 246 48.61 13.11 18.16
CA ALA A 246 50.01 12.81 18.39
C ALA A 246 50.89 14.06 18.40
N VAL A 247 51.95 14.03 19.21
CA VAL A 247 52.91 15.12 19.24
C VAL A 247 54.33 14.57 19.23
N VAL A 248 55.25 15.29 18.58
CA VAL A 248 56.65 14.92 18.64
C VAL A 248 57.28 15.60 19.85
N VAL A 249 57.77 14.77 20.77
CA VAL A 249 58.35 15.25 22.01
C VAL A 249 59.87 15.07 21.97
N PRO A 250 60.62 16.14 22.31
CA PRO A 250 62.07 16.07 22.37
C PRO A 250 62.53 15.30 23.59
N SER A 251 63.77 14.84 23.58
CA SER A 251 64.31 13.99 24.64
C SER A 251 64.14 14.58 26.03
N GLY A 252 63.48 13.81 26.92
CA GLY A 252 63.35 14.19 28.32
C GLY A 252 62.27 15.22 28.62
N GLN A 253 61.33 15.39 27.70
CA GLN A 253 60.25 16.35 27.92
C GLN A 253 58.86 15.68 28.02
N GLU A 254 58.83 14.35 28.02
CA GLU A 254 57.57 13.64 28.14
C GLU A 254 56.70 14.18 29.27
N GLN A 255 57.29 14.40 30.44
CA GLN A 255 56.52 14.86 31.60
C GLN A 255 55.86 16.23 31.43
N ARG A 256 56.32 16.99 30.44
CA ARG A 256 55.74 18.31 30.16
C ARG A 256 54.38 18.23 29.46
N TYR A 257 54.14 17.12 28.75
CA TYR A 257 52.96 16.99 27.93
C TYR A 257 51.76 16.34 28.64
N THR A 258 50.56 16.84 28.34
CA THR A 258 49.32 16.25 28.84
C THR A 258 48.31 16.09 27.71
N CYS A 259 47.67 14.93 27.65
CA CYS A 259 46.58 14.71 26.70
C CYS A 259 45.24 14.94 27.38
N HIS A 260 44.37 15.69 26.73
CA HIS A 260 43.08 16.05 27.31
C HIS A 260 41.91 15.52 26.49
N VAL A 261 40.99 14.83 27.16
CA VAL A 261 39.87 14.16 26.50
C VAL A 261 38.53 14.62 27.06
N GLN A 262 37.65 15.11 26.19
CA GLN A 262 36.28 15.45 26.60
C GLN A 262 35.28 14.63 25.81
N HIS A 263 34.34 14.02 26.51
CA HIS A 263 33.30 13.23 25.85
C HIS A 263 32.08 13.09 26.75
N GLU A 264 30.91 12.98 26.13
CA GLU A 264 29.65 12.86 26.85
C GLU A 264 29.69 11.80 27.96
N GLY A 265 30.44 10.73 27.70
CA GLY A 265 30.52 9.62 28.63
C GLY A 265 31.49 9.80 29.78
N LEU A 266 32.22 10.90 29.80
CA LEU A 266 33.14 11.19 30.88
C LEU A 266 32.61 12.32 31.75
N PRO A 267 32.39 12.05 33.04
CA PRO A 267 31.91 13.07 33.98
C PRO A 267 32.82 14.30 33.93
N LYS A 268 34.08 14.09 34.28
CA LYS A 268 35.08 15.16 34.22
C LYS A 268 36.08 14.88 33.10
N PRO A 269 36.48 15.93 32.37
CA PRO A 269 37.45 15.77 31.29
C PRO A 269 38.69 15.03 31.79
N LEU A 270 39.23 14.16 30.96
CA LEU A 270 40.40 13.37 31.35
C LEU A 270 41.69 14.09 31.02
N THR A 271 42.64 14.01 31.94
CA THR A 271 43.99 14.50 31.70
C THR A 271 44.96 13.34 31.79
N LEU A 272 45.62 13.01 30.68
CA LEU A 272 46.58 11.92 30.66
C LEU A 272 48.00 12.43 30.48
N ARG A 273 48.95 11.79 31.16
CA ARG A 273 50.35 12.17 31.05
C ARG A 273 51.22 10.91 30.96
N TRP A 274 52.21 10.93 30.08
CA TRP A 274 53.14 9.81 29.99
C TRP A 274 54.08 9.87 31.18
N GLU A 275 54.06 8.83 32.02
CA GLU A 275 54.85 8.81 33.24
C GLU A 275 55.02 7.39 33.79
N MET B 1 34.10 21.83 -12.62
CA MET B 1 33.29 21.86 -11.41
C MET B 1 34.05 21.36 -10.18
N ILE B 2 33.42 21.46 -9.02
CA ILE B 2 34.04 21.10 -7.75
C ILE B 2 34.60 19.67 -7.75
N GLN B 3 35.82 19.55 -7.23
CA GLN B 3 36.47 18.25 -7.04
C GLN B 3 37.26 18.29 -5.74
N ARG B 4 36.95 17.37 -4.84
CA ARG B 4 37.62 17.31 -3.55
C ARG B 4 38.29 15.96 -3.35
N THR B 5 39.56 15.99 -2.97
CA THR B 5 40.35 14.76 -2.86
C THR B 5 40.04 13.98 -1.58
N PRO B 6 39.90 12.66 -1.69
CA PRO B 6 39.57 11.86 -0.50
C PRO B 6 40.68 11.85 0.53
N LYS B 7 40.33 12.08 1.79
CA LYS B 7 41.23 11.77 2.88
C LYS B 7 41.15 10.26 3.09
N ILE B 8 42.25 9.67 3.55
CA ILE B 8 42.33 8.22 3.68
C ILE B 8 42.88 7.80 5.04
N GLN B 9 42.17 6.91 5.71
CA GLN B 9 42.68 6.28 6.92
C GLN B 9 42.55 4.76 6.82
N VAL B 10 43.64 4.05 7.04
CA VAL B 10 43.63 2.59 7.12
C VAL B 10 43.93 2.18 8.54
N TYR B 11 43.13 1.26 9.09
CA TYR B 11 43.24 0.94 10.51
C TYR B 11 42.39 -0.26 10.90
N SER B 12 42.67 -0.85 12.05
CA SER B 12 41.91 -1.99 12.54
C SER B 12 40.81 -1.56 13.51
N ARG B 13 39.76 -2.36 13.59
CA ARG B 13 38.64 -2.11 14.49
C ARG B 13 39.09 -2.17 15.94
N HIS B 14 39.86 -3.21 16.26
CA HIS B 14 40.42 -3.41 17.60
C HIS B 14 41.93 -3.26 17.55
N PRO B 15 42.55 -2.89 18.68
CA PRO B 15 44.02 -2.84 18.71
C PRO B 15 44.59 -4.14 18.16
N ALA B 16 45.61 -4.04 17.31
CA ALA B 16 46.15 -5.25 16.66
C ALA B 16 46.85 -6.17 17.66
N GLU B 17 46.45 -7.44 17.65
CA GLU B 17 47.17 -8.47 18.38
C GLU B 17 47.42 -9.65 17.45
N ASN B 18 48.69 -9.96 17.21
CA ASN B 18 49.03 -11.03 16.29
C ASN B 18 48.28 -12.32 16.62
N GLY B 19 47.69 -12.94 15.61
CA GLY B 19 46.98 -14.19 15.78
C GLY B 19 45.53 -14.06 16.20
N LYS B 20 45.07 -12.84 16.45
CA LYS B 20 43.69 -12.64 16.90
C LYS B 20 42.79 -11.97 15.85
N SER B 21 41.54 -12.43 15.78
CA SER B 21 40.56 -11.91 14.82
C SER B 21 40.38 -10.39 14.92
N ASN B 22 40.00 -9.78 13.80
CA ASN B 22 39.88 -8.33 13.72
C ASN B 22 39.27 -7.90 12.39
N PHE B 23 39.05 -6.60 12.24
CA PHE B 23 38.58 -6.06 10.97
C PHE B 23 39.54 -5.00 10.45
N LEU B 24 39.94 -5.14 9.20
CA LEU B 24 40.77 -4.13 8.56
C LEU B 24 39.88 -3.08 7.91
N ASN B 25 40.04 -1.82 8.32
CA ASN B 25 39.23 -0.72 7.82
C ASN B 25 40.00 0.24 6.91
N CYS B 26 39.32 0.74 5.89
CA CYS B 26 39.80 1.89 5.12
C CYS B 26 38.67 2.89 4.99
N TYR B 27 38.84 4.02 5.65
CA TYR B 27 37.83 5.07 5.68
C TYR B 27 38.22 6.19 4.73
N VAL B 28 37.40 6.41 3.70
CA VAL B 28 37.64 7.50 2.76
C VAL B 28 36.58 8.58 2.96
N SER B 29 37.01 9.82 3.11
CA SER B 29 36.09 10.90 3.46
C SER B 29 36.46 12.21 2.78
N GLY B 30 35.50 13.12 2.72
CA GLY B 30 35.74 14.46 2.21
C GLY B 30 35.97 14.54 0.71
N PHE B 31 35.49 13.55 -0.03
CA PHE B 31 35.70 13.56 -1.47
C PHE B 31 34.46 13.98 -2.28
N HIS B 32 34.71 14.41 -3.51
CA HIS B 32 33.67 14.80 -4.44
C HIS B 32 34.31 14.87 -5.81
N PRO B 33 33.65 14.34 -6.85
CA PRO B 33 32.38 13.60 -6.87
C PRO B 33 32.46 12.25 -6.17
N SER B 34 31.36 11.49 -6.23
CA SER B 34 31.22 10.27 -5.43
C SER B 34 31.87 9.03 -6.04
N ASP B 35 32.18 9.07 -7.34
CA ASP B 35 32.86 7.94 -7.97
C ASP B 35 34.24 7.79 -7.36
N ILE B 36 34.56 6.58 -6.92
CA ILE B 36 35.83 6.34 -6.26
C ILE B 36 36.12 4.85 -6.21
N GLU B 37 37.39 4.48 -6.37
CA GLU B 37 37.79 3.09 -6.27
C GLU B 37 38.63 2.88 -5.01
N VAL B 38 38.26 1.88 -4.21
CA VAL B 38 38.97 1.57 -2.98
C VAL B 38 39.25 0.07 -2.87
N ASP B 39 40.52 -0.29 -2.75
CA ASP B 39 40.90 -1.69 -2.57
C ASP B 39 41.69 -1.89 -1.29
N LEU B 40 41.45 -3.02 -0.63
CA LEU B 40 42.25 -3.43 0.51
C LEU B 40 43.30 -4.44 0.04
N LEU B 41 44.55 -4.23 0.44
CA LEU B 41 45.65 -5.04 -0.06
C LEU B 41 46.33 -5.87 1.04
N LYS B 42 46.52 -7.16 0.77
CA LYS B 42 47.28 -8.03 1.65
C LYS B 42 48.54 -8.49 0.91
N ASN B 43 49.68 -7.94 1.29
CA ASN B 43 50.94 -8.25 0.61
C ASN B 43 50.88 -7.91 -0.88
N GLY B 44 50.30 -6.75 -1.18
CA GLY B 44 50.29 -6.22 -2.53
C GLY B 44 49.20 -6.76 -3.45
N GLU B 45 48.36 -7.64 -2.93
CA GLU B 45 47.30 -8.23 -3.75
C GLU B 45 45.90 -7.89 -3.24
N ARG B 46 45.05 -7.43 -4.16
CA ARG B 46 43.68 -7.05 -3.83
C ARG B 46 42.98 -8.14 -3.03
N ILE B 47 42.28 -7.74 -1.97
CA ILE B 47 41.42 -8.65 -1.22
C ILE B 47 40.02 -8.62 -1.83
N GLU B 48 39.45 -9.80 -2.10
CA GLU B 48 38.21 -9.90 -2.87
C GLU B 48 36.93 -9.85 -2.03
N LYS B 49 37.02 -10.23 -0.77
CA LYS B 49 35.86 -10.24 0.12
C LYS B 49 35.81 -8.94 0.92
N VAL B 50 35.64 -7.81 0.23
CA VAL B 50 35.62 -6.51 0.88
C VAL B 50 34.25 -5.84 0.79
N GLU B 51 33.71 -5.43 1.94
CA GLU B 51 32.44 -4.74 1.99
C GLU B 51 32.63 -3.24 2.22
N HIS B 52 31.58 -2.47 1.94
CA HIS B 52 31.60 -1.04 2.23
C HIS B 52 30.25 -0.53 2.70
N SER B 53 30.28 0.59 3.41
CA SER B 53 29.05 1.20 3.91
C SER B 53 28.30 1.83 2.75
N ASP B 54 27.06 2.25 3.04
CA ASP B 54 26.24 2.91 2.05
C ASP B 54 26.67 4.36 1.89
N LEU B 55 26.75 4.82 0.65
CA LEU B 55 27.17 6.19 0.34
C LEU B 55 26.44 7.22 1.21
N SER B 56 27.21 8.05 1.91
CA SER B 56 26.65 9.15 2.68
C SER B 56 27.59 10.35 2.57
N PHE B 57 27.19 11.48 3.15
CA PHE B 57 28.01 12.69 3.05
C PHE B 57 27.91 13.59 4.28
N SER B 58 28.91 14.47 4.42
CA SER B 58 29.00 15.35 5.58
C SER B 58 28.19 16.63 5.36
N LYS B 59 28.17 17.48 6.39
CA LYS B 59 27.46 18.75 6.33
C LYS B 59 27.95 19.60 5.16
N ASP B 60 29.21 19.44 4.78
CA ASP B 60 29.79 20.24 3.70
C ASP B 60 29.57 19.63 2.32
N TRP B 61 28.72 18.60 2.28
CA TRP B 61 28.36 17.91 1.04
C TRP B 61 29.41 16.91 0.52
N SER B 62 30.56 16.80 1.20
CA SER B 62 31.59 15.86 0.75
C SER B 62 31.29 14.44 1.23
N PHE B 63 31.61 13.45 0.40
CA PHE B 63 31.21 12.07 0.64
C PHE B 63 32.15 11.30 1.58
N TYR B 64 31.62 10.26 2.22
CA TYR B 64 32.44 9.31 2.97
C TYR B 64 31.97 7.87 2.82
N LEU B 65 32.93 6.95 2.86
CA LEU B 65 32.66 5.52 2.75
C LEU B 65 33.60 4.77 3.68
N LEU B 66 33.10 3.70 4.30
CA LEU B 66 33.95 2.79 5.05
C LEU B 66 34.05 1.46 4.32
N TYR B 67 35.28 1.10 3.94
CA TYR B 67 35.53 -0.23 3.40
C TYR B 67 36.12 -1.10 4.50
N TYR B 68 35.70 -2.36 4.56
CA TYR B 68 36.13 -3.24 5.64
C TYR B 68 36.14 -4.71 5.24
N THR B 69 36.98 -5.48 5.93
CA THR B 69 37.07 -6.90 5.71
C THR B 69 37.64 -7.57 6.95
N GLU B 70 37.29 -8.83 7.17
CA GLU B 70 37.84 -9.58 8.30
C GLU B 70 39.30 -9.89 8.03
N PHE B 71 40.15 -9.72 9.03
CA PHE B 71 41.53 -10.19 8.93
C PHE B 71 42.08 -10.61 10.29
N THR B 72 43.13 -11.42 10.25
CA THR B 72 43.86 -11.78 11.45
C THR B 72 45.27 -11.23 11.31
N PRO B 73 45.56 -10.12 12.00
CA PRO B 73 46.86 -9.47 11.98
C PRO B 73 47.97 -10.47 12.22
N THR B 74 49.19 -10.10 11.90
CA THR B 74 50.32 -10.99 11.93
C THR B 74 51.59 -10.14 11.94
N GLU B 75 52.69 -10.67 12.46
CA GLU B 75 53.92 -9.89 12.50
C GLU B 75 54.46 -9.61 11.09
N LYS B 76 54.37 -10.60 10.22
CA LYS B 76 54.97 -10.49 8.88
C LYS B 76 54.05 -9.87 7.83
N ASP B 77 52.77 -10.18 7.88
CA ASP B 77 51.82 -9.71 6.86
C ASP B 77 51.67 -8.20 6.83
N GLU B 78 51.74 -7.64 5.63
CA GLU B 78 51.55 -6.21 5.44
C GLU B 78 50.22 -5.92 4.74
N TYR B 79 49.56 -4.85 5.18
CA TYR B 79 48.27 -4.48 4.62
C TYR B 79 48.28 -3.02 4.18
N ALA B 80 47.39 -2.68 3.26
CA ALA B 80 47.36 -1.33 2.71
C ALA B 80 46.03 -1.01 2.06
N CYS B 81 45.79 0.27 1.84
CA CYS B 81 44.58 0.70 1.15
C CYS B 81 44.94 1.46 -0.11
N ARG B 82 44.35 1.04 -1.23
CA ARG B 82 44.61 1.69 -2.51
C ARG B 82 43.37 2.42 -2.98
N VAL B 83 43.52 3.73 -3.18
CA VAL B 83 42.40 4.58 -3.51
C VAL B 83 42.63 5.34 -4.81
N ASN B 84 41.66 5.29 -5.70
CA ASN B 84 41.72 6.08 -6.93
C ASN B 84 40.48 6.96 -7.10
N HIS B 85 40.70 8.20 -7.54
CA HIS B 85 39.67 9.20 -7.63
C HIS B 85 40.14 10.27 -8.62
N VAL B 86 39.21 10.99 -9.24
CA VAL B 86 39.56 11.97 -10.27
C VAL B 86 40.58 13.01 -9.80
N THR B 87 40.57 13.31 -8.51
CA THR B 87 41.53 14.27 -7.94
C THR B 87 42.91 13.69 -7.76
N LEU B 88 43.12 12.46 -8.21
CA LEU B 88 44.41 11.79 -8.03
C LEU B 88 45.05 11.47 -9.37
N SER B 89 46.29 11.93 -9.57
CA SER B 89 47.00 11.68 -10.82
C SER B 89 47.34 10.20 -10.91
N GLN B 90 47.53 9.58 -9.75
CA GLN B 90 47.76 8.15 -9.66
C GLN B 90 47.18 7.65 -8.34
N PRO B 91 46.77 6.37 -8.31
CA PRO B 91 46.20 5.75 -7.11
C PRO B 91 47.07 5.98 -5.88
N LYS B 92 46.46 6.42 -4.79
CA LYS B 92 47.16 6.65 -3.54
C LYS B 92 47.19 5.38 -2.70
N ILE B 93 48.39 4.94 -2.34
CA ILE B 93 48.53 3.76 -1.49
C ILE B 93 48.95 4.15 -0.09
N VAL B 94 48.10 3.84 0.88
CA VAL B 94 48.40 4.07 2.29
C VAL B 94 48.58 2.73 2.98
N LYS B 95 49.74 2.55 3.61
CA LYS B 95 50.06 1.31 4.31
C LYS B 95 49.44 1.30 5.71
N TRP B 96 48.94 0.14 6.12
CA TRP B 96 48.40 -0.02 7.46
C TRP B 96 49.50 -0.06 8.50
N ASP B 97 49.45 0.89 9.42
CA ASP B 97 50.37 0.95 10.54
C ASP B 97 49.54 0.64 11.79
N ARG B 98 49.91 -0.42 12.51
CA ARG B 98 49.09 -0.87 13.64
C ARG B 98 49.09 0.16 14.77
N ASP B 99 49.93 1.17 14.66
CA ASP B 99 50.05 2.20 15.68
C ASP B 99 49.37 3.51 15.26
N MET B 100 48.58 3.45 14.18
CA MET B 100 47.88 4.63 13.67
C MET B 100 46.44 4.31 13.25
N LYS C 1 11.16 8.49 9.84
CA LYS C 1 10.23 8.38 8.72
C LYS C 1 10.46 9.43 7.65
N LEU C 2 10.44 9.01 6.40
CA LEU C 2 10.56 9.89 5.25
C LEU C 2 9.45 10.92 5.20
N TYR C 3 9.78 12.09 4.64
CA TYR C 3 8.80 13.11 4.31
C TYR C 3 7.85 12.60 3.24
N GLN C 4 6.58 12.99 3.32
CA GLN C 4 5.59 12.64 2.30
C GLN C 4 5.35 13.83 1.38
N ASN C 5 5.96 13.82 0.19
CA ASN C 5 5.92 14.96 -0.72
C ASN C 5 4.94 14.82 -1.89
N PRO C 6 4.39 15.96 -2.35
CA PRO C 6 3.35 16.13 -3.37
C PRO C 6 3.56 15.51 -4.77
N THR C 7 4.74 15.61 -5.38
CA THR C 7 5.96 16.16 -4.78
C THR C 7 6.32 17.56 -5.28
N THR C 8 7.54 17.96 -4.99
CA THR C 8 8.03 19.30 -5.33
C THR C 8 9.31 19.25 -6.18
N TYR C 9 9.36 20.07 -7.23
CA TYR C 9 10.50 20.05 -8.15
C TYR C 9 11.40 21.27 -8.06
N ILE C 10 12.70 21.04 -8.29
CA ILE C 10 13.69 22.12 -8.35
C ILE C 10 13.31 23.17 -9.40
N GLY D 1 -1.65 -10.17 -20.97
CA GLY D 1 -3.07 -10.45 -21.03
C GLY D 1 -3.89 -9.26 -21.48
N SER D 2 -5.21 -9.35 -21.30
CA SER D 2 -6.11 -8.28 -21.71
C SER D 2 -6.20 -7.18 -20.64
N HIS D 3 -6.73 -6.04 -21.03
CA HIS D 3 -6.84 -4.91 -20.12
C HIS D 3 -8.14 -4.17 -20.37
N SER D 4 -8.56 -3.37 -19.40
CA SER D 4 -9.80 -2.63 -19.52
C SER D 4 -9.66 -1.22 -18.98
N MET D 5 -10.54 -0.34 -19.42
CA MET D 5 -10.67 0.97 -18.81
C MET D 5 -12.15 1.25 -18.62
N ARG D 6 -12.50 1.71 -17.43
CA ARG D 6 -13.88 1.99 -17.10
C ARG D 6 -14.01 3.32 -16.41
N TYR D 7 -15.04 4.07 -16.76
CA TYR D 7 -15.46 5.19 -15.93
C TYR D 7 -16.81 4.83 -15.33
N PHE D 8 -16.97 5.10 -14.05
CA PHE D 8 -18.24 4.84 -13.35
C PHE D 8 -18.84 6.15 -12.86
N PHE D 9 -20.11 6.36 -13.13
CA PHE D 9 -20.78 7.61 -12.76
C PHE D 9 -22.03 7.38 -11.92
N THR D 10 -22.09 8.03 -10.75
CA THR D 10 -23.27 7.94 -9.90
C THR D 10 -23.91 9.29 -9.64
N SER D 11 -25.19 9.42 -9.99
CA SER D 11 -25.95 10.64 -9.73
C SER D 11 -27.11 10.33 -8.78
N VAL D 12 -27.15 11.04 -7.65
CA VAL D 12 -28.19 10.82 -6.65
C VAL D 12 -28.93 12.11 -6.30
N SER D 13 -30.22 12.15 -6.60
CA SER D 13 -31.01 13.36 -6.31
C SER D 13 -31.23 13.54 -4.81
N ARG D 14 -31.17 14.79 -4.36
CA ARG D 14 -31.36 15.13 -2.95
C ARG D 14 -32.50 16.13 -2.79
N PRO D 15 -33.74 15.68 -2.98
CA PRO D 15 -34.91 16.56 -2.92
C PRO D 15 -34.92 17.40 -1.65
N GLY D 16 -35.08 18.71 -1.81
CA GLY D 16 -35.13 19.62 -0.68
C GLY D 16 -33.80 19.83 -0.01
N ARG D 17 -32.74 19.21 -0.53
CA ARG D 17 -31.41 19.38 0.05
C ARG D 17 -30.40 19.91 -0.98
N GLY D 18 -30.90 20.51 -2.05
CA GLY D 18 -30.04 21.16 -3.02
C GLY D 18 -29.67 20.32 -4.23
N GLU D 19 -28.54 20.66 -4.84
CA GLU D 19 -28.05 19.98 -6.04
C GLU D 19 -27.87 18.48 -5.81
N PRO D 20 -28.12 17.68 -6.86
CA PRO D 20 -27.89 16.23 -6.78
C PRO D 20 -26.41 15.91 -6.59
N ARG D 21 -26.14 14.84 -5.83
CA ARG D 21 -24.78 14.34 -5.66
C ARG D 21 -24.32 13.70 -6.97
N PHE D 22 -23.06 13.95 -7.35
CA PHE D 22 -22.49 13.34 -8.54
C PHE D 22 -21.07 12.89 -8.24
N ILE D 23 -20.80 11.59 -8.43
CA ILE D 23 -19.46 11.06 -8.24
C ILE D 23 -19.00 10.39 -9.52
N ALA D 24 -17.74 10.62 -9.89
CA ALA D 24 -17.16 9.98 -11.05
C ALA D 24 -15.84 9.33 -10.67
N VAL D 25 -15.64 8.10 -11.12
CA VAL D 25 -14.37 7.42 -10.90
C VAL D 25 -13.90 6.71 -12.17
N GLY D 26 -12.58 6.66 -12.35
CA GLY D 26 -12.01 5.98 -13.50
C GLY D 26 -11.05 4.90 -13.07
N TYR D 27 -11.06 3.77 -13.76
CA TYR D 27 -10.19 2.65 -13.44
C TYR D 27 -9.41 2.19 -14.66
N VAL D 28 -8.21 1.67 -14.42
CA VAL D 28 -7.53 0.85 -15.40
C VAL D 28 -7.38 -0.51 -14.78
N ASP D 29 -8.00 -1.52 -15.39
CA ASP D 29 -8.09 -2.83 -14.77
C ASP D 29 -8.58 -2.62 -13.35
N ASP D 30 -7.84 -3.12 -12.36
CA ASP D 30 -8.33 -3.04 -10.98
C ASP D 30 -7.72 -1.87 -10.21
N THR D 31 -7.26 -0.86 -10.92
CA THR D 31 -6.63 0.30 -10.30
C THR D 31 -7.37 1.58 -10.65
N GLN D 32 -7.93 2.26 -9.64
CA GLN D 32 -8.57 3.54 -9.84
C GLN D 32 -7.47 4.59 -10.10
N PHE D 33 -7.75 5.57 -10.95
CA PHE D 33 -6.74 6.59 -11.25
C PHE D 33 -7.27 8.03 -11.23
N VAL D 34 -8.57 8.19 -11.37
CA VAL D 34 -9.18 9.52 -11.26
C VAL D 34 -10.49 9.49 -10.48
N ARG D 35 -10.89 10.66 -9.99
CA ARG D 35 -12.16 10.82 -9.29
C ARG D 35 -12.63 12.25 -9.42
N PHE D 36 -13.95 12.44 -9.33
CA PHE D 36 -14.55 13.76 -9.19
C PHE D 36 -15.74 13.64 -8.25
N ASP D 37 -15.83 14.56 -7.31
CA ASP D 37 -16.92 14.57 -6.35
C ASP D 37 -17.54 15.96 -6.32
N SER D 38 -18.83 16.03 -6.62
CA SER D 38 -19.54 17.31 -6.70
C SER D 38 -19.57 18.03 -5.34
N ASP D 39 -19.39 17.27 -4.27
CA ASP D 39 -19.46 17.83 -2.92
C ASP D 39 -18.11 18.31 -2.39
N ALA D 40 -17.03 17.94 -3.09
CA ALA D 40 -15.68 18.34 -2.67
C ALA D 40 -15.39 19.79 -3.05
N ALA D 41 -14.36 20.35 -2.43
CA ALA D 41 -14.04 21.77 -2.60
C ALA D 41 -13.43 22.11 -3.95
N SER D 42 -12.49 21.29 -4.39
CA SER D 42 -11.70 21.54 -5.61
C SER D 42 -12.56 21.79 -6.85
N GLN D 43 -13.62 20.99 -6.99
CA GLN D 43 -14.44 21.02 -8.19
C GLN D 43 -13.58 20.68 -9.40
N ARG D 44 -12.63 19.77 -9.21
CA ARG D 44 -11.76 19.34 -10.29
C ARG D 44 -11.66 17.83 -10.36
N MET D 45 -11.36 17.32 -11.55
CA MET D 45 -10.98 15.92 -11.69
C MET D 45 -9.66 15.76 -10.94
N GLU D 46 -9.53 14.71 -10.13
CA GLU D 46 -8.35 14.54 -9.30
C GLU D 46 -7.63 13.20 -9.51
N PRO D 47 -6.30 13.20 -9.41
CA PRO D 47 -5.52 11.96 -9.55
C PRO D 47 -5.69 11.05 -8.33
N ARG D 48 -5.73 9.74 -8.57
CA ARG D 48 -5.82 8.77 -7.49
C ARG D 48 -4.79 7.67 -7.69
N ALA D 49 -3.92 7.88 -8.67
CA ALA D 49 -2.77 7.01 -8.88
C ALA D 49 -1.54 7.86 -9.16
N PRO D 50 -0.37 7.42 -8.69
CA PRO D 50 0.87 8.21 -8.83
C PRO D 50 1.27 8.45 -10.29
N TRP D 51 1.00 7.49 -11.17
CA TRP D 51 1.46 7.59 -12.55
C TRP D 51 0.63 8.55 -13.41
N ILE D 52 -0.42 9.12 -12.84
CA ILE D 52 -1.25 10.09 -13.56
C ILE D 52 -1.11 11.50 -12.98
N GLU D 53 -0.47 11.59 -11.82
CA GLU D 53 -0.33 12.86 -11.10
C GLU D 53 0.40 13.93 -11.90
N GLN D 54 1.31 13.50 -12.78
CA GLN D 54 2.17 14.45 -13.48
C GLN D 54 1.76 14.69 -14.93
N GLU D 55 0.55 14.26 -15.29
CA GLU D 55 -0.02 14.58 -16.58
C GLU D 55 -0.21 16.10 -16.60
N GLY D 56 -0.13 16.69 -17.78
CA GLY D 56 -0.18 18.15 -17.90
C GLY D 56 -1.40 18.82 -17.31
N PRO D 57 -1.33 20.15 -17.11
CA PRO D 57 -2.50 20.97 -16.78
C PRO D 57 -3.52 20.93 -17.91
N GLU D 58 -3.06 20.73 -19.14
CA GLU D 58 -3.99 20.59 -20.26
C GLU D 58 -4.89 19.36 -20.06
N TYR D 59 -4.28 18.25 -19.65
CA TYR D 59 -5.03 17.03 -19.39
C TYR D 59 -6.08 17.23 -18.29
N TRP D 60 -5.64 17.79 -17.17
CA TRP D 60 -6.53 17.97 -16.03
C TRP D 60 -7.64 18.98 -16.29
N ASP D 61 -7.33 20.06 -16.97
CA ASP D 61 -8.35 21.04 -17.35
C ASP D 61 -9.37 20.37 -18.28
N GLY D 62 -8.86 19.58 -19.21
CA GLY D 62 -9.73 18.88 -20.14
C GLY D 62 -10.67 17.93 -19.41
N GLU D 63 -10.09 17.07 -18.57
CA GLU D 63 -10.89 16.09 -17.83
C GLU D 63 -11.89 16.78 -16.91
N THR D 64 -11.47 17.88 -16.30
CA THR D 64 -12.35 18.64 -15.41
C THR D 64 -13.52 19.19 -16.20
N ARG D 65 -13.21 19.83 -17.33
CA ARG D 65 -14.23 20.38 -18.23
C ARG D 65 -15.27 19.31 -18.61
N LYS D 66 -14.81 18.19 -19.15
CA LYS D 66 -15.74 17.14 -19.57
C LYS D 66 -16.57 16.55 -18.44
N VAL D 67 -15.93 16.30 -17.29
CA VAL D 67 -16.61 15.68 -16.15
C VAL D 67 -17.71 16.59 -15.58
N LYS D 68 -17.51 17.89 -15.71
CA LYS D 68 -18.52 18.86 -15.27
C LYS D 68 -19.73 18.83 -16.18
N ALA D 69 -19.47 18.67 -17.48
CA ALA D 69 -20.54 18.54 -18.47
C ALA D 69 -21.30 17.25 -18.21
N HIS D 70 -20.57 16.18 -17.90
CA HIS D 70 -21.18 14.91 -17.52
C HIS D 70 -22.14 15.14 -16.36
N SER D 71 -21.63 15.81 -15.32
CA SER D 71 -22.42 16.11 -14.12
C SER D 71 -23.75 16.76 -14.47
N GLN D 72 -23.70 17.81 -15.29
CA GLN D 72 -24.88 18.60 -15.61
C GLN D 72 -25.91 17.81 -16.43
N THR D 73 -25.43 17.05 -17.41
CA THR D 73 -26.29 16.18 -18.18
C THR D 73 -27.06 15.24 -17.24
N HIS D 74 -26.38 14.70 -16.25
CA HIS D 74 -26.99 13.80 -15.28
C HIS D 74 -28.05 14.52 -14.45
N ARG D 75 -27.75 15.76 -14.09
CA ARG D 75 -28.66 16.60 -13.32
C ARG D 75 -30.00 16.74 -14.05
N VAL D 76 -29.93 16.85 -15.37
CA VAL D 76 -31.14 16.92 -16.19
C VAL D 76 -31.81 15.56 -16.28
N ASP D 77 -31.01 14.52 -16.51
CA ASP D 77 -31.52 13.16 -16.64
C ASP D 77 -32.38 12.74 -15.46
N LEU D 78 -31.98 13.14 -14.25
CA LEU D 78 -32.74 12.79 -13.06
C LEU D 78 -34.16 13.34 -13.16
N GLY D 79 -34.27 14.59 -13.58
CA GLY D 79 -35.55 15.22 -13.79
C GLY D 79 -36.37 14.50 -14.85
N THR D 80 -35.74 14.23 -15.99
CA THR D 80 -36.40 13.58 -17.10
C THR D 80 -36.95 12.19 -16.72
N LEU D 81 -36.11 11.40 -16.06
CA LEU D 81 -36.50 10.06 -15.62
C LEU D 81 -37.62 10.10 -14.60
N ARG D 82 -37.58 11.09 -13.72
CA ARG D 82 -38.61 11.28 -12.72
C ARG D 82 -39.95 11.50 -13.43
N GLY D 83 -39.91 12.14 -14.59
CA GLY D 83 -41.10 12.35 -15.40
C GLY D 83 -41.56 11.09 -16.09
N TYR D 84 -40.64 10.37 -16.71
CA TYR D 84 -40.97 9.15 -17.43
C TYR D 84 -41.78 8.18 -16.56
N TYR D 85 -41.42 8.10 -15.29
CA TYR D 85 -42.03 7.11 -14.40
C TYR D 85 -43.12 7.70 -13.50
N ASN D 86 -43.50 8.95 -13.77
CA ASN D 86 -44.53 9.62 -12.99
C ASN D 86 -44.28 9.49 -11.49
N GLN D 87 -43.04 9.78 -11.08
CA GLN D 87 -42.65 9.66 -9.69
C GLN D 87 -42.75 10.97 -8.93
N SER D 88 -42.84 10.87 -7.61
CA SER D 88 -42.91 12.05 -6.76
C SER D 88 -41.62 12.86 -6.88
N GLU D 89 -41.68 14.13 -6.48
CA GLU D 89 -40.51 15.00 -6.57
C GLU D 89 -39.76 15.06 -5.23
N ALA D 90 -40.33 14.42 -4.21
CA ALA D 90 -39.74 14.44 -2.88
C ALA D 90 -38.82 13.24 -2.66
N GLY D 91 -38.89 12.28 -3.59
CA GLY D 91 -38.15 11.05 -3.46
C GLY D 91 -36.75 11.10 -4.05
N SER D 92 -35.81 10.49 -3.34
CA SER D 92 -34.43 10.40 -3.81
C SER D 92 -34.28 9.25 -4.81
N HIS D 93 -33.61 9.50 -5.91
CA HIS D 93 -33.38 8.47 -6.93
C HIS D 93 -31.93 8.42 -7.39
N THR D 94 -31.57 7.35 -8.09
CA THR D 94 -30.20 7.13 -8.52
C THR D 94 -30.08 6.86 -10.01
N VAL D 95 -29.17 7.56 -10.66
CA VAL D 95 -28.81 7.25 -12.04
C VAL D 95 -27.36 6.82 -12.08
N GLN D 96 -27.10 5.68 -12.72
CA GLN D 96 -25.72 5.24 -12.89
C GLN D 96 -25.40 5.04 -14.35
N ARG D 97 -24.15 5.33 -14.70
CA ARG D 97 -23.67 5.19 -16.06
C ARG D 97 -22.28 4.58 -16.00
N MET D 98 -22.02 3.65 -16.90
CA MET D 98 -20.70 3.08 -17.00
C MET D 98 -20.32 3.01 -18.47
N TYR D 99 -19.09 3.40 -18.79
CA TYR D 99 -18.56 3.16 -20.12
C TYR D 99 -17.06 2.91 -20.11
N GLY D 100 -16.56 2.35 -21.20
CA GLY D 100 -15.17 2.00 -21.30
C GLY D 100 -14.93 0.89 -22.30
N CYS D 101 -13.71 0.34 -22.29
CA CYS D 101 -13.25 -0.56 -23.34
C CYS D 101 -12.29 -1.63 -22.82
N ASP D 102 -12.29 -2.78 -23.48
CA ASP D 102 -11.29 -3.83 -23.25
C ASP D 102 -10.38 -3.95 -24.47
N VAL D 103 -9.10 -4.19 -24.25
CA VAL D 103 -8.18 -4.51 -25.33
C VAL D 103 -7.58 -5.90 -25.11
N GLY D 104 -7.20 -6.55 -26.20
CA GLY D 104 -6.60 -7.87 -26.13
C GLY D 104 -5.17 -7.85 -25.61
N SER D 105 -4.56 -9.03 -25.57
CA SER D 105 -3.22 -9.21 -25.00
C SER D 105 -2.16 -8.41 -25.74
N ASP D 106 -2.48 -7.99 -26.95
CA ASP D 106 -1.60 -7.16 -27.77
C ASP D 106 -2.10 -5.70 -27.84
N TRP D 107 -3.16 -5.42 -27.08
CA TRP D 107 -3.63 -4.06 -26.84
C TRP D 107 -4.48 -3.47 -27.93
N ARG D 108 -5.03 -4.32 -28.79
CA ARG D 108 -6.01 -3.84 -29.77
C ARG D 108 -7.46 -3.96 -29.29
N PHE D 109 -8.33 -3.09 -29.82
CA PHE D 109 -9.72 -3.05 -29.37
C PHE D 109 -10.40 -4.43 -29.33
N LEU D 110 -11.05 -4.73 -28.21
CA LEU D 110 -11.71 -6.02 -28.02
C LEU D 110 -13.22 -5.83 -27.84
N ARG D 111 -13.61 -5.08 -26.82
CA ARG D 111 -15.01 -4.83 -26.52
C ARG D 111 -15.21 -3.38 -26.09
N GLY D 112 -16.44 -2.90 -26.23
CA GLY D 112 -16.80 -1.56 -25.79
C GLY D 112 -18.09 -1.60 -25.01
N TYR D 113 -18.20 -0.74 -24.00
CA TYR D 113 -19.40 -0.70 -23.18
C TYR D 113 -19.90 0.72 -22.92
N HIS D 114 -21.22 0.85 -22.83
CA HIS D 114 -21.89 2.10 -22.47
C HIS D 114 -23.33 1.81 -22.09
N GLN D 115 -23.63 1.97 -20.80
CA GLN D 115 -24.94 1.58 -20.30
C GLN D 115 -25.34 2.38 -19.06
N TYR D 116 -26.64 2.46 -18.85
CA TYR D 116 -27.22 3.22 -17.76
C TYR D 116 -28.07 2.32 -16.88
N ALA D 117 -28.29 2.74 -15.64
CA ALA D 117 -29.25 2.09 -14.76
C ALA D 117 -30.03 3.17 -14.02
N TYR D 118 -31.27 2.86 -13.67
CA TYR D 118 -32.07 3.80 -12.89
C TYR D 118 -32.61 3.09 -11.66
N ASP D 119 -32.30 3.65 -10.50
CA ASP D 119 -32.66 3.02 -9.22
C ASP D 119 -32.26 1.54 -9.19
N GLY D 120 -31.05 1.27 -9.67
CA GLY D 120 -30.44 -0.04 -9.50
C GLY D 120 -30.73 -1.07 -10.58
N LYS D 121 -31.59 -0.74 -11.52
CA LYS D 121 -31.85 -1.69 -12.61
C LYS D 121 -31.52 -1.16 -13.99
N ASP D 122 -31.12 -2.07 -14.87
CA ASP D 122 -30.83 -1.77 -16.25
C ASP D 122 -31.89 -0.84 -16.84
N TYR D 123 -31.42 0.24 -17.47
CA TYR D 123 -32.32 1.14 -18.16
C TYR D 123 -32.09 1.03 -19.67
N ILE D 124 -30.96 1.54 -20.14
CA ILE D 124 -30.58 1.39 -21.53
C ILE D 124 -29.13 0.96 -21.63
N ALA D 125 -28.81 0.16 -22.63
CA ALA D 125 -27.44 -0.30 -22.81
C ALA D 125 -27.07 -0.41 -24.28
N LEU D 126 -25.88 0.09 -24.61
CA LEU D 126 -25.34 -0.10 -25.95
C LEU D 126 -24.95 -1.57 -26.11
N LYS D 127 -25.45 -2.20 -27.16
CA LYS D 127 -25.11 -3.59 -27.45
C LYS D 127 -23.68 -3.70 -27.94
N GLU D 128 -23.19 -4.94 -27.99
CA GLU D 128 -21.81 -5.23 -28.34
C GLU D 128 -21.43 -4.75 -29.76
N ASP D 129 -22.39 -4.77 -30.67
CA ASP D 129 -22.11 -4.33 -32.04
C ASP D 129 -21.86 -2.83 -32.08
N LEU D 130 -22.09 -2.16 -30.95
CA LEU D 130 -21.88 -0.73 -30.82
C LEU D 130 -22.66 0.03 -31.88
N ARG D 131 -23.87 -0.46 -32.19
CA ARG D 131 -24.71 0.17 -33.20
C ARG D 131 -26.19 0.11 -32.81
N SER D 132 -26.52 -0.74 -31.84
CA SER D 132 -27.91 -0.90 -31.41
C SER D 132 -28.05 -0.74 -29.90
N TRP D 133 -29.29 -0.70 -29.42
CA TRP D 133 -29.57 -0.48 -28.02
C TRP D 133 -30.50 -1.55 -27.42
N THR D 134 -30.24 -1.93 -26.17
CA THR D 134 -31.14 -2.78 -25.40
C THR D 134 -31.94 -1.91 -24.46
N ALA D 135 -33.27 -1.86 -24.65
CA ALA D 135 -34.12 -1.05 -23.81
C ALA D 135 -34.93 -1.90 -22.85
N ALA D 136 -34.84 -1.60 -21.55
CA ALA D 136 -35.53 -2.40 -20.54
C ALA D 136 -37.04 -2.36 -20.66
N ASP D 137 -37.59 -1.15 -20.73
CA ASP D 137 -39.04 -0.96 -20.69
C ASP D 137 -39.53 0.09 -21.68
N MET D 138 -40.77 0.55 -21.49
CA MET D 138 -41.35 1.56 -22.36
C MET D 138 -40.64 2.90 -22.21
N ALA D 139 -40.21 3.20 -20.99
CA ALA D 139 -39.50 4.44 -20.73
C ALA D 139 -38.18 4.45 -21.48
N ALA D 140 -37.45 3.36 -21.39
CA ALA D 140 -36.14 3.25 -22.00
C ALA D 140 -36.22 3.22 -23.52
N GLN D 141 -37.34 2.74 -24.05
CA GLN D 141 -37.52 2.69 -25.49
C GLN D 141 -37.71 4.10 -26.06
N THR D 142 -38.24 4.99 -25.22
CA THR D 142 -38.36 6.41 -25.57
C THR D 142 -36.98 7.06 -25.71
N THR D 143 -36.10 6.80 -24.75
CA THR D 143 -34.72 7.27 -24.85
C THR D 143 -34.04 6.61 -26.03
N LYS D 144 -34.37 5.34 -26.26
CA LYS D 144 -33.81 4.56 -27.34
C LYS D 144 -34.05 5.21 -28.71
N HIS D 145 -35.30 5.60 -28.97
CA HIS D 145 -35.64 6.25 -30.24
C HIS D 145 -34.91 7.59 -30.34
N LYS D 146 -34.93 8.32 -29.23
CA LYS D 146 -34.24 9.60 -29.10
C LYS D 146 -32.78 9.48 -29.56
N TRP D 147 -32.09 8.45 -29.08
CA TRP D 147 -30.67 8.29 -29.33
C TRP D 147 -30.36 7.70 -30.71
N GLU D 148 -31.28 6.91 -31.25
CA GLU D 148 -31.13 6.38 -32.60
C GLU D 148 -31.21 7.51 -33.61
N ALA D 149 -32.18 8.39 -33.42
CA ALA D 149 -32.40 9.52 -34.32
C ALA D 149 -31.21 10.50 -34.36
N ALA D 150 -30.51 10.62 -33.24
CA ALA D 150 -29.38 11.55 -33.16
C ALA D 150 -28.04 10.85 -33.37
N HIS D 151 -28.10 9.58 -33.79
CA HIS D 151 -26.90 8.79 -34.05
C HIS D 151 -25.92 8.81 -32.89
N VAL D 152 -26.44 8.60 -31.69
CA VAL D 152 -25.61 8.58 -30.49
C VAL D 152 -24.61 7.43 -30.51
N ALA D 153 -25.04 6.27 -31.01
CA ALA D 153 -24.17 5.10 -31.09
C ALA D 153 -22.93 5.31 -31.95
N GLU D 154 -23.09 5.97 -33.09
CA GLU D 154 -21.97 6.24 -33.99
C GLU D 154 -20.84 6.98 -33.27
N GLN D 155 -21.21 8.02 -32.55
CA GLN D 155 -20.24 8.84 -31.82
C GLN D 155 -19.57 8.05 -30.69
N LEU D 156 -20.37 7.31 -29.93
CA LEU D 156 -19.83 6.50 -28.85
C LEU D 156 -18.88 5.44 -29.40
N ARG D 157 -19.26 4.86 -30.54
CA ARG D 157 -18.43 3.85 -31.19
C ARG D 157 -17.05 4.42 -31.52
N ALA D 158 -17.04 5.62 -32.09
CA ALA D 158 -15.79 6.27 -32.48
C ALA D 158 -14.89 6.45 -31.27
N TYR D 159 -15.46 6.88 -30.15
CA TYR D 159 -14.72 7.04 -28.90
C TYR D 159 -14.20 5.70 -28.35
N LEU D 160 -15.08 4.71 -28.28
CA LEU D 160 -14.73 3.42 -27.71
C LEU D 160 -13.65 2.67 -28.50
N GLU D 161 -13.61 2.91 -29.80
CA GLU D 161 -12.65 2.24 -30.67
C GLU D 161 -11.43 3.10 -30.92
N GLY D 162 -11.54 4.39 -30.64
CA GLY D 162 -10.45 5.32 -30.85
C GLY D 162 -9.79 5.75 -29.55
N THR D 163 -10.16 6.93 -29.08
CA THR D 163 -9.53 7.52 -27.90
C THR D 163 -9.56 6.62 -26.65
N CYS D 164 -10.67 5.92 -26.42
CA CYS D 164 -10.75 5.02 -25.26
C CYS D 164 -9.61 4.01 -25.29
N VAL D 165 -9.42 3.36 -26.43
CA VAL D 165 -8.33 2.42 -26.62
C VAL D 165 -6.98 3.15 -26.58
N GLU D 166 -6.91 4.23 -27.35
CA GLU D 166 -5.70 5.03 -27.44
C GLU D 166 -5.12 5.32 -26.06
N TRP D 167 -5.97 5.86 -25.20
CA TRP D 167 -5.54 6.32 -23.88
C TRP D 167 -5.36 5.21 -22.84
N LEU D 168 -6.16 4.15 -22.94
CA LEU D 168 -5.90 2.97 -22.13
C LEU D 168 -4.45 2.56 -22.38
N ARG D 169 -4.09 2.50 -23.66
CA ARG D 169 -2.71 2.19 -24.06
C ARG D 169 -1.72 3.13 -23.37
N ARG D 170 -1.95 4.44 -23.48
CA ARG D 170 -1.04 5.41 -22.89
C ARG D 170 -0.89 5.23 -21.38
N TYR D 171 -2.00 4.98 -20.69
CA TYR D 171 -1.96 4.79 -19.24
C TYR D 171 -1.15 3.55 -18.88
N LEU D 172 -1.37 2.47 -19.63
CA LEU D 172 -0.64 1.22 -19.43
C LEU D 172 0.87 1.44 -19.53
N GLU D 173 1.28 2.30 -20.45
CA GLU D 173 2.68 2.62 -20.64
C GLU D 173 3.21 3.51 -19.51
N ASN D 174 2.52 4.61 -19.25
CA ASN D 174 2.95 5.57 -18.24
C ASN D 174 2.92 4.99 -16.83
N GLY D 175 1.98 4.08 -16.57
CA GLY D 175 1.87 3.47 -15.27
C GLY D 175 2.33 2.02 -15.28
N LYS D 176 3.22 1.69 -16.20
CA LYS D 176 3.65 0.30 -16.41
C LYS D 176 4.13 -0.37 -15.12
N GLU D 177 4.82 0.38 -14.27
CA GLU D 177 5.31 -0.17 -13.01
C GLU D 177 4.15 -0.67 -12.16
N THR D 178 3.03 0.03 -12.26
CA THR D 178 1.83 -0.30 -11.49
C THR D 178 0.88 -1.23 -12.26
N LEU D 179 0.52 -0.83 -13.46
CA LEU D 179 -0.51 -1.53 -14.23
C LEU D 179 -0.02 -2.78 -14.97
N GLN D 180 1.28 -2.90 -15.17
CA GLN D 180 1.80 -4.08 -15.88
C GLN D 180 2.55 -5.05 -14.96
N ARG D 181 2.32 -4.92 -13.65
CA ARG D 181 2.95 -5.80 -12.68
C ARG D 181 2.06 -6.99 -12.37
N THR D 182 2.67 -8.10 -11.99
CA THR D 182 1.91 -9.21 -11.43
C THR D 182 2.41 -9.46 -10.01
N ASP D 183 1.53 -9.25 -9.04
CA ASP D 183 1.82 -9.58 -7.65
C ASP D 183 1.19 -10.93 -7.30
N ALA D 184 2.01 -11.97 -7.30
CA ALA D 184 1.56 -13.32 -6.95
C ALA D 184 1.07 -13.34 -5.51
N PRO D 185 -0.02 -14.08 -5.25
CA PRO D 185 -0.56 -14.15 -3.89
C PRO D 185 0.45 -14.73 -2.91
N LYS D 186 0.51 -14.15 -1.72
CA LYS D 186 1.23 -14.76 -0.61
C LYS D 186 0.24 -15.65 0.11
N THR D 187 0.58 -16.93 0.25
CA THR D 187 -0.37 -17.90 0.79
C THR D 187 0.06 -18.46 2.14
N HIS D 188 -0.92 -18.73 2.97
CA HIS D 188 -0.70 -19.51 4.17
C HIS D 188 -2.02 -20.11 4.61
N MET D 189 -1.95 -21.00 5.59
CA MET D 189 -3.11 -21.71 6.08
C MET D 189 -3.19 -21.54 7.59
N THR D 190 -4.40 -21.42 8.12
CA THR D 190 -4.61 -21.38 9.57
C THR D 190 -5.47 -22.57 10.00
N HIS D 191 -5.27 -23.02 11.24
CA HIS D 191 -6.04 -24.14 11.79
C HIS D 191 -6.61 -23.75 13.15
N HIS D 192 -7.93 -23.70 13.27
CA HIS D 192 -8.57 -23.35 14.54
C HIS D 192 -9.66 -24.34 14.93
N ALA D 193 -9.52 -24.92 16.12
CA ALA D 193 -10.46 -25.91 16.61
C ALA D 193 -11.80 -25.28 16.96
N VAL D 194 -12.86 -25.78 16.32
CA VAL D 194 -14.22 -25.38 16.66
C VAL D 194 -14.52 -25.88 18.06
N SER D 195 -14.66 -27.19 18.19
CA SER D 195 -14.80 -27.84 19.48
C SER D 195 -13.72 -28.94 19.47
N ASP D 196 -13.94 -29.98 20.27
CA ASP D 196 -12.99 -31.10 20.30
C ASP D 196 -13.09 -32.13 19.19
N HIS D 197 -14.07 -31.98 18.31
CA HIS D 197 -14.26 -32.95 17.23
C HIS D 197 -14.36 -32.28 15.86
N GLU D 198 -13.96 -31.02 15.78
CA GLU D 198 -13.95 -30.29 14.51
C GLU D 198 -12.96 -29.15 14.50
N ALA D 199 -12.51 -28.76 13.33
CA ALA D 199 -11.58 -27.65 13.18
C ALA D 199 -11.80 -26.90 11.88
N THR D 200 -11.51 -25.61 11.90
CA THR D 200 -11.59 -24.79 10.69
C THR D 200 -10.24 -24.74 10.01
N LEU D 201 -10.22 -25.10 8.72
CA LEU D 201 -9.02 -24.95 7.91
C LEU D 201 -9.23 -23.76 6.98
N ARG D 202 -8.44 -22.70 7.15
CA ARG D 202 -8.58 -21.51 6.31
C ARG D 202 -7.37 -21.29 5.40
N CYS D 203 -7.63 -21.21 4.09
CA CYS D 203 -6.58 -20.97 3.11
C CYS D 203 -6.58 -19.50 2.70
N TRP D 204 -5.44 -18.84 2.89
CA TRP D 204 -5.31 -17.40 2.65
C TRP D 204 -4.54 -17.06 1.38
N ALA D 205 -5.05 -16.07 0.64
CA ALA D 205 -4.30 -15.46 -0.44
C ALA D 205 -4.14 -13.97 -0.14
N LEU D 206 -2.90 -13.49 -0.04
CA LEU D 206 -2.69 -12.09 0.35
C LEU D 206 -1.81 -11.28 -0.61
N SER D 207 -2.08 -9.98 -0.67
CA SER D 207 -1.21 -9.03 -1.35
C SER D 207 -1.00 -9.36 -2.82
N PHE D 208 -2.06 -9.76 -3.51
CA PHE D 208 -1.97 -10.11 -4.92
C PHE D 208 -2.62 -9.08 -5.85
N TYR D 209 -2.19 -9.08 -7.11
CA TYR D 209 -2.73 -8.21 -8.15
C TYR D 209 -2.48 -8.88 -9.50
N PRO D 210 -3.47 -8.87 -10.40
CA PRO D 210 -4.80 -8.26 -10.29
C PRO D 210 -5.73 -9.05 -9.38
N ALA D 211 -6.97 -8.55 -9.26
CA ALA D 211 -7.96 -9.11 -8.36
C ALA D 211 -8.38 -10.54 -8.73
N GLU D 212 -8.35 -10.85 -10.03
CA GLU D 212 -8.77 -12.18 -10.48
C GLU D 212 -7.97 -13.28 -9.80
N ILE D 213 -8.68 -14.21 -9.17
CA ILE D 213 -8.02 -15.33 -8.49
C ILE D 213 -8.97 -16.52 -8.30
N THR D 214 -8.40 -17.72 -8.23
CA THR D 214 -9.19 -18.90 -7.92
C THR D 214 -8.64 -19.62 -6.69
N LEU D 215 -9.48 -19.70 -5.67
CA LEU D 215 -9.11 -20.27 -4.38
C LEU D 215 -10.13 -21.37 -4.03
N THR D 216 -9.67 -22.61 -3.95
CA THR D 216 -10.59 -23.74 -3.83
C THR D 216 -10.09 -24.87 -2.93
N TRP D 217 -11.01 -25.59 -2.29
CA TRP D 217 -10.68 -26.75 -1.45
C TRP D 217 -11.13 -28.06 -2.09
N GLN D 218 -10.31 -29.10 -1.93
CA GLN D 218 -10.66 -30.44 -2.35
C GLN D 218 -10.46 -31.44 -1.20
N ARG D 219 -11.29 -32.47 -1.16
CA ARG D 219 -11.14 -33.56 -0.19
C ARG D 219 -10.91 -34.85 -0.97
N ASP D 220 -9.74 -35.45 -0.78
CA ASP D 220 -9.32 -36.60 -1.57
C ASP D 220 -9.45 -36.30 -3.06
N GLY D 221 -9.16 -35.06 -3.43
CA GLY D 221 -9.21 -34.66 -4.83
C GLY D 221 -10.59 -34.40 -5.39
N GLU D 222 -11.59 -34.29 -4.52
CA GLU D 222 -12.94 -33.94 -4.97
C GLU D 222 -13.31 -32.54 -4.49
N ASP D 223 -13.86 -31.72 -5.39
CA ASP D 223 -14.20 -30.34 -5.08
C ASP D 223 -15.20 -30.25 -3.94
N GLN D 224 -15.00 -29.30 -3.03
CA GLN D 224 -15.90 -29.07 -1.92
C GLN D 224 -16.68 -27.79 -2.10
N THR D 225 -17.08 -27.53 -3.33
CA THR D 225 -17.74 -26.27 -3.70
C THR D 225 -18.91 -25.92 -2.79
N GLN D 226 -19.79 -26.89 -2.54
CA GLN D 226 -20.97 -26.63 -1.72
C GLN D 226 -20.69 -26.72 -0.23
N ASP D 227 -19.43 -27.03 0.12
CA ASP D 227 -19.05 -27.11 1.52
C ASP D 227 -17.83 -26.25 1.82
N THR D 228 -17.64 -25.22 1.02
CA THR D 228 -16.53 -24.29 1.23
C THR D 228 -17.08 -22.91 1.54
N GLU D 229 -16.50 -22.26 2.55
CA GLU D 229 -16.85 -20.89 2.86
C GLU D 229 -15.87 -19.97 2.13
N LEU D 230 -16.39 -19.25 1.14
CA LEU D 230 -15.55 -18.40 0.29
C LEU D 230 -15.95 -16.93 0.45
N VAL D 231 -15.02 -16.09 0.91
CA VAL D 231 -15.29 -14.66 1.00
C VAL D 231 -15.02 -13.96 -0.32
N GLU D 232 -15.76 -12.88 -0.57
CA GLU D 232 -15.55 -12.03 -1.73
C GLU D 232 -14.14 -11.44 -1.70
N THR D 233 -13.48 -11.45 -2.86
CA THR D 233 -12.19 -10.80 -3.01
C THR D 233 -12.29 -9.35 -2.55
N ARG D 234 -11.32 -8.91 -1.75
CA ARG D 234 -11.41 -7.63 -1.06
C ARG D 234 -10.10 -6.83 -1.19
N PRO D 235 -10.21 -5.49 -1.27
CA PRO D 235 -9.02 -4.64 -1.38
C PRO D 235 -8.29 -4.52 -0.05
N ALA D 236 -6.97 -4.65 -0.08
CA ALA D 236 -6.16 -4.48 1.12
C ALA D 236 -6.02 -3.01 1.49
N GLY D 237 -6.19 -2.14 0.50
CA GLY D 237 -6.10 -0.70 0.71
C GLY D 237 -4.84 -0.09 0.11
N ASP D 238 -3.93 -0.95 -0.32
CA ASP D 238 -2.64 -0.51 -0.85
C ASP D 238 -2.52 -0.88 -2.31
N GLY D 239 -3.65 -1.22 -2.94
CA GLY D 239 -3.66 -1.57 -4.34
C GLY D 239 -3.54 -3.06 -4.60
N THR D 240 -3.51 -3.85 -3.53
CA THR D 240 -3.54 -5.31 -3.66
C THR D 240 -4.85 -5.85 -3.12
N PHE D 241 -5.09 -7.13 -3.31
CA PHE D 241 -6.33 -7.74 -2.87
C PHE D 241 -6.10 -8.95 -1.97
N GLN D 242 -7.15 -9.37 -1.27
CA GLN D 242 -7.10 -10.52 -0.38
C GLN D 242 -8.29 -11.40 -0.64
N LYS D 243 -8.16 -12.67 -0.27
CA LYS D 243 -9.27 -13.62 -0.33
C LYS D 243 -8.93 -14.83 0.52
N TRP D 244 -9.94 -15.48 1.08
CA TRP D 244 -9.71 -16.76 1.75
C TRP D 244 -10.86 -17.74 1.57
N ALA D 245 -10.53 -19.03 1.61
CA ALA D 245 -11.53 -20.08 1.60
C ALA D 245 -11.34 -20.98 2.81
N ALA D 246 -12.43 -21.40 3.43
CA ALA D 246 -12.35 -22.24 4.62
C ALA D 246 -13.27 -23.44 4.54
N VAL D 247 -12.90 -24.50 5.25
CA VAL D 247 -13.73 -25.70 5.34
C VAL D 247 -13.70 -26.23 6.76
N VAL D 248 -14.77 -26.95 7.12
CA VAL D 248 -14.83 -27.60 8.41
C VAL D 248 -14.32 -29.03 8.27
N VAL D 249 -13.26 -29.33 9.01
CA VAL D 249 -12.59 -30.62 8.90
C VAL D 249 -12.82 -31.42 10.17
N PRO D 250 -13.38 -32.63 10.04
CA PRO D 250 -13.58 -33.53 11.18
C PRO D 250 -12.25 -33.99 11.75
N SER D 251 -12.21 -34.17 13.07
CA SER D 251 -10.99 -34.58 13.76
C SER D 251 -10.22 -35.63 12.97
N GLY D 252 -8.95 -35.35 12.70
CA GLY D 252 -8.06 -36.33 12.10
C GLY D 252 -8.18 -36.53 10.59
N GLN D 253 -8.86 -35.62 9.91
CA GLN D 253 -8.96 -35.69 8.45
C GLN D 253 -8.17 -34.58 7.75
N GLU D 254 -7.39 -33.81 8.50
CA GLU D 254 -6.67 -32.67 7.90
C GLU D 254 -5.88 -33.06 6.66
N GLN D 255 -5.17 -34.19 6.72
CA GLN D 255 -4.39 -34.68 5.60
C GLN D 255 -5.20 -34.85 4.32
N ARG D 256 -6.51 -35.08 4.44
CA ARG D 256 -7.36 -35.34 3.27
C ARG D 256 -7.60 -34.08 2.43
N TYR D 257 -7.39 -32.91 3.02
CA TYR D 257 -7.78 -31.67 2.37
C TYR D 257 -6.63 -30.94 1.71
N THR D 258 -6.90 -30.39 0.53
CA THR D 258 -5.92 -29.60 -0.19
C THR D 258 -6.52 -28.27 -0.65
N CYS D 259 -5.77 -27.19 -0.47
CA CYS D 259 -6.17 -25.89 -0.99
C CYS D 259 -5.46 -25.63 -2.31
N HIS D 260 -6.21 -25.15 -3.28
CA HIS D 260 -5.67 -24.92 -4.61
C HIS D 260 -5.78 -23.44 -5.01
N VAL D 261 -4.65 -22.86 -5.39
CA VAL D 261 -4.56 -21.44 -5.70
C VAL D 261 -4.10 -21.19 -7.13
N GLN D 262 -4.93 -20.50 -7.91
CA GLN D 262 -4.59 -20.15 -9.29
C GLN D 262 -4.61 -18.63 -9.43
N HIS D 263 -3.55 -18.09 -9.99
CA HIS D 263 -3.43 -16.65 -10.18
C HIS D 263 -2.38 -16.33 -11.24
N GLU D 264 -2.60 -15.22 -11.96
CA GLU D 264 -1.73 -14.83 -13.07
C GLU D 264 -0.25 -14.82 -12.69
N GLY D 265 0.05 -14.48 -11.44
CA GLY D 265 1.43 -14.33 -10.99
C GLY D 265 2.12 -15.58 -10.50
N LEU D 266 1.42 -16.71 -10.56
CA LEU D 266 1.99 -17.98 -10.12
C LEU D 266 2.46 -18.81 -11.32
N PRO D 267 3.76 -19.11 -11.38
CA PRO D 267 4.34 -19.97 -12.42
C PRO D 267 3.44 -21.19 -12.66
N LYS D 268 3.11 -21.87 -11.57
CA LYS D 268 2.16 -22.98 -11.64
C LYS D 268 1.25 -22.98 -10.42
N PRO D 269 0.00 -23.44 -10.60
CA PRO D 269 -0.98 -23.48 -9.52
C PRO D 269 -0.41 -24.07 -8.25
N LEU D 270 -0.78 -23.50 -7.11
CA LEU D 270 -0.32 -24.01 -5.82
C LEU D 270 -1.26 -25.07 -5.29
N THR D 271 -0.67 -26.06 -4.62
CA THR D 271 -1.42 -27.07 -3.89
C THR D 271 -0.92 -27.04 -2.46
N LEU D 272 -1.75 -26.57 -1.54
CA LEU D 272 -1.37 -26.45 -0.15
C LEU D 272 -2.09 -27.50 0.69
N ARG D 273 -1.37 -28.05 1.66
CA ARG D 273 -1.94 -29.05 2.55
C ARG D 273 -1.50 -28.75 3.97
N TRP D 274 -2.39 -28.98 4.93
CA TRP D 274 -2.01 -28.86 6.33
C TRP D 274 -1.25 -30.10 6.75
N GLU D 275 0.01 -29.92 7.15
CA GLU D 275 0.87 -31.05 7.50
C GLU D 275 2.21 -30.59 8.10
N MET E 1 -38.66 0.48 -4.74
CA MET E 1 -37.59 0.26 -5.71
C MET E 1 -36.56 -0.73 -5.19
N ILE E 2 -35.57 -1.04 -6.03
CA ILE E 2 -34.52 -1.98 -5.66
C ILE E 2 -33.76 -1.51 -4.43
N GLN E 3 -33.55 -2.43 -3.50
CA GLN E 3 -32.74 -2.20 -2.32
C GLN E 3 -31.92 -3.45 -2.07
N ARG E 4 -30.61 -3.29 -1.95
CA ARG E 4 -29.74 -4.44 -1.73
C ARG E 4 -28.91 -4.27 -0.46
N THR E 5 -28.90 -5.29 0.37
CA THR E 5 -28.24 -5.20 1.67
C THR E 5 -26.73 -5.31 1.52
N PRO E 6 -25.98 -4.45 2.24
CA PRO E 6 -24.53 -4.48 2.12
C PRO E 6 -23.91 -5.72 2.74
N LYS E 7 -22.97 -6.31 2.01
CA LYS E 7 -22.08 -7.30 2.60
C LYS E 7 -21.00 -6.55 3.35
N ILE E 8 -20.58 -7.09 4.49
CA ILE E 8 -19.62 -6.41 5.32
C ILE E 8 -18.44 -7.32 5.66
N GLN E 9 -17.24 -6.80 5.46
CA GLN E 9 -16.03 -7.51 5.88
C GLN E 9 -15.13 -6.55 6.66
N VAL E 10 -14.75 -6.96 7.87
CA VAL E 10 -13.79 -6.20 8.66
C VAL E 10 -12.51 -6.98 8.77
N TYR E 11 -11.39 -6.32 8.47
CA TYR E 11 -10.11 -6.99 8.40
C TYR E 11 -8.98 -5.97 8.37
N SER E 12 -7.75 -6.45 8.54
CA SER E 12 -6.58 -5.58 8.51
C SER E 12 -5.85 -5.70 7.17
N ARG E 13 -5.15 -4.63 6.79
CA ARG E 13 -4.38 -4.62 5.55
C ARG E 13 -3.29 -5.68 5.56
N HIS E 14 -2.58 -5.77 6.67
CA HIS E 14 -1.49 -6.72 6.84
C HIS E 14 -1.86 -7.69 7.96
N PRO E 15 -1.32 -8.92 7.93
CA PRO E 15 -1.56 -9.84 9.05
C PRO E 15 -1.32 -9.14 10.39
N ALA E 16 -2.29 -9.18 11.30
CA ALA E 16 -2.16 -8.47 12.57
C ALA E 16 -0.97 -8.98 13.38
N GLU E 17 -0.17 -8.04 13.88
CA GLU E 17 0.90 -8.33 14.82
C GLU E 17 0.81 -7.29 15.93
N ASN E 18 0.63 -7.75 17.17
CA ASN E 18 0.49 -6.84 18.29
C ASN E 18 1.67 -5.86 18.36
N GLY E 19 1.38 -4.58 18.51
CA GLY E 19 2.41 -3.57 18.63
C GLY E 19 2.95 -3.01 17.31
N LYS E 20 2.47 -3.54 16.19
CA LYS E 20 2.97 -3.08 14.88
C LYS E 20 1.90 -2.37 14.04
N SER E 21 2.31 -1.26 13.43
CA SER E 21 1.46 -0.45 12.56
C SER E 21 0.68 -1.27 11.53
N ASN E 22 -0.53 -0.82 11.22
CA ASN E 22 -1.41 -1.50 10.29
C ASN E 22 -2.57 -0.59 9.89
N PHE E 23 -3.43 -1.05 9.01
CA PHE E 23 -4.68 -0.35 8.70
C PHE E 23 -5.87 -1.26 9.02
N LEU E 24 -6.90 -0.69 9.63
CA LEU E 24 -8.16 -1.39 9.87
C LEU E 24 -9.13 -1.07 8.74
N ASN E 25 -9.55 -2.09 8.01
CA ASN E 25 -10.50 -1.92 6.91
C ASN E 25 -11.90 -2.43 7.23
N CYS E 26 -12.89 -1.68 6.78
CA CYS E 26 -14.24 -2.21 6.67
C CYS E 26 -14.73 -2.05 5.24
N TYR E 27 -14.87 -3.18 4.54
CA TYR E 27 -15.32 -3.19 3.16
C TYR E 27 -16.81 -3.51 3.08
N VAL E 28 -17.60 -2.53 2.63
CA VAL E 28 -19.02 -2.75 2.41
C VAL E 28 -19.30 -2.84 0.91
N SER E 29 -20.07 -3.85 0.50
CA SER E 29 -20.27 -4.11 -0.92
C SER E 29 -21.66 -4.65 -1.26
N GLY E 30 -21.99 -4.60 -2.54
CA GLY E 30 -23.24 -5.15 -3.05
C GLY E 30 -24.49 -4.44 -2.56
N PHE E 31 -24.37 -3.18 -2.18
CA PHE E 31 -25.52 -2.46 -1.65
C PHE E 31 -26.14 -1.45 -2.60
N HIS E 32 -27.35 -1.04 -2.27
CA HIS E 32 -28.14 -0.12 -3.07
C HIS E 32 -29.37 0.26 -2.28
N PRO E 33 -29.70 1.57 -2.22
CA PRO E 33 -28.99 2.71 -2.80
C PRO E 33 -27.63 2.98 -2.14
N SER E 34 -27.00 4.09 -2.53
CA SER E 34 -25.64 4.40 -2.13
C SER E 34 -25.55 5.00 -0.72
N ASP E 35 -26.66 5.60 -0.26
CA ASP E 35 -26.72 6.14 1.08
C ASP E 35 -26.38 5.06 2.11
N ILE E 36 -25.32 5.29 2.86
CA ILE E 36 -24.89 4.31 3.85
C ILE E 36 -24.08 4.98 4.94
N GLU E 37 -24.10 4.39 6.13
CA GLU E 37 -23.34 4.88 7.26
C GLU E 37 -22.41 3.79 7.77
N VAL E 38 -21.11 4.10 7.80
CA VAL E 38 -20.12 3.12 8.24
C VAL E 38 -19.19 3.71 9.28
N ASP E 39 -19.11 3.06 10.44
CA ASP E 39 -18.23 3.50 11.50
C ASP E 39 -17.27 2.41 11.92
N LEU E 40 -16.04 2.79 12.21
CA LEU E 40 -15.08 1.87 12.78
C LEU E 40 -15.03 2.11 14.28
N LEU E 41 -15.00 1.02 15.05
CA LEU E 41 -15.11 1.13 16.50
C LEU E 41 -13.91 0.53 17.22
N LYS E 42 -13.47 1.19 18.28
CA LYS E 42 -12.41 0.69 19.14
C LYS E 42 -13.01 0.51 20.54
N ASN E 43 -13.09 -0.73 20.99
CA ASN E 43 -13.68 -1.00 22.29
C ASN E 43 -15.04 -0.31 22.46
N GLY E 44 -15.86 -0.39 21.42
CA GLY E 44 -17.23 0.09 21.47
C GLY E 44 -17.42 1.53 21.05
N GLU E 45 -16.34 2.29 20.98
CA GLU E 45 -16.42 3.72 20.69
C GLU E 45 -15.99 4.03 19.26
N ARG E 46 -16.63 5.03 18.67
CA ARG E 46 -16.40 5.38 17.27
C ARG E 46 -15.03 6.02 17.03
N ILE E 47 -14.28 5.45 16.09
CA ILE E 47 -12.97 6.02 15.74
C ILE E 47 -13.18 7.25 14.85
N GLU E 48 -12.54 8.36 15.23
CA GLU E 48 -12.82 9.65 14.62
C GLU E 48 -12.15 9.88 13.27
N LYS E 49 -10.90 9.46 13.14
CA LYS E 49 -10.17 9.68 11.90
C LYS E 49 -10.27 8.47 10.97
N VAL E 50 -11.37 8.40 10.23
CA VAL E 50 -11.62 7.31 9.31
C VAL E 50 -11.88 7.86 7.92
N GLU E 51 -11.20 7.33 6.92
CA GLU E 51 -11.44 7.74 5.54
C GLU E 51 -12.14 6.63 4.76
N HIS E 52 -12.69 6.99 3.60
CA HIS E 52 -13.25 5.99 2.69
C HIS E 52 -12.84 6.21 1.24
N SER E 53 -12.94 5.16 0.46
CA SER E 53 -12.62 5.25 -0.96
C SER E 53 -13.71 6.00 -1.70
N ASP E 54 -13.49 6.18 -2.99
CA ASP E 54 -14.43 6.89 -3.83
C ASP E 54 -15.55 5.95 -4.26
N LEU E 55 -16.79 6.39 -4.07
CA LEU E 55 -17.95 5.59 -4.42
C LEU E 55 -17.86 5.06 -5.85
N SER E 56 -17.93 3.75 -5.97
CA SER E 56 -17.89 3.07 -7.26
C SER E 56 -18.90 1.93 -7.20
N PHE E 57 -19.02 1.16 -8.28
CA PHE E 57 -19.96 0.04 -8.28
C PHE E 57 -19.54 -1.11 -9.19
N SER E 58 -20.22 -2.25 -9.05
CA SER E 58 -19.90 -3.45 -9.81
C SER E 58 -20.72 -3.58 -11.09
N LYS E 59 -20.56 -4.73 -11.76
CA LYS E 59 -21.25 -5.03 -13.01
C LYS E 59 -22.78 -4.99 -12.84
N ASP E 60 -23.26 -5.42 -11.68
CA ASP E 60 -24.70 -5.46 -11.42
C ASP E 60 -25.25 -4.16 -10.85
N TRP E 61 -24.43 -3.11 -10.88
CA TRP E 61 -24.82 -1.78 -10.41
C TRP E 61 -24.78 -1.58 -8.90
N SER E 62 -24.46 -2.62 -8.13
CA SER E 62 -24.39 -2.45 -6.68
C SER E 62 -23.09 -1.76 -6.28
N PHE E 63 -23.16 -0.96 -5.23
CA PHE E 63 -22.05 -0.11 -4.80
C PHE E 63 -21.07 -0.82 -3.88
N TYR E 64 -19.84 -0.32 -3.83
CA TYR E 64 -18.90 -0.74 -2.81
C TYR E 64 -18.05 0.43 -2.31
N LEU E 65 -17.70 0.37 -1.02
CA LEU E 65 -16.84 1.36 -0.39
C LEU E 65 -15.84 0.67 0.54
N LEU E 66 -14.64 1.22 0.62
CA LEU E 66 -13.67 0.79 1.64
C LEU E 66 -13.46 1.90 2.67
N TYR E 67 -13.82 1.61 3.91
CA TYR E 67 -13.50 2.51 5.01
C TYR E 67 -12.24 2.00 5.70
N TYR E 68 -11.39 2.92 6.13
CA TYR E 68 -10.10 2.52 6.69
C TYR E 68 -9.48 3.56 7.61
N THR E 69 -8.60 3.10 8.47
CA THR E 69 -7.93 3.98 9.42
C THR E 69 -6.66 3.30 9.92
N GLU E 70 -5.66 4.11 10.25
CA GLU E 70 -4.42 3.58 10.82
C GLU E 70 -4.71 3.05 12.21
N PHE E 71 -4.09 1.94 12.56
CA PHE E 71 -4.19 1.45 13.92
C PHE E 71 -3.06 0.48 14.21
N THR E 72 -2.82 0.27 15.50
CA THR E 72 -1.82 -0.68 15.93
C THR E 72 -2.53 -1.74 16.75
N PRO E 73 -2.64 -2.95 16.19
CA PRO E 73 -3.30 -4.07 16.87
C PRO E 73 -2.66 -4.30 18.22
N THR E 74 -3.45 -4.72 19.18
CA THR E 74 -2.94 -5.09 20.48
C THR E 74 -3.65 -6.37 20.92
N GLU E 75 -3.25 -6.94 22.04
CA GLU E 75 -3.88 -8.17 22.50
C GLU E 75 -5.31 -7.93 22.98
N LYS E 76 -5.48 -6.83 23.72
CA LYS E 76 -6.71 -6.57 24.47
C LYS E 76 -7.74 -5.70 23.75
N ASP E 77 -7.29 -4.91 22.77
CA ASP E 77 -8.20 -4.00 22.08
C ASP E 77 -9.11 -4.74 21.10
N GLU E 78 -10.40 -4.43 21.17
CA GLU E 78 -11.36 -5.01 20.27
C GLU E 78 -11.80 -3.97 19.25
N TYR E 79 -11.88 -4.38 17.99
CA TYR E 79 -12.32 -3.47 16.94
C TYR E 79 -13.55 -4.04 16.24
N ALA E 80 -14.36 -3.16 15.65
CA ALA E 80 -15.57 -3.58 14.96
C ALA E 80 -15.98 -2.58 13.90
N CYS E 81 -16.88 -3.00 13.03
CA CYS E 81 -17.42 -2.11 12.01
C CYS E 81 -18.93 -2.03 12.12
N ARG E 82 -19.45 -0.83 12.26
CA ARG E 82 -20.88 -0.62 12.41
C ARG E 82 -21.48 0.00 11.16
N VAL E 83 -22.44 -0.70 10.56
CA VAL E 83 -23.04 -0.25 9.30
C VAL E 83 -24.54 -0.04 9.43
N ASN E 84 -25.02 1.07 8.86
CA ASN E 84 -26.46 1.29 8.74
C ASN E 84 -26.85 1.63 7.30
N HIS E 85 -28.02 1.13 6.90
CA HIS E 85 -28.49 1.23 5.53
C HIS E 85 -30.00 1.07 5.57
N VAL E 86 -30.69 1.44 4.49
CA VAL E 86 -32.16 1.33 4.49
C VAL E 86 -32.63 -0.10 4.66
N THR E 87 -31.86 -1.05 4.13
CA THR E 87 -32.22 -2.46 4.21
C THR E 87 -32.01 -3.07 5.59
N LEU E 88 -31.56 -2.27 6.54
CA LEU E 88 -31.26 -2.78 7.88
C LEU E 88 -32.20 -2.20 8.92
N SER E 89 -32.84 -3.08 9.68
CA SER E 89 -33.77 -2.66 10.72
C SER E 89 -33.03 -1.99 11.86
N GLN E 90 -31.80 -2.43 12.09
CA GLN E 90 -30.91 -1.81 13.07
C GLN E 90 -29.50 -1.84 12.52
N PRO E 91 -28.64 -0.92 12.99
CA PRO E 91 -27.25 -0.93 12.54
C PRO E 91 -26.58 -2.28 12.78
N LYS E 92 -26.00 -2.84 11.74
CA LYS E 92 -25.30 -4.13 11.83
C LYS E 92 -23.87 -3.94 12.34
N ILE E 93 -23.50 -4.73 13.34
CA ILE E 93 -22.14 -4.66 13.91
C ILE E 93 -21.37 -5.94 13.65
N VAL E 94 -20.20 -5.80 13.03
CA VAL E 94 -19.34 -6.95 12.77
C VAL E 94 -18.00 -6.79 13.47
N LYS E 95 -17.70 -7.72 14.38
CA LYS E 95 -16.46 -7.68 15.15
C LYS E 95 -15.27 -8.05 14.28
N TRP E 96 -14.17 -7.33 14.48
CA TRP E 96 -12.93 -7.68 13.80
C TRP E 96 -12.35 -8.96 14.39
N ASP E 97 -12.07 -9.93 13.52
CA ASP E 97 -11.42 -11.16 13.92
C ASP E 97 -10.11 -11.24 13.13
N ARG E 98 -8.98 -11.20 13.83
CA ARG E 98 -7.69 -11.11 13.16
C ARG E 98 -7.42 -12.30 12.26
N ASP E 99 -8.28 -13.32 12.38
CA ASP E 99 -8.14 -14.55 11.62
C ASP E 99 -9.17 -14.64 10.49
N MET E 100 -9.75 -13.49 10.13
CA MET E 100 -10.78 -13.42 9.09
C MET E 100 -10.67 -12.12 8.28
N LYS F 1 -9.20 8.70 -20.57
CA LYS F 1 -9.79 10.00 -20.93
C LYS F 1 -11.30 9.93 -21.10
N LEU F 2 -11.99 10.85 -20.44
CA LEU F 2 -13.43 11.01 -20.56
C LEU F 2 -13.89 11.19 -22.01
N TYR F 3 -15.11 10.74 -22.29
CA TYR F 3 -15.77 10.97 -23.57
C TYR F 3 -16.21 12.44 -23.66
N GLN F 4 -16.10 13.00 -24.86
CA GLN F 4 -16.55 14.37 -25.11
C GLN F 4 -18.02 14.39 -25.52
N ASN F 5 -18.90 14.70 -24.59
CA ASN F 5 -20.35 14.63 -24.84
C ASN F 5 -20.96 15.91 -25.42
N PRO F 6 -21.94 15.73 -26.32
CA PRO F 6 -22.58 16.76 -27.15
C PRO F 6 -23.09 18.04 -26.46
N THR F 7 -23.87 17.97 -25.39
CA THR F 7 -24.21 16.75 -24.66
C THR F 7 -25.47 16.07 -25.19
N THR F 8 -25.74 14.86 -24.70
CA THR F 8 -26.93 14.11 -25.10
C THR F 8 -27.73 13.61 -23.89
N TYR F 9 -29.04 13.82 -23.92
CA TYR F 9 -29.88 13.55 -22.76
C TYR F 9 -30.69 12.26 -22.87
N ILE F 10 -30.97 11.66 -21.73
CA ILE F 10 -31.81 10.47 -21.63
C ILE F 10 -33.16 10.71 -22.31
N GLY G 1 -20.08 -15.20 -29.11
CA GLY G 1 -20.49 -16.41 -28.42
C GLY G 1 -19.32 -17.23 -27.95
N SER G 2 -19.54 -18.54 -27.82
CA SER G 2 -18.50 -19.44 -27.34
C SER G 2 -17.51 -19.81 -28.45
N HIS G 3 -16.31 -20.22 -28.05
CA HIS G 3 -15.28 -20.58 -29.02
C HIS G 3 -14.44 -21.75 -28.53
N SER G 4 -13.75 -22.39 -29.47
CA SER G 4 -12.91 -23.53 -29.15
C SER G 4 -11.68 -23.56 -30.05
N MET G 5 -10.62 -24.19 -29.55
CA MET G 5 -9.48 -24.54 -30.39
C MET G 5 -9.25 -26.04 -30.30
N ARG G 6 -9.03 -26.66 -31.46
CA ARG G 6 -8.84 -28.11 -31.51
C ARG G 6 -7.69 -28.49 -32.40
N TYR G 7 -6.86 -29.42 -31.94
CA TYR G 7 -5.90 -30.07 -32.82
C TYR G 7 -6.27 -31.54 -32.96
N PHE G 8 -6.24 -32.02 -34.22
CA PHE G 8 -6.55 -33.40 -34.52
C PHE G 8 -5.34 -34.07 -35.15
N PHE G 9 -4.99 -35.25 -34.63
CA PHE G 9 -3.84 -35.99 -35.13
C PHE G 9 -4.24 -37.38 -35.58
N THR G 10 -3.86 -37.73 -36.79
CA THR G 10 -4.13 -39.07 -37.32
C THR G 10 -2.83 -39.79 -37.71
N SER G 11 -2.61 -40.93 -37.08
CA SER G 11 -1.42 -41.73 -37.29
C SER G 11 -1.80 -43.12 -37.79
N VAL G 12 -1.43 -43.44 -39.04
CA VAL G 12 -1.78 -44.73 -39.62
C VAL G 12 -0.54 -45.54 -40.02
N SER G 13 -0.34 -46.69 -39.37
CA SER G 13 0.78 -47.55 -39.71
C SER G 13 0.63 -48.12 -41.12
N ARG G 14 1.77 -48.39 -41.76
CA ARG G 14 1.78 -48.89 -43.13
C ARG G 14 2.81 -50.02 -43.27
N PRO G 15 2.46 -51.22 -42.77
CA PRO G 15 3.37 -52.36 -42.71
C PRO G 15 4.08 -52.65 -44.04
N GLY G 16 5.40 -52.81 -43.95
CA GLY G 16 6.20 -53.12 -45.12
C GLY G 16 6.36 -51.97 -46.08
N ARG G 17 5.88 -50.80 -45.67
CA ARG G 17 5.94 -49.61 -46.51
C ARG G 17 6.57 -48.44 -45.77
N GLY G 18 7.28 -48.74 -44.70
CA GLY G 18 8.07 -47.74 -44.00
C GLY G 18 7.38 -46.98 -42.89
N GLU G 19 7.59 -45.67 -42.86
CA GLU G 19 7.04 -44.81 -41.81
C GLU G 19 5.53 -44.66 -41.94
N PRO G 20 4.84 -44.60 -40.79
CA PRO G 20 3.40 -44.38 -40.73
C PRO G 20 3.01 -43.01 -41.28
N ARG G 21 1.84 -42.92 -41.89
CA ARG G 21 1.27 -41.65 -42.30
C ARG G 21 0.88 -40.85 -41.06
N PHE G 22 1.24 -39.56 -41.04
CA PHE G 22 0.89 -38.70 -39.91
C PHE G 22 0.32 -37.37 -40.40
N ILE G 23 -0.97 -37.16 -40.15
CA ILE G 23 -1.63 -35.92 -40.52
C ILE G 23 -2.02 -35.15 -39.27
N ALA G 24 -1.71 -33.86 -39.23
CA ALA G 24 -2.14 -32.99 -38.15
C ALA G 24 -2.89 -31.77 -38.69
N VAL G 25 -4.02 -31.44 -38.07
CA VAL G 25 -4.75 -30.24 -38.43
C VAL G 25 -5.18 -29.47 -37.20
N GLY G 26 -5.18 -28.15 -37.29
CA GLY G 26 -5.64 -27.30 -36.21
C GLY G 26 -6.88 -26.53 -36.64
N TYR G 27 -7.85 -26.43 -35.74
CA TYR G 27 -9.07 -25.69 -36.01
C TYR G 27 -9.30 -24.66 -34.93
N VAL G 28 -9.82 -23.50 -35.33
CA VAL G 28 -10.45 -22.59 -34.40
C VAL G 28 -11.92 -22.60 -34.76
N ASP G 29 -12.77 -23.01 -33.81
CA ASP G 29 -14.17 -23.24 -34.10
C ASP G 29 -14.29 -24.14 -35.33
N ASP G 30 -14.96 -23.65 -36.36
CA ASP G 30 -15.18 -24.44 -37.58
C ASP G 30 -14.27 -24.00 -38.72
N THR G 31 -13.14 -23.41 -38.38
CA THR G 31 -12.20 -22.92 -39.38
C THR G 31 -10.83 -23.53 -39.16
N GLN G 32 -10.39 -24.35 -40.11
CA GLN G 32 -9.04 -24.90 -40.05
C GLN G 32 -8.03 -23.77 -40.28
N PHE G 33 -6.89 -23.82 -39.59
CA PHE G 33 -5.87 -22.79 -39.76
C PHE G 33 -4.46 -23.31 -39.99
N VAL G 34 -4.18 -24.55 -39.58
CA VAL G 34 -2.88 -25.17 -39.83
C VAL G 34 -2.97 -26.64 -40.18
N ARG G 35 -1.90 -27.16 -40.78
CA ARG G 35 -1.82 -28.56 -41.12
C ARG G 35 -0.37 -29.01 -41.14
N PHE G 36 -0.19 -30.34 -41.09
CA PHE G 36 1.09 -30.97 -41.32
C PHE G 36 0.85 -32.35 -41.91
N ASP G 37 1.52 -32.65 -43.02
CA ASP G 37 1.36 -33.95 -43.67
C ASP G 37 2.74 -34.58 -43.87
N SER G 38 2.96 -35.73 -43.23
CA SER G 38 4.26 -36.37 -43.28
C SER G 38 4.67 -36.74 -44.70
N ASP G 39 3.69 -36.99 -45.56
CA ASP G 39 3.97 -37.35 -46.94
C ASP G 39 4.20 -36.14 -47.84
N ALA G 40 4.04 -34.94 -47.28
CA ALA G 40 4.31 -33.71 -48.04
C ALA G 40 5.80 -33.42 -48.13
N ALA G 41 6.19 -32.62 -49.13
CA ALA G 41 7.60 -32.32 -49.35
C ALA G 41 8.16 -31.33 -48.33
N SER G 42 7.36 -30.34 -47.94
CA SER G 42 7.82 -29.28 -47.06
C SER G 42 8.37 -29.76 -45.72
N GLN G 43 7.67 -30.70 -45.09
CA GLN G 43 8.03 -31.15 -43.76
C GLN G 43 7.90 -30.01 -42.76
N ARG G 44 6.94 -29.12 -43.00
CA ARG G 44 6.69 -28.00 -42.11
C ARG G 44 5.20 -27.85 -41.82
N MET G 45 4.89 -27.29 -40.65
CA MET G 45 3.53 -26.88 -40.38
C MET G 45 3.17 -25.77 -41.36
N GLU G 46 1.98 -25.83 -41.95
CA GLU G 46 1.59 -24.86 -42.97
C GLU G 46 0.28 -24.14 -42.67
N PRO G 47 0.20 -22.86 -43.04
CA PRO G 47 -1.03 -22.07 -42.87
C PRO G 47 -2.15 -22.60 -43.77
N ARG G 48 -3.37 -22.58 -43.25
CA ARG G 48 -4.55 -22.97 -44.04
C ARG G 48 -5.64 -21.92 -43.89
N ALA G 49 -5.28 -20.82 -43.21
CA ALA G 49 -6.15 -19.66 -43.11
C ALA G 49 -5.32 -18.41 -43.32
N PRO G 50 -5.91 -17.39 -43.98
CA PRO G 50 -5.21 -16.15 -44.29
C PRO G 50 -4.65 -15.44 -43.06
N TRP G 51 -5.41 -15.46 -41.97
CA TRP G 51 -5.07 -14.69 -40.77
C TRP G 51 -3.95 -15.31 -39.91
N ILE G 52 -3.37 -16.41 -40.37
CA ILE G 52 -2.24 -17.01 -39.67
C ILE G 52 -0.99 -16.96 -40.55
N GLU G 53 -1.16 -16.57 -41.81
CA GLU G 53 -0.07 -16.61 -42.80
C GLU G 53 1.10 -15.68 -42.46
N GLN G 54 0.80 -14.53 -41.85
CA GLN G 54 1.82 -13.52 -41.57
C GLN G 54 2.33 -13.57 -40.14
N GLU G 55 2.03 -14.67 -39.44
CA GLU G 55 2.66 -14.93 -38.15
C GLU G 55 4.14 -15.17 -38.47
N GLY G 56 5.03 -14.71 -37.60
CA GLY G 56 6.46 -14.75 -37.90
C GLY G 56 7.07 -16.11 -38.17
N PRO G 57 8.31 -16.13 -38.69
CA PRO G 57 9.08 -17.37 -38.85
C PRO G 57 9.34 -18.06 -37.51
N GLU G 58 9.38 -17.29 -36.43
CA GLU G 58 9.51 -17.89 -35.11
C GLU G 58 8.31 -18.79 -34.82
N TYR G 59 7.11 -18.29 -35.13
CA TYR G 59 5.91 -19.08 -34.92
C TYR G 59 5.95 -20.39 -35.70
N TRP G 60 6.24 -20.29 -36.99
CA TRP G 60 6.21 -21.45 -37.87
C TRP G 60 7.32 -22.45 -37.58
N ASP G 61 8.51 -21.97 -37.27
CA ASP G 61 9.60 -22.86 -36.91
C ASP G 61 9.22 -23.65 -35.65
N GLY G 62 8.60 -22.96 -34.70
CA GLY G 62 8.21 -23.56 -33.44
C GLY G 62 7.11 -24.60 -33.57
N GLU G 63 6.08 -24.29 -34.35
CA GLU G 63 5.00 -25.24 -34.58
C GLU G 63 5.50 -26.43 -35.39
N THR G 64 6.43 -26.17 -36.31
CA THR G 64 6.99 -27.23 -37.13
C THR G 64 7.79 -28.18 -36.26
N ARG G 65 8.58 -27.61 -35.37
CA ARG G 65 9.39 -28.38 -34.42
C ARG G 65 8.53 -29.25 -33.50
N LYS G 66 7.54 -28.67 -32.85
CA LYS G 66 6.68 -29.42 -31.94
C LYS G 66 5.87 -30.49 -32.65
N VAL G 67 5.39 -30.19 -33.86
CA VAL G 67 4.57 -31.15 -34.60
C VAL G 67 5.39 -32.34 -35.03
N LYS G 68 6.68 -32.12 -35.25
CA LYS G 68 7.57 -33.22 -35.60
C LYS G 68 7.79 -34.12 -34.40
N ALA G 69 7.85 -33.53 -33.21
CA ALA G 69 7.96 -34.30 -31.98
C ALA G 69 6.69 -35.12 -31.75
N HIS G 70 5.53 -34.54 -32.08
CA HIS G 70 4.26 -35.26 -32.01
C HIS G 70 4.30 -36.47 -32.92
N SER G 71 4.79 -36.27 -34.13
CA SER G 71 4.89 -37.33 -35.13
C SER G 71 5.72 -38.49 -34.60
N GLN G 72 6.88 -38.19 -34.04
CA GLN G 72 7.77 -39.22 -33.55
C GLN G 72 7.18 -40.02 -32.40
N THR G 73 6.42 -39.34 -31.54
CA THR G 73 5.75 -40.00 -30.43
C THR G 73 4.73 -41.02 -30.93
N HIS G 74 3.91 -40.61 -31.89
CA HIS G 74 2.88 -41.49 -32.44
C HIS G 74 3.47 -42.73 -33.09
N ARG G 75 4.58 -42.53 -33.81
CA ARG G 75 5.27 -43.63 -34.48
C ARG G 75 5.64 -44.73 -33.47
N VAL G 76 6.05 -44.32 -32.27
CA VAL G 76 6.39 -45.29 -31.25
C VAL G 76 5.13 -45.92 -30.68
N ASP G 77 4.11 -45.09 -30.45
CA ASP G 77 2.84 -45.54 -29.90
C ASP G 77 2.22 -46.67 -30.72
N LEU G 78 2.31 -46.57 -32.05
CA LEU G 78 1.79 -47.61 -32.92
C LEU G 78 2.39 -48.96 -32.55
N GLY G 79 3.70 -48.96 -32.30
CA GLY G 79 4.39 -50.17 -31.89
C GLY G 79 3.90 -50.66 -30.54
N THR G 80 3.92 -49.76 -29.56
CA THR G 80 3.47 -50.08 -28.21
C THR G 80 2.08 -50.70 -28.20
N LEU G 81 1.16 -50.13 -28.99
CA LEU G 81 -0.21 -50.61 -29.05
C LEU G 81 -0.31 -51.96 -29.74
N ARG G 82 0.53 -52.18 -30.73
CA ARG G 82 0.60 -53.44 -31.43
C ARG G 82 0.93 -54.53 -30.41
N GLY G 83 1.82 -54.20 -29.48
CA GLY G 83 2.21 -55.11 -28.41
C GLY G 83 1.16 -55.29 -27.33
N TYR G 84 0.54 -54.20 -26.90
CA TYR G 84 -0.50 -54.28 -25.86
C TYR G 84 -1.58 -55.27 -26.27
N TYR G 85 -1.89 -55.32 -27.56
CA TYR G 85 -3.01 -56.11 -28.07
C TYR G 85 -2.58 -57.35 -28.84
N ASN G 86 -1.29 -57.66 -28.80
CA ASN G 86 -0.77 -58.85 -29.47
C ASN G 86 -1.20 -58.98 -30.92
N GLN G 87 -1.14 -57.87 -31.65
CA GLN G 87 -1.54 -57.85 -33.05
C GLN G 87 -0.34 -58.13 -33.95
N SER G 88 -0.61 -58.64 -35.15
CA SER G 88 0.47 -58.92 -36.10
C SER G 88 1.05 -57.61 -36.60
N GLU G 89 2.26 -57.69 -37.15
CA GLU G 89 2.90 -56.51 -37.71
C GLU G 89 2.54 -56.34 -39.18
N ALA G 90 1.68 -57.22 -39.68
CA ALA G 90 1.28 -57.20 -41.08
C ALA G 90 0.07 -56.29 -41.31
N GLY G 91 -0.61 -55.91 -40.22
CA GLY G 91 -1.84 -55.14 -40.33
C GLY G 91 -1.69 -53.64 -40.12
N SER G 92 -2.50 -52.87 -40.85
CA SER G 92 -2.53 -51.43 -40.69
C SER G 92 -3.46 -51.02 -39.54
N HIS G 93 -2.97 -50.14 -38.68
CA HIS G 93 -3.77 -49.66 -37.55
C HIS G 93 -3.79 -48.13 -37.45
N THR G 94 -4.80 -47.60 -36.78
CA THR G 94 -4.97 -46.16 -36.68
C THR G 94 -4.93 -45.66 -35.24
N VAL G 95 -4.08 -44.68 -35.00
CA VAL G 95 -4.08 -43.96 -33.74
C VAL G 95 -4.55 -42.53 -33.98
N GLN G 96 -5.53 -42.09 -33.20
CA GLN G 96 -6.00 -40.72 -33.27
C GLN G 96 -5.85 -40.04 -31.92
N ARG G 97 -5.55 -38.75 -31.98
CA ARG G 97 -5.39 -37.95 -30.79
C ARG G 97 -6.08 -36.62 -31.03
N MET G 98 -6.77 -36.12 -30.02
CA MET G 98 -7.35 -34.80 -30.09
C MET G 98 -7.10 -34.10 -28.78
N TYR G 99 -6.80 -32.81 -28.84
CA TYR G 99 -6.79 -31.98 -27.66
C TYR G 99 -7.10 -30.52 -27.98
N GLY G 100 -7.54 -29.80 -26.96
CA GLY G 100 -7.90 -28.41 -27.12
C GLY G 100 -8.80 -27.92 -26.02
N CYS G 101 -9.28 -26.68 -26.17
CA CYS G 101 -10.00 -26.00 -25.11
C CYS G 101 -11.26 -25.29 -25.59
N ASP G 102 -12.21 -25.11 -24.67
CA ASP G 102 -13.42 -24.32 -24.93
C ASP G 102 -13.43 -23.06 -24.08
N VAL G 103 -13.87 -21.94 -24.67
CA VAL G 103 -14.10 -20.72 -23.92
C VAL G 103 -15.52 -20.18 -24.15
N GLY G 104 -16.04 -19.47 -23.15
CA GLY G 104 -17.37 -18.90 -23.23
C GLY G 104 -17.43 -17.61 -24.03
N SER G 105 -18.57 -16.94 -23.99
CA SER G 105 -18.75 -15.67 -24.69
C SER G 105 -17.80 -14.62 -24.14
N ASP G 106 -17.41 -14.80 -22.89
CA ASP G 106 -16.46 -13.89 -22.24
C ASP G 106 -15.02 -14.34 -22.48
N TRP G 107 -14.85 -15.31 -23.37
CA TRP G 107 -13.53 -15.81 -23.73
C TRP G 107 -12.80 -16.43 -22.55
N ARG G 108 -13.53 -16.69 -21.47
CA ARG G 108 -12.97 -17.35 -20.31
C ARG G 108 -13.02 -18.87 -20.48
N PHE G 109 -12.03 -19.56 -19.92
CA PHE G 109 -11.94 -21.02 -20.01
C PHE G 109 -13.21 -21.74 -19.53
N LEU G 110 -13.70 -22.65 -20.35
CA LEU G 110 -14.82 -23.53 -19.99
C LEU G 110 -14.39 -24.98 -19.76
N ARG G 111 -13.76 -25.59 -20.77
CA ARG G 111 -13.36 -26.99 -20.69
C ARG G 111 -12.06 -27.25 -21.45
N GLY G 112 -11.40 -28.33 -21.10
CA GLY G 112 -10.23 -28.79 -21.81
C GLY G 112 -10.41 -30.25 -22.19
N TYR G 113 -9.74 -30.67 -23.26
CA TYR G 113 -9.83 -32.05 -23.71
C TYR G 113 -8.45 -32.59 -24.05
N HIS G 114 -8.29 -33.90 -23.90
CA HIS G 114 -7.11 -34.60 -24.35
C HIS G 114 -7.40 -36.09 -24.38
N GLN G 115 -7.63 -36.63 -25.57
CA GLN G 115 -8.03 -38.02 -25.67
C GLN G 115 -7.42 -38.74 -26.86
N TYR G 116 -7.42 -40.06 -26.78
CA TYR G 116 -6.83 -40.93 -27.78
C TYR G 116 -7.83 -42.01 -28.18
N ALA G 117 -7.70 -42.49 -29.41
CA ALA G 117 -8.51 -43.60 -29.89
C ALA G 117 -7.62 -44.56 -30.67
N TYR G 118 -7.87 -45.86 -30.51
CA TYR G 118 -7.13 -46.86 -31.25
C TYR G 118 -8.07 -47.63 -32.16
N ASP G 119 -7.76 -47.63 -33.45
CA ASP G 119 -8.62 -48.24 -34.47
C ASP G 119 -10.09 -47.82 -34.33
N GLY G 120 -10.31 -46.52 -34.18
CA GLY G 120 -11.65 -45.96 -34.21
C GLY G 120 -12.42 -45.98 -32.90
N LYS G 121 -11.88 -46.61 -31.86
CA LYS G 121 -12.56 -46.60 -30.57
C LYS G 121 -11.75 -45.99 -29.43
N ASP G 122 -12.48 -45.39 -28.48
CA ASP G 122 -11.88 -44.78 -27.31
C ASP G 122 -10.80 -45.66 -26.70
N TYR G 123 -9.65 -45.06 -26.41
CA TYR G 123 -8.58 -45.77 -25.73
C TYR G 123 -8.30 -45.15 -24.36
N ILE G 124 -7.89 -43.89 -24.35
CA ILE G 124 -7.72 -43.20 -23.07
C ILE G 124 -8.13 -41.73 -23.20
N ALA G 125 -8.78 -41.21 -22.16
CA ALA G 125 -9.24 -39.83 -22.20
C ALA G 125 -9.09 -39.11 -20.86
N LEU G 126 -8.56 -37.90 -20.91
CA LEU G 126 -8.53 -37.02 -19.75
C LEU G 126 -9.97 -36.66 -19.38
N LYS G 127 -10.32 -36.75 -18.11
CA LYS G 127 -11.67 -36.42 -17.68
C LYS G 127 -11.87 -34.91 -17.57
N GLU G 128 -13.12 -34.50 -17.36
CA GLU G 128 -13.46 -33.09 -17.30
C GLU G 128 -12.71 -32.34 -16.20
N ASP G 129 -12.43 -33.00 -15.09
CA ASP G 129 -11.69 -32.36 -14.00
C ASP G 129 -10.22 -32.13 -14.33
N LEU G 130 -9.80 -32.64 -15.49
CA LEU G 130 -8.42 -32.53 -15.95
C LEU G 130 -7.43 -33.09 -14.93
N ARG G 131 -7.93 -33.97 -14.07
CA ARG G 131 -7.11 -34.53 -12.99
C ARG G 131 -7.12 -36.06 -12.99
N SER G 132 -7.99 -36.65 -13.80
CA SER G 132 -8.15 -38.10 -13.81
C SER G 132 -8.28 -38.63 -15.24
N TRP G 133 -8.06 -39.93 -15.40
CA TRP G 133 -8.10 -40.56 -16.71
C TRP G 133 -9.19 -41.62 -16.81
N THR G 134 -9.81 -41.71 -17.97
CA THR G 134 -10.77 -42.76 -18.27
C THR G 134 -10.11 -43.80 -19.15
N ALA G 135 -9.90 -44.98 -18.60
CA ALA G 135 -9.36 -46.11 -19.35
C ALA G 135 -10.37 -47.24 -19.30
N ALA G 136 -10.70 -47.79 -20.46
CA ALA G 136 -11.70 -48.85 -20.50
C ALA G 136 -11.11 -50.26 -20.29
N ASP G 137 -10.09 -50.62 -21.05
CA ASP G 137 -9.51 -51.96 -20.95
C ASP G 137 -8.17 -51.98 -20.20
N MET G 138 -7.52 -53.14 -20.21
CA MET G 138 -6.28 -53.35 -19.46
C MET G 138 -5.12 -52.62 -20.10
N ALA G 139 -5.08 -52.63 -21.43
CA ALA G 139 -4.06 -51.89 -22.15
C ALA G 139 -4.09 -50.43 -21.73
N ALA G 140 -5.23 -49.79 -21.92
CA ALA G 140 -5.38 -48.39 -21.55
C ALA G 140 -4.99 -48.17 -20.09
N GLN G 141 -5.39 -49.09 -19.21
CA GLN G 141 -5.05 -48.96 -17.80
C GLN G 141 -3.55 -48.90 -17.59
N THR G 142 -2.81 -49.68 -18.38
CA THR G 142 -1.35 -49.68 -18.30
C THR G 142 -0.81 -48.30 -18.64
N THR G 143 -1.33 -47.74 -19.74
CA THR G 143 -0.99 -46.38 -20.16
C THR G 143 -1.35 -45.38 -19.07
N LYS G 144 -2.55 -45.53 -18.51
CA LYS G 144 -3.02 -44.67 -17.42
C LYS G 144 -2.04 -44.66 -16.25
N HIS G 145 -1.45 -45.82 -15.96
CA HIS G 145 -0.46 -45.90 -14.86
C HIS G 145 0.83 -45.15 -15.19
N LYS G 146 1.35 -45.33 -16.39
CA LYS G 146 2.51 -44.55 -16.84
C LYS G 146 2.25 -43.07 -16.59
N TRP G 147 1.07 -42.64 -16.99
CA TRP G 147 0.76 -41.22 -17.08
C TRP G 147 0.49 -40.62 -15.70
N GLU G 148 -0.02 -41.43 -14.80
CA GLU G 148 -0.19 -41.02 -13.41
C GLU G 148 1.16 -40.80 -12.74
N ALA G 149 2.12 -41.68 -13.06
CA ALA G 149 3.45 -41.64 -12.45
C ALA G 149 4.30 -40.51 -13.04
N ALA G 150 4.05 -40.19 -14.30
CA ALA G 150 4.77 -39.13 -14.98
C ALA G 150 4.05 -37.79 -14.81
N HIS G 151 2.93 -37.83 -14.09
CA HIS G 151 2.12 -36.64 -13.83
C HIS G 151 1.79 -35.89 -15.12
N VAL G 152 1.38 -36.64 -16.14
CA VAL G 152 0.96 -36.09 -17.42
C VAL G 152 -0.23 -35.15 -17.30
N ALA G 153 -1.24 -35.55 -16.55
CA ALA G 153 -2.45 -34.74 -16.40
C ALA G 153 -2.14 -33.29 -15.99
N GLU G 154 -1.19 -33.13 -15.07
CA GLU G 154 -0.86 -31.81 -14.54
C GLU G 154 -0.26 -30.89 -15.60
N GLN G 155 0.63 -31.44 -16.41
CA GLN G 155 1.26 -30.66 -17.47
C GLN G 155 0.24 -30.32 -18.56
N LEU G 156 -0.61 -31.29 -18.89
CA LEU G 156 -1.67 -31.05 -19.87
C LEU G 156 -2.68 -30.02 -19.37
N ARG G 157 -2.98 -30.03 -18.08
CA ARG G 157 -3.90 -29.06 -17.52
C ARG G 157 -3.36 -27.64 -17.65
N ALA G 158 -2.06 -27.48 -17.41
CA ALA G 158 -1.43 -26.18 -17.50
C ALA G 158 -1.59 -25.60 -18.91
N TYR G 159 -1.33 -26.44 -19.92
CA TYR G 159 -1.46 -26.01 -21.30
C TYR G 159 -2.90 -25.66 -21.66
N LEU G 160 -3.84 -26.50 -21.23
CA LEU G 160 -5.25 -26.35 -21.59
C LEU G 160 -5.91 -25.11 -21.00
N GLU G 161 -5.55 -24.75 -19.77
CA GLU G 161 -6.10 -23.56 -19.12
C GLU G 161 -5.23 -22.35 -19.41
N GLY G 162 -4.02 -22.60 -19.90
CA GLY G 162 -3.05 -21.55 -20.10
C GLY G 162 -2.87 -21.20 -21.56
N THR G 163 -1.76 -21.66 -22.13
CA THR G 163 -1.41 -21.31 -23.51
C THR G 163 -2.49 -21.67 -24.54
N CYS G 164 -3.24 -22.74 -24.32
CA CYS G 164 -4.30 -23.11 -25.26
C CYS G 164 -5.37 -22.01 -25.33
N VAL G 165 -5.85 -21.58 -24.16
CA VAL G 165 -6.82 -20.49 -24.07
C VAL G 165 -6.21 -19.18 -24.55
N GLU G 166 -5.00 -18.92 -24.07
CA GLU G 166 -4.26 -17.71 -24.39
C GLU G 166 -4.13 -17.50 -25.90
N TRP G 167 -3.79 -18.57 -26.60
CA TRP G 167 -3.54 -18.48 -28.03
C TRP G 167 -4.81 -18.58 -28.86
N LEU G 168 -5.83 -19.24 -28.32
CA LEU G 168 -7.14 -19.20 -28.93
C LEU G 168 -7.62 -17.74 -29.01
N ARG G 169 -7.47 -17.01 -27.90
CA ARG G 169 -7.83 -15.60 -27.89
C ARG G 169 -7.06 -14.81 -28.95
N ARG G 170 -5.75 -15.03 -29.04
CA ARG G 170 -4.94 -14.33 -30.02
C ARG G 170 -5.41 -14.60 -31.44
N TYR G 171 -5.72 -15.86 -31.75
CA TYR G 171 -6.22 -16.22 -33.08
C TYR G 171 -7.54 -15.52 -33.34
N LEU G 172 -8.41 -15.52 -32.33
CA LEU G 172 -9.69 -14.83 -32.45
C LEU G 172 -9.48 -13.35 -32.82
N GLU G 173 -8.53 -12.72 -32.15
CA GLU G 173 -8.23 -11.31 -32.41
C GLU G 173 -7.62 -11.10 -33.80
N ASN G 174 -6.52 -11.80 -34.09
CA ASN G 174 -5.84 -11.70 -35.37
C ASN G 174 -6.76 -11.97 -36.57
N GLY G 175 -7.66 -12.95 -36.41
CA GLY G 175 -8.58 -13.31 -37.47
C GLY G 175 -9.99 -12.81 -37.19
N LYS G 176 -10.08 -11.63 -36.60
CA LYS G 176 -11.37 -11.07 -36.17
C LYS G 176 -12.41 -11.06 -37.27
N GLU G 177 -12.04 -10.62 -38.47
CA GLU G 177 -13.00 -10.50 -39.55
C GLU G 177 -13.60 -11.85 -39.94
N THR G 178 -12.82 -12.91 -39.74
CA THR G 178 -13.23 -14.26 -40.11
C THR G 178 -13.83 -15.02 -38.92
N LEU G 179 -13.11 -15.00 -37.80
CA LEU G 179 -13.47 -15.85 -36.67
C LEU G 179 -14.53 -15.24 -35.75
N GLN G 180 -14.63 -13.91 -35.74
CA GLN G 180 -15.61 -13.25 -34.88
C GLN G 180 -16.83 -12.78 -35.66
N ARG G 181 -17.01 -13.34 -36.86
CA ARG G 181 -18.15 -12.98 -37.69
C ARG G 181 -19.34 -13.89 -37.42
N THR G 182 -20.53 -13.40 -37.72
CA THR G 182 -21.72 -14.23 -37.63
C THR G 182 -22.56 -14.08 -38.89
N ASP G 183 -22.48 -15.08 -39.77
CA ASP G 183 -23.26 -15.08 -41.00
C ASP G 183 -24.59 -15.81 -40.78
N ALA G 184 -25.66 -15.05 -40.60
CA ALA G 184 -27.00 -15.60 -40.53
C ALA G 184 -27.32 -16.36 -41.81
N PRO G 185 -27.99 -17.52 -41.69
CA PRO G 185 -28.32 -18.35 -42.86
C PRO G 185 -29.20 -17.62 -43.87
N LYS G 186 -28.93 -17.85 -45.15
CA LYS G 186 -29.83 -17.43 -46.20
C LYS G 186 -30.80 -18.58 -46.43
N THR G 187 -32.08 -18.34 -46.20
CA THR G 187 -33.08 -19.41 -46.26
C THR G 187 -34.02 -19.27 -47.42
N HIS G 188 -34.46 -20.41 -47.94
CA HIS G 188 -35.48 -20.42 -48.98
C HIS G 188 -36.07 -21.83 -49.08
N MET G 189 -37.15 -21.95 -49.84
CA MET G 189 -37.91 -23.19 -49.89
C MET G 189 -38.11 -23.60 -51.34
N THR G 190 -37.96 -24.89 -51.63
CA THR G 190 -38.24 -25.42 -52.95
C THR G 190 -39.40 -26.40 -52.90
N HIS G 191 -40.13 -26.51 -54.00
CA HIS G 191 -41.31 -27.36 -54.09
C HIS G 191 -41.27 -28.16 -55.39
N HIS G 192 -41.19 -29.48 -55.29
CA HIS G 192 -41.17 -30.32 -56.48
C HIS G 192 -42.17 -31.47 -56.39
N ALA G 193 -42.87 -31.73 -57.49
CA ALA G 193 -43.88 -32.80 -57.50
C ALA G 193 -43.24 -34.15 -57.79
N VAL G 194 -43.23 -35.01 -56.79
CA VAL G 194 -42.76 -36.38 -56.95
C VAL G 194 -43.80 -37.16 -57.75
N SER G 195 -45.06 -36.76 -57.58
CA SER G 195 -46.17 -37.33 -58.34
C SER G 195 -47.29 -36.32 -58.40
N ASP G 196 -48.51 -36.79 -58.63
CA ASP G 196 -49.66 -35.91 -58.70
C ASP G 196 -50.43 -35.88 -57.37
N HIS G 197 -50.03 -36.75 -56.46
CA HIS G 197 -50.66 -36.83 -55.15
C HIS G 197 -49.75 -36.32 -54.03
N GLU G 198 -48.48 -36.12 -54.34
CA GLU G 198 -47.51 -35.68 -53.34
C GLU G 198 -46.43 -34.76 -53.92
N ALA G 199 -45.86 -33.92 -53.07
CA ALA G 199 -44.76 -33.06 -53.47
C ALA G 199 -43.70 -32.94 -52.36
N THR G 200 -42.45 -32.79 -52.76
CA THR G 200 -41.35 -32.58 -51.83
C THR G 200 -41.21 -31.09 -51.50
N LEU G 201 -41.21 -30.78 -50.20
CA LEU G 201 -40.97 -29.43 -49.73
C LEU G 201 -39.61 -29.41 -49.04
N ARG G 202 -38.66 -28.69 -49.61
CA ARG G 202 -37.31 -28.63 -49.05
C ARG G 202 -36.98 -27.23 -48.53
N CYS G 203 -36.54 -27.17 -47.27
CA CYS G 203 -36.16 -25.91 -46.63
C CYS G 203 -34.64 -25.79 -46.57
N TRP G 204 -34.11 -24.69 -47.11
CA TRP G 204 -32.67 -24.50 -47.26
C TRP G 204 -32.07 -23.47 -46.30
N ALA G 205 -30.94 -23.83 -45.69
CA ALA G 205 -30.10 -22.84 -45.00
C ALA G 205 -28.72 -22.79 -45.66
N LEU G 206 -28.31 -21.60 -46.11
CA LEU G 206 -27.09 -21.46 -46.92
C LEU G 206 -26.18 -20.33 -46.46
N SER G 207 -24.88 -20.49 -46.72
CA SER G 207 -23.89 -19.45 -46.46
C SER G 207 -23.90 -18.95 -45.03
N PHE G 208 -23.99 -19.86 -44.06
CA PHE G 208 -24.00 -19.45 -42.66
C PHE G 208 -22.74 -19.89 -41.93
N TYR G 209 -22.46 -19.19 -40.83
CA TYR G 209 -21.31 -19.45 -39.98
C TYR G 209 -21.62 -18.92 -38.58
N PRO G 210 -21.25 -19.67 -37.53
CA PRO G 210 -20.60 -20.98 -37.59
C PRO G 210 -21.56 -22.11 -37.97
N ALA G 211 -21.08 -23.35 -37.89
CA ALA G 211 -21.79 -24.52 -38.40
C ALA G 211 -23.05 -24.91 -37.63
N GLU G 212 -23.02 -24.75 -36.30
CA GLU G 212 -24.14 -25.12 -35.45
C GLU G 212 -25.43 -24.46 -35.91
N ILE G 213 -26.43 -25.26 -36.24
CA ILE G 213 -27.74 -24.75 -36.66
C ILE G 213 -28.85 -25.73 -36.34
N THR G 214 -30.06 -25.23 -36.18
CA THR G 214 -31.23 -26.08 -35.97
C THR G 214 -32.25 -25.90 -37.08
N LEU G 215 -32.60 -27.00 -37.74
CA LEU G 215 -33.45 -26.97 -38.92
C LEU G 215 -34.57 -28.01 -38.80
N THR G 216 -35.80 -27.53 -38.62
CA THR G 216 -36.91 -28.41 -38.27
C THR G 216 -38.18 -28.17 -39.09
N TRP G 217 -38.91 -29.26 -39.39
CA TRP G 217 -40.22 -29.16 -40.01
C TRP G 217 -41.32 -29.46 -39.00
N GLN G 218 -42.44 -28.75 -39.14
CA GLN G 218 -43.62 -29.02 -38.33
C GLN G 218 -44.87 -29.05 -39.19
N ARG G 219 -45.85 -29.85 -38.77
CA ARG G 219 -47.15 -29.87 -39.42
C ARG G 219 -48.20 -29.51 -38.39
N ASP G 220 -48.81 -28.34 -38.58
CA ASP G 220 -49.77 -27.81 -37.60
C ASP G 220 -49.17 -27.80 -36.20
N GLY G 221 -47.90 -27.41 -36.10
CA GLY G 221 -47.27 -27.22 -34.81
C GLY G 221 -46.58 -28.43 -34.21
N GLU G 222 -46.84 -29.62 -34.76
CA GLU G 222 -46.24 -30.84 -34.20
C GLU G 222 -44.97 -31.25 -34.93
N ASP G 223 -44.00 -31.74 -34.18
CA ASP G 223 -42.69 -32.11 -34.73
C ASP G 223 -42.81 -33.23 -35.75
N GLN G 224 -42.04 -33.12 -36.83
CA GLN G 224 -42.05 -34.13 -37.89
C GLN G 224 -40.68 -34.80 -38.03
N THR G 225 -40.01 -34.97 -36.91
CA THR G 225 -38.64 -35.51 -36.93
C THR G 225 -38.51 -36.79 -37.74
N GLN G 226 -39.37 -37.78 -37.45
CA GLN G 226 -39.26 -39.08 -38.09
C GLN G 226 -39.68 -39.08 -39.55
N ASP G 227 -40.39 -38.03 -39.96
CA ASP G 227 -40.81 -37.93 -41.35
C ASP G 227 -40.03 -36.87 -42.09
N THR G 228 -38.95 -36.39 -41.47
CA THR G 228 -38.11 -35.38 -42.09
C THR G 228 -36.79 -35.96 -42.63
N GLU G 229 -36.51 -35.65 -43.89
CA GLU G 229 -35.21 -35.96 -44.49
C GLU G 229 -34.27 -34.82 -44.16
N LEU G 230 -33.35 -35.07 -43.23
CA LEU G 230 -32.43 -34.03 -42.75
C LEU G 230 -30.98 -34.40 -43.07
N VAL G 231 -30.31 -33.57 -43.87
CA VAL G 231 -28.92 -33.86 -44.22
C VAL G 231 -27.94 -33.30 -43.19
N GLU G 232 -26.76 -33.91 -43.14
CA GLU G 232 -25.70 -33.45 -42.25
C GLU G 232 -25.22 -32.06 -42.69
N THR G 233 -25.02 -31.18 -41.71
CA THR G 233 -24.48 -29.86 -42.01
C THR G 233 -23.18 -30.03 -42.80
N ARG G 234 -23.02 -29.28 -43.89
CA ARG G 234 -21.92 -29.53 -44.82
C ARG G 234 -21.22 -28.24 -45.25
N PRO G 235 -19.89 -28.30 -45.44
CA PRO G 235 -19.11 -27.11 -45.84
C PRO G 235 -19.33 -26.72 -47.30
N ALA G 236 -19.54 -25.43 -47.54
CA ALA G 236 -19.72 -24.92 -48.90
C ALA G 236 -18.37 -24.83 -49.62
N GLY G 237 -17.29 -24.85 -48.84
CA GLY G 237 -15.95 -24.77 -49.38
C GLY G 237 -15.36 -23.36 -49.29
N ASP G 238 -16.18 -22.40 -48.93
CA ASP G 238 -15.73 -21.01 -48.84
C ASP G 238 -15.70 -20.53 -47.40
N GLY G 239 -15.76 -21.46 -46.47
CA GLY G 239 -15.78 -21.12 -45.06
C GLY G 239 -17.19 -20.97 -44.51
N THR G 240 -18.20 -21.15 -45.34
CA THR G 240 -19.58 -21.20 -44.85
C THR G 240 -20.13 -22.62 -44.92
N PHE G 241 -21.28 -22.84 -44.28
CA PHE G 241 -21.90 -24.15 -44.27
C PHE G 241 -23.31 -24.14 -44.85
N GLN G 242 -23.83 -25.32 -45.14
CA GLN G 242 -25.18 -25.49 -45.67
C GLN G 242 -25.90 -26.62 -44.94
N LYS G 243 -27.22 -26.63 -45.05
CA LYS G 243 -28.03 -27.71 -44.51
C LYS G 243 -29.43 -27.57 -45.08
N TRP G 244 -30.10 -28.70 -45.34
CA TRP G 244 -31.52 -28.64 -45.68
C TRP G 244 -32.35 -29.72 -45.02
N ALA G 245 -33.63 -29.44 -44.83
CA ALA G 245 -34.58 -30.43 -44.36
C ALA G 245 -35.75 -30.51 -45.33
N ALA G 246 -36.18 -31.73 -45.64
CA ALA G 246 -37.29 -31.92 -46.57
C ALA G 246 -38.39 -32.82 -46.02
N VAL G 247 -39.62 -32.53 -46.41
CA VAL G 247 -40.76 -33.38 -46.07
C VAL G 247 -41.61 -33.66 -47.30
N VAL G 248 -42.26 -34.82 -47.33
CA VAL G 248 -43.19 -35.14 -48.39
C VAL G 248 -44.58 -34.70 -47.98
N VAL G 249 -45.18 -33.82 -48.77
CA VAL G 249 -46.46 -33.22 -48.44
C VAL G 249 -47.55 -33.68 -49.40
N PRO G 250 -48.67 -34.19 -48.85
CA PRO G 250 -49.80 -34.62 -49.68
C PRO G 250 -50.51 -33.42 -50.28
N SER G 251 -51.26 -33.66 -51.36
CA SER G 251 -51.92 -32.60 -52.11
C SER G 251 -52.74 -31.66 -51.22
N GLY G 252 -52.53 -30.36 -51.40
CA GLY G 252 -53.31 -29.34 -50.72
C GLY G 252 -53.01 -29.19 -49.24
N GLN G 253 -51.86 -29.67 -48.80
CA GLN G 253 -51.51 -29.54 -47.39
C GLN G 253 -50.30 -28.62 -47.15
N GLU G 254 -49.77 -28.04 -48.22
CA GLU G 254 -48.60 -27.17 -48.10
C GLU G 254 -48.69 -26.20 -46.93
N GLN G 255 -49.83 -25.53 -46.78
CA GLN G 255 -49.94 -24.49 -45.76
C GLN G 255 -49.96 -25.02 -44.33
N ARG G 256 -50.10 -26.34 -44.18
CA ARG G 256 -50.03 -26.96 -42.86
C ARG G 256 -48.59 -26.99 -42.32
N TYR G 257 -47.62 -26.94 -43.22
CA TYR G 257 -46.21 -27.13 -42.84
C TYR G 257 -45.44 -25.83 -42.57
N THR G 258 -44.60 -25.86 -41.54
CA THR G 258 -43.72 -24.73 -41.24
C THR G 258 -42.27 -25.20 -41.05
N CYS G 259 -41.34 -24.47 -41.67
CA CYS G 259 -39.92 -24.74 -41.47
C CYS G 259 -39.36 -23.80 -40.43
N HIS G 260 -38.64 -24.37 -39.46
CA HIS G 260 -38.12 -23.58 -38.36
C HIS G 260 -36.59 -23.57 -38.35
N VAL G 261 -36.02 -22.38 -38.26
CA VAL G 261 -34.58 -22.20 -38.33
C VAL G 261 -34.02 -21.45 -37.12
N GLN G 262 -33.06 -22.06 -36.45
CA GLN G 262 -32.37 -21.44 -35.32
C GLN G 262 -30.88 -21.34 -35.61
N HIS G 263 -30.33 -20.15 -35.46
CA HIS G 263 -28.90 -19.94 -35.68
C HIS G 263 -28.40 -18.71 -34.95
N GLU G 264 -27.13 -18.75 -34.54
CA GLU G 264 -26.50 -17.67 -33.79
C GLU G 264 -26.71 -16.31 -34.46
N GLY G 265 -26.81 -16.31 -35.78
CA GLY G 265 -26.96 -15.09 -36.55
C GLY G 265 -28.37 -14.55 -36.63
N LEU G 266 -29.35 -15.33 -36.18
CA LEU G 266 -30.74 -14.90 -36.20
C LEU G 266 -31.20 -14.46 -34.81
N PRO G 267 -31.62 -13.19 -34.69
CA PRO G 267 -32.14 -12.67 -33.42
C PRO G 267 -33.28 -13.57 -32.92
N LYS G 268 -34.31 -13.74 -33.76
CA LYS G 268 -35.42 -14.61 -33.43
C LYS G 268 -35.45 -15.81 -34.38
N PRO G 269 -35.80 -16.99 -33.85
CA PRO G 269 -35.92 -18.20 -34.69
C PRO G 269 -36.88 -17.94 -35.85
N LEU G 270 -36.48 -18.32 -37.05
CA LEU G 270 -37.29 -18.08 -38.24
C LEU G 270 -38.36 -19.15 -38.44
N THR G 271 -39.52 -18.71 -38.91
CA THR G 271 -40.60 -19.61 -39.26
C THR G 271 -40.95 -19.42 -40.73
N LEU G 272 -40.70 -20.44 -41.55
CA LEU G 272 -40.99 -20.35 -42.98
C LEU G 272 -42.16 -21.24 -43.36
N ARG G 273 -43.03 -20.70 -44.22
CA ARG G 273 -44.17 -21.45 -44.72
C ARG G 273 -44.29 -21.24 -46.23
N TRP G 274 -44.54 -22.33 -46.95
CA TRP G 274 -44.76 -22.22 -48.39
C TRP G 274 -46.14 -21.63 -48.61
N GLU G 275 -46.20 -20.47 -49.26
CA GLU G 275 -47.47 -19.78 -49.49
C GLU G 275 -47.40 -18.78 -50.64
N MET H 1 -11.85 -55.38 -36.91
CA MET H 1 -11.89 -54.13 -36.18
C MET H 1 -12.95 -53.17 -36.74
N ILE H 2 -13.15 -52.05 -36.05
CA ILE H 2 -14.18 -51.08 -36.44
C ILE H 2 -14.06 -50.66 -37.90
N GLN H 3 -15.20 -50.60 -38.57
CA GLN H 3 -15.30 -50.11 -39.94
C GLN H 3 -16.61 -49.37 -40.07
N ARG H 4 -16.54 -48.09 -40.44
CA ARG H 4 -17.73 -47.28 -40.60
C ARG H 4 -17.83 -46.76 -42.03
N THR H 5 -19.00 -46.90 -42.63
CA THR H 5 -19.17 -46.56 -44.04
C THR H 5 -19.36 -45.06 -44.26
N PRO H 6 -18.75 -44.53 -45.32
CA PRO H 6 -18.83 -43.09 -45.57
C PRO H 6 -20.24 -42.64 -45.95
N LYS H 7 -20.72 -41.61 -45.27
CA LYS H 7 -21.87 -40.87 -45.76
C LYS H 7 -21.35 -39.99 -46.91
N ILE H 8 -22.20 -39.75 -47.90
CA ILE H 8 -21.79 -39.03 -49.09
C ILE H 8 -22.81 -37.98 -49.48
N GLN H 9 -22.35 -36.75 -49.69
CA GLN H 9 -23.18 -35.70 -50.27
C GLN H 9 -22.46 -35.10 -51.47
N VAL H 10 -23.19 -34.98 -52.59
CA VAL H 10 -22.66 -34.26 -53.76
C VAL H 10 -23.46 -33.00 -53.96
N TYR H 11 -22.79 -31.87 -54.11
CA TYR H 11 -23.50 -30.59 -54.16
C TYR H 11 -22.63 -29.45 -54.65
N SER H 12 -23.28 -28.35 -55.02
CA SER H 12 -22.56 -27.16 -55.46
C SER H 12 -22.45 -26.13 -54.35
N ARG H 13 -21.39 -25.33 -54.40
CA ARG H 13 -21.13 -24.31 -53.39
C ARG H 13 -22.22 -23.25 -53.38
N HIS H 14 -22.58 -22.78 -54.57
CA HIS H 14 -23.66 -21.82 -54.75
C HIS H 14 -24.79 -22.51 -55.47
N PRO H 15 -26.02 -22.01 -55.30
CA PRO H 15 -27.14 -22.57 -56.06
C PRO H 15 -26.78 -22.65 -57.54
N ALA H 16 -27.14 -23.76 -58.18
CA ALA H 16 -26.79 -23.97 -59.57
C ALA H 16 -27.52 -23.02 -60.51
N GLU H 17 -26.75 -22.27 -61.31
CA GLU H 17 -27.31 -21.50 -62.42
C GLU H 17 -26.53 -21.82 -63.68
N ASN H 18 -27.22 -22.32 -64.69
CA ASN H 18 -26.56 -22.71 -65.92
C ASN H 18 -25.72 -21.57 -66.52
N GLY H 19 -24.51 -21.92 -66.93
CA GLY H 19 -23.61 -20.95 -67.53
C GLY H 19 -22.81 -20.13 -66.55
N LYS H 20 -23.03 -20.33 -65.25
CA LYS H 20 -22.33 -19.53 -64.24
C LYS H 20 -21.34 -20.33 -63.38
N SER H 21 -20.19 -19.71 -63.13
CA SER H 21 -19.12 -20.31 -62.32
C SER H 21 -19.60 -20.85 -60.98
N ASN H 22 -18.92 -21.89 -60.49
CA ASN H 22 -19.34 -22.58 -59.28
C ASN H 22 -18.30 -23.61 -58.85
N PHE H 23 -18.54 -24.27 -57.73
CA PHE H 23 -17.69 -25.36 -57.28
C PHE H 23 -18.53 -26.61 -57.05
N LEU H 24 -18.08 -27.73 -57.58
CA LEU H 24 -18.72 -29.01 -57.34
C LEU H 24 -18.07 -29.68 -56.14
N ASN H 25 -18.87 -29.99 -55.13
CA ASN H 25 -18.39 -30.58 -53.89
C ASN H 25 -18.84 -32.03 -53.71
N CYS H 26 -17.95 -32.85 -53.16
CA CYS H 26 -18.35 -34.15 -52.63
C CYS H 26 -17.82 -34.30 -51.21
N TYR H 27 -18.73 -34.31 -50.25
CA TYR H 27 -18.37 -34.37 -48.84
C TYR H 27 -18.57 -35.79 -48.34
N VAL H 28 -17.47 -36.42 -47.92
CA VAL H 28 -17.52 -37.77 -47.37
C VAL H 28 -17.23 -37.69 -45.87
N SER H 29 -18.09 -38.30 -45.07
CA SER H 29 -17.97 -38.17 -43.62
C SER H 29 -18.37 -39.44 -42.88
N GLY H 30 -17.93 -39.55 -41.63
CA GLY H 30 -18.33 -40.64 -40.77
C GLY H 30 -17.77 -41.99 -41.18
N PHE H 31 -16.59 -41.99 -41.77
CA PHE H 31 -15.98 -43.25 -42.18
C PHE H 31 -14.75 -43.62 -41.35
N HIS H 32 -14.43 -44.91 -41.36
CA HIS H 32 -13.27 -45.45 -40.68
C HIS H 32 -13.03 -46.83 -41.28
N PRO H 33 -11.77 -47.17 -41.57
CA PRO H 33 -10.53 -46.39 -41.45
C PRO H 33 -10.45 -45.23 -42.46
N SER H 34 -9.31 -44.54 -42.47
CA SER H 34 -9.19 -43.29 -43.23
C SER H 34 -8.93 -43.49 -44.72
N ASP H 35 -8.41 -44.66 -45.10
CA ASP H 35 -8.19 -44.96 -46.50
C ASP H 35 -9.51 -44.93 -47.27
N ILE H 36 -9.57 -44.11 -48.31
CA ILE H 36 -10.79 -43.94 -49.07
C ILE H 36 -10.50 -43.33 -50.43
N GLU H 37 -11.27 -43.74 -51.43
CA GLU H 37 -11.10 -43.21 -52.78
C GLU H 37 -12.32 -42.41 -53.21
N VAL H 38 -12.09 -41.17 -53.65
CA VAL H 38 -13.17 -40.29 -54.05
C VAL H 38 -12.89 -39.64 -55.41
N ASP H 39 -13.81 -39.83 -56.36
CA ASP H 39 -13.68 -39.23 -57.69
C ASP H 39 -14.90 -38.38 -58.03
N LEU H 40 -14.67 -37.27 -58.71
CA LEU H 40 -15.76 -36.45 -59.25
C LEU H 40 -15.93 -36.76 -60.74
N LEU H 41 -17.17 -36.98 -61.16
CA LEU H 41 -17.44 -37.43 -62.52
C LEU H 41 -18.22 -36.40 -63.33
N LYS H 42 -17.72 -36.10 -64.53
CA LYS H 42 -18.45 -35.29 -65.50
C LYS H 42 -18.83 -36.17 -66.68
N ASN H 43 -20.11 -36.49 -66.79
CA ASN H 43 -20.57 -37.38 -67.86
C ASN H 43 -19.85 -38.73 -67.82
N GLY H 44 -19.90 -39.37 -66.64
CA GLY H 44 -19.33 -40.69 -66.46
C GLY H 44 -17.82 -40.76 -66.42
N GLU H 45 -17.14 -39.65 -66.71
CA GLU H 45 -15.69 -39.65 -66.78
C GLU H 45 -15.02 -38.88 -65.64
N ARG H 46 -14.03 -39.50 -65.02
CA ARG H 46 -13.30 -38.90 -63.91
C ARG H 46 -12.78 -37.52 -64.25
N ILE H 47 -12.89 -36.60 -63.29
CA ILE H 47 -12.31 -35.26 -63.43
C ILE H 47 -10.92 -35.23 -62.79
N GLU H 48 -9.94 -34.72 -63.55
CA GLU H 48 -8.53 -34.80 -63.14
C GLU H 48 -8.07 -33.71 -62.17
N LYS H 49 -8.70 -32.54 -62.21
CA LYS H 49 -8.28 -31.42 -61.39
C LYS H 49 -9.14 -31.31 -60.12
N VAL H 50 -8.97 -32.26 -59.22
CA VAL H 50 -9.79 -32.30 -58.00
C VAL H 50 -8.92 -32.15 -56.75
N GLU H 51 -9.28 -31.19 -55.91
CA GLU H 51 -8.60 -30.99 -54.63
C GLU H 51 -9.44 -31.54 -53.48
N HIS H 52 -8.80 -31.74 -52.33
CA HIS H 52 -9.51 -32.16 -51.14
C HIS H 52 -8.95 -31.51 -49.90
N SER H 53 -9.76 -31.43 -48.85
CA SER H 53 -9.33 -30.85 -47.60
C SER H 53 -8.36 -31.80 -46.89
N ASP H 54 -7.72 -31.30 -45.85
CA ASP H 54 -6.80 -32.11 -45.05
C ASP H 54 -7.58 -33.04 -44.12
N LEU H 55 -7.15 -34.30 -44.06
CA LEU H 55 -7.82 -35.29 -43.22
C LEU H 55 -8.10 -34.81 -41.81
N SER H 56 -9.36 -34.90 -41.40
CA SER H 56 -9.77 -34.54 -40.05
C SER H 56 -10.87 -35.50 -39.59
N PHE H 57 -11.31 -35.38 -38.34
CA PHE H 57 -12.34 -36.28 -37.83
C PHE H 57 -13.28 -35.64 -36.80
N SER H 58 -14.43 -36.29 -36.59
CA SER H 58 -15.45 -35.79 -35.68
C SER H 58 -15.20 -36.26 -34.25
N LYS H 59 -16.10 -35.86 -33.35
CA LYS H 59 -16.01 -36.22 -31.94
C LYS H 59 -16.01 -37.73 -31.74
N ASP H 60 -16.70 -38.44 -32.61
CA ASP H 60 -16.81 -39.89 -32.51
C ASP H 60 -15.65 -40.62 -33.18
N TRP H 61 -14.63 -39.86 -33.57
CA TRP H 61 -13.43 -40.40 -34.19
C TRP H 61 -13.58 -40.76 -35.68
N SER H 62 -14.76 -40.55 -36.25
CA SER H 62 -14.95 -40.87 -37.67
C SER H 62 -14.43 -39.73 -38.56
N PHE H 63 -13.85 -40.11 -39.69
CA PHE H 63 -13.16 -39.16 -40.57
C PHE H 63 -14.10 -38.40 -41.51
N TYR H 64 -13.68 -37.22 -41.94
CA TYR H 64 -14.36 -36.48 -43.02
C TYR H 64 -13.39 -35.79 -43.98
N LEU H 65 -13.78 -35.75 -45.24
CA LEU H 65 -13.02 -35.07 -46.30
C LEU H 65 -13.96 -34.32 -47.22
N LEU H 66 -13.54 -33.15 -47.67
CA LEU H 66 -14.27 -32.44 -48.73
C LEU H 66 -13.46 -32.47 -50.02
N TYR H 67 -14.06 -33.08 -51.05
CA TYR H 67 -13.47 -33.03 -52.38
C TYR H 67 -14.18 -31.96 -53.20
N TYR H 68 -13.44 -31.26 -54.03
CA TYR H 68 -14.01 -30.14 -54.77
C TYR H 68 -13.27 -29.81 -56.05
N THR H 69 -13.97 -29.18 -56.97
CA THR H 69 -13.40 -28.77 -58.24
C THR H 69 -14.27 -27.65 -58.82
N GLU H 70 -13.66 -26.78 -59.60
CA GLU H 70 -14.42 -25.72 -60.26
C GLU H 70 -15.26 -26.33 -61.36
N PHE H 71 -16.51 -25.88 -61.48
CA PHE H 71 -17.32 -26.27 -62.63
C PHE H 71 -18.33 -25.20 -62.97
N THR H 72 -18.81 -25.25 -64.20
CA THR H 72 -19.87 -24.37 -64.66
C THR H 72 -21.06 -25.24 -65.04
N PRO H 73 -22.07 -25.29 -64.17
CA PRO H 73 -23.26 -26.11 -64.39
C PRO H 73 -23.83 -25.85 -65.77
N THR H 74 -24.68 -26.77 -66.22
CA THR H 74 -25.23 -26.75 -67.57
C THR H 74 -26.51 -27.56 -67.50
N GLU H 75 -27.43 -27.33 -68.44
CA GLU H 75 -28.69 -28.08 -68.41
C GLU H 75 -28.49 -29.56 -68.72
N LYS H 76 -27.65 -29.85 -69.70
CA LYS H 76 -27.44 -31.22 -70.18
C LYS H 76 -26.38 -32.00 -69.38
N ASP H 77 -25.30 -31.35 -68.99
CA ASP H 77 -24.20 -32.01 -68.31
C ASP H 77 -24.60 -32.66 -67.00
N GLU H 78 -24.16 -33.91 -66.80
CA GLU H 78 -24.46 -34.66 -65.59
C GLU H 78 -23.19 -34.85 -64.76
N TYR H 79 -23.33 -34.69 -63.44
CA TYR H 79 -22.20 -34.84 -62.54
C TYR H 79 -22.49 -35.85 -61.44
N ALA H 80 -21.45 -36.42 -60.86
CA ALA H 80 -21.61 -37.43 -59.84
C ALA H 80 -20.36 -37.60 -59.00
N CYS H 81 -20.51 -38.23 -57.84
CA CYS H 81 -19.38 -38.55 -56.99
C CYS H 81 -19.27 -40.05 -56.81
N ARG H 82 -18.09 -40.59 -57.08
CA ARG H 82 -17.87 -42.02 -56.93
C ARG H 82 -16.92 -42.29 -55.78
N VAL H 83 -17.39 -43.09 -54.83
CA VAL H 83 -16.65 -43.35 -53.60
C VAL H 83 -16.40 -44.84 -53.40
N ASN H 84 -15.17 -45.19 -53.03
CA ASN H 84 -14.85 -46.57 -52.66
C ASN H 84 -14.12 -46.64 -51.32
N HIS H 85 -14.52 -47.61 -50.50
CA HIS H 85 -14.04 -47.76 -49.14
C HIS H 85 -14.26 -49.21 -48.72
N VAL H 86 -13.45 -49.71 -47.78
CA VAL H 86 -13.53 -51.12 -47.39
C VAL H 86 -14.93 -51.58 -47.01
N THR H 87 -15.75 -50.65 -46.53
CA THR H 87 -17.12 -50.96 -46.12
C THR H 87 -18.09 -51.10 -47.30
N LEU H 88 -17.59 -50.90 -48.52
CA LEU H 88 -18.45 -50.94 -49.70
C LEU H 88 -18.13 -52.13 -50.60
N SER H 89 -19.15 -52.93 -50.91
CA SER H 89 -18.93 -54.11 -51.76
C SER H 89 -18.53 -53.68 -53.16
N GLN H 90 -18.96 -52.49 -53.54
CA GLN H 90 -18.56 -51.90 -54.81
C GLN H 90 -18.68 -50.38 -54.71
N PRO H 91 -17.93 -49.66 -55.55
CA PRO H 91 -17.94 -48.19 -55.52
C PRO H 91 -19.36 -47.64 -55.55
N LYS H 92 -19.65 -46.72 -54.63
CA LYS H 92 -20.97 -46.10 -54.53
C LYS H 92 -21.00 -44.83 -55.37
N ILE H 93 -21.95 -44.75 -56.30
CA ILE H 93 -22.07 -43.59 -57.16
C ILE H 93 -23.28 -42.74 -56.80
N VAL H 94 -23.03 -41.49 -56.43
CA VAL H 94 -24.10 -40.56 -56.13
C VAL H 94 -24.16 -39.47 -57.19
N LYS H 95 -25.32 -39.35 -57.85
CA LYS H 95 -25.53 -38.34 -58.88
C LYS H 95 -25.79 -36.97 -58.26
N TRP H 96 -25.17 -35.94 -58.83
CA TRP H 96 -25.43 -34.58 -58.38
C TRP H 96 -26.82 -34.13 -58.79
N ASP H 97 -27.62 -33.74 -57.81
CA ASP H 97 -28.92 -33.15 -58.06
C ASP H 97 -28.87 -31.70 -57.59
N ARG H 98 -29.14 -30.77 -58.50
CA ARG H 98 -29.00 -29.34 -58.19
C ARG H 98 -29.96 -28.88 -57.11
N ASP H 99 -30.88 -29.76 -56.73
CA ASP H 99 -31.92 -29.43 -55.76
C ASP H 99 -31.65 -30.13 -54.42
N MET H 100 -30.47 -30.72 -54.28
CA MET H 100 -30.07 -31.39 -53.05
C MET H 100 -28.64 -31.05 -52.64
N LYS I 1 -1.76 -22.73 -30.88
CA LYS I 1 -0.39 -23.21 -30.65
C LYS I 1 -0.36 -24.62 -30.08
N LEU I 2 0.48 -25.45 -30.69
CA LEU I 2 0.69 -26.83 -30.25
C LEU I 2 1.14 -26.92 -28.79
N TYR I 3 0.76 -28.03 -28.15
CA TYR I 3 1.27 -28.38 -26.84
C TYR I 3 2.77 -28.70 -26.93
N GLN I 4 3.52 -28.31 -25.90
CA GLN I 4 4.94 -28.62 -25.83
C GLN I 4 5.18 -29.81 -24.91
N ASN I 5 5.42 -30.97 -25.49
CA ASN I 5 5.51 -32.21 -24.73
C ASN I 5 6.92 -32.82 -24.62
N PRO I 6 7.21 -33.46 -23.48
CA PRO I 6 8.49 -34.06 -23.08
C PRO I 6 9.21 -34.98 -24.08
N THR I 7 8.53 -35.89 -24.79
CA THR I 7 7.08 -36.06 -24.74
C THR I 7 6.64 -37.23 -23.87
N THR I 8 5.42 -37.70 -24.10
CA THR I 8 4.85 -38.80 -23.31
C THR I 8 4.38 -39.96 -24.20
N TYR I 9 4.74 -41.19 -23.84
CA TYR I 9 4.40 -42.36 -24.66
C TYR I 9 3.20 -43.15 -24.14
N ILE I 10 2.43 -43.70 -25.07
CA ILE I 10 1.29 -44.57 -24.74
C ILE I 10 1.74 -45.76 -23.89
N GLY J 1 0.93 10.98 22.19
CA GLY J 1 2.28 11.40 22.53
C GLY J 1 2.75 10.82 23.85
N SER J 2 3.72 11.50 24.48
CA SER J 2 4.26 11.05 25.76
C SER J 2 3.35 11.45 26.92
N HIS J 3 3.60 10.87 28.08
CA HIS J 3 2.75 11.11 29.24
C HIS J 3 3.58 11.08 30.51
N SER J 4 3.03 11.65 31.58
CA SER J 4 3.74 11.67 32.85
C SER J 4 2.81 11.44 34.04
N MET J 5 3.39 10.99 35.13
CA MET J 5 2.69 10.96 36.40
C MET J 5 3.61 11.55 37.44
N ARG J 6 3.06 12.45 38.25
CA ARG J 6 3.85 13.14 39.26
C ARG J 6 3.11 13.14 40.58
N TYR J 7 3.84 12.94 41.66
CA TYR J 7 3.32 13.23 42.99
C TYR J 7 4.14 14.39 43.57
N PHE J 8 3.46 15.35 44.17
CA PHE J 8 4.10 16.50 44.79
C PHE J 8 3.80 16.53 46.28
N PHE J 9 4.83 16.67 47.10
CA PHE J 9 4.66 16.67 48.55
C PHE J 9 5.23 17.92 49.20
N THR J 10 4.42 18.59 50.00
CA THR J 10 4.87 19.78 50.72
C THR J 10 4.71 19.61 52.24
N SER J 11 5.83 19.71 52.95
CA SER J 11 5.83 19.68 54.40
C SER J 11 6.24 21.04 54.94
N VAL J 12 5.41 21.62 55.79
CA VAL J 12 5.68 22.94 56.36
C VAL J 12 5.63 22.92 57.89
N SER J 13 6.77 23.14 58.54
CA SER J 13 6.81 23.13 60.00
C SER J 13 6.12 24.35 60.59
N ARG J 14 5.41 24.12 61.71
CA ARG J 14 4.64 25.17 62.36
C ARG J 14 4.99 25.29 63.83
N PRO J 15 6.20 25.78 64.14
CA PRO J 15 6.68 25.89 65.52
C PRO J 15 5.63 26.55 66.42
N GLY J 16 5.32 25.90 67.54
CA GLY J 16 4.39 26.46 68.50
C GLY J 16 2.93 26.37 68.09
N ARG J 17 2.68 25.94 66.85
CA ARG J 17 1.32 25.83 66.37
C ARG J 17 0.91 24.38 66.11
N GLY J 18 1.66 23.44 66.67
CA GLY J 18 1.33 22.04 66.59
C GLY J 18 1.96 21.30 65.43
N GLU J 19 1.33 20.19 65.03
CA GLU J 19 1.81 19.36 63.93
C GLU J 19 2.13 20.16 62.68
N PRO J 20 3.19 19.75 61.94
CA PRO J 20 3.53 20.35 60.66
C PRO J 20 2.45 20.07 59.61
N ARG J 21 2.22 21.05 58.73
CA ARG J 21 1.30 20.90 57.62
C ARG J 21 1.91 19.99 56.56
N PHE J 22 1.11 19.07 56.04
CA PHE J 22 1.55 18.18 54.97
C PHE J 22 0.49 18.09 53.91
N ILE J 23 0.85 18.41 52.67
CA ILE J 23 -0.06 18.33 51.54
C ILE J 23 0.53 17.44 50.45
N ALA J 24 -0.29 16.57 49.89
CA ALA J 24 0.15 15.69 48.81
C ALA J 24 -0.82 15.78 47.65
N VAL J 25 -0.28 15.89 46.44
CA VAL J 25 -1.10 15.89 45.24
C VAL J 25 -0.49 15.02 44.15
N GLY J 26 -1.36 14.36 43.38
CA GLY J 26 -0.92 13.54 42.26
C GLY J 26 -1.51 14.04 40.97
N TYR J 27 -0.69 14.06 39.92
CA TYR J 27 -1.13 14.50 38.60
C TYR J 27 -0.87 13.43 37.56
N VAL J 28 -1.75 13.35 36.58
CA VAL J 28 -1.42 12.66 35.34
C VAL J 28 -1.37 13.74 34.27
N ASP J 29 -0.22 13.89 33.62
CA ASP J 29 -0.01 15.03 32.74
C ASP J 29 -0.44 16.31 33.45
N ASP J 30 -1.39 17.04 32.87
CA ASP J 30 -1.82 18.30 33.46
C ASP J 30 -3.15 18.18 34.21
N THR J 31 -3.48 16.97 34.62
CA THR J 31 -4.72 16.71 35.34
C THR J 31 -4.44 16.12 36.72
N GLN J 32 -4.79 16.86 37.76
CA GLN J 32 -4.68 16.38 39.14
C GLN J 32 -5.74 15.30 39.38
N PHE J 33 -5.40 14.26 40.14
CA PHE J 33 -6.38 13.20 40.39
C PHE J 33 -6.54 12.78 41.85
N VAL J 34 -5.52 13.04 42.66
CA VAL J 34 -5.60 12.77 44.10
C VAL J 34 -5.04 13.92 44.94
N ARG J 35 -5.45 13.95 46.20
CA ARG J 35 -4.91 14.90 47.16
C ARG J 35 -5.02 14.33 48.57
N PHE J 36 -4.15 14.79 49.45
CA PHE J 36 -4.27 14.55 50.88
C PHE J 36 -3.84 15.81 51.60
N ASP J 37 -4.57 16.16 52.65
CA ASP J 37 -4.27 17.34 53.43
C ASP J 37 -4.34 17.00 54.91
N SER J 38 -3.22 17.19 55.61
CA SER J 38 -3.11 16.80 57.02
C SER J 38 -4.07 17.57 57.92
N ASP J 39 -4.58 18.69 57.42
CA ASP J 39 -5.47 19.53 58.21
C ASP J 39 -6.95 19.28 57.92
N ALA J 40 -7.23 18.47 56.91
CA ALA J 40 -8.60 18.16 56.54
C ALA J 40 -9.21 17.16 57.53
N ALA J 41 -10.54 17.04 57.50
CA ALA J 41 -11.25 16.17 58.43
C ALA J 41 -11.09 14.69 58.08
N SER J 42 -11.12 14.37 56.79
CA SER J 42 -11.16 12.97 56.33
C SER J 42 -9.96 12.14 56.78
N GLN J 43 -8.76 12.73 56.69
CA GLN J 43 -7.54 12.01 56.97
C GLN J 43 -7.40 10.85 56.00
N ARG J 44 -7.81 11.08 54.75
CA ARG J 44 -7.75 10.07 53.72
C ARG J 44 -7.29 10.68 52.40
N MET J 45 -6.68 9.84 51.56
CA MET J 45 -6.38 10.23 50.20
C MET J 45 -7.72 10.40 49.49
N GLU J 46 -7.89 11.48 48.72
CA GLU J 46 -9.18 11.79 48.10
C GLU J 46 -9.11 11.96 46.58
N PRO J 47 -10.17 11.54 45.87
CA PRO J 47 -10.28 11.70 44.42
C PRO J 47 -10.43 13.17 44.02
N ARG J 48 -9.78 13.57 42.94
CA ARG J 48 -9.95 14.94 42.43
C ARG J 48 -10.22 14.89 40.93
N ALA J 49 -10.42 13.67 40.42
CA ALA J 49 -10.84 13.47 39.05
C ALA J 49 -11.93 12.41 39.02
N PRO J 50 -12.89 12.56 38.10
CA PRO J 50 -14.02 11.63 38.06
C PRO J 50 -13.59 10.19 37.82
N TRP J 51 -12.64 9.98 36.91
CA TRP J 51 -12.26 8.63 36.50
C TRP J 51 -11.51 7.82 37.57
N ILE J 52 -11.23 8.45 38.71
CA ILE J 52 -10.55 7.74 39.81
C ILE J 52 -11.49 7.52 40.99
N GLU J 53 -12.65 8.17 40.96
CA GLU J 53 -13.60 8.12 42.07
C GLU J 53 -14.15 6.73 42.36
N GLN J 54 -14.20 5.88 41.32
CA GLN J 54 -14.84 4.57 41.42
C GLN J 54 -13.82 3.45 41.61
N GLU J 55 -12.57 3.83 41.85
CA GLU J 55 -11.53 2.87 42.17
C GLU J 55 -11.91 2.25 43.53
N GLY J 56 -11.62 0.97 43.70
CA GLY J 56 -12.07 0.25 44.88
C GLY J 56 -11.69 0.86 46.24
N PRO J 57 -12.34 0.39 47.32
CA PRO J 57 -11.92 0.74 48.68
C PRO J 57 -10.52 0.22 48.99
N GLU J 58 -10.12 -0.88 48.36
CA GLU J 58 -8.76 -1.40 48.52
C GLU J 58 -7.74 -0.37 48.03
N TYR J 59 -8.00 0.21 46.86
CA TYR J 59 -7.14 1.27 46.32
C TYR J 59 -7.03 2.44 47.30
N TRP J 60 -8.17 3.00 47.68
CA TRP J 60 -8.18 4.17 48.54
C TRP J 60 -7.59 3.91 49.92
N ASP J 61 -7.79 2.71 50.44
CA ASP J 61 -7.21 2.34 51.73
C ASP J 61 -5.70 2.28 51.61
N GLY J 62 -5.22 1.67 50.53
CA GLY J 62 -3.79 1.57 50.29
C GLY J 62 -3.16 2.94 50.16
N GLU J 63 -3.73 3.77 49.29
CA GLU J 63 -3.18 5.10 49.08
C GLU J 63 -3.20 5.92 50.36
N THR J 64 -4.26 5.76 51.16
CA THR J 64 -4.35 6.46 52.43
C THR J 64 -3.23 6.02 53.35
N ARG J 65 -3.05 4.71 53.46
CA ARG J 65 -2.01 4.14 54.30
C ARG J 65 -0.62 4.66 53.93
N LYS J 66 -0.26 4.51 52.66
CA LYS J 66 1.05 4.98 52.21
C LYS J 66 1.26 6.49 52.42
N VAL J 67 0.26 7.29 52.09
CA VAL J 67 0.40 8.75 52.20
C VAL J 67 0.59 9.21 53.64
N LYS J 68 0.00 8.47 54.58
CA LYS J 68 0.16 8.76 55.99
C LYS J 68 1.60 8.48 56.40
N ALA J 69 2.16 7.42 55.86
CA ALA J 69 3.55 7.05 56.11
C ALA J 69 4.46 8.14 55.54
N HIS J 70 4.17 8.56 54.32
CA HIS J 70 4.86 9.68 53.69
C HIS J 70 4.86 10.87 54.66
N SER J 71 3.69 11.20 55.18
CA SER J 71 3.54 12.31 56.11
C SER J 71 4.49 12.21 57.31
N GLN J 72 4.50 11.05 57.97
CA GLN J 72 5.31 10.89 59.18
C GLN J 72 6.80 10.99 58.91
N THR J 73 7.25 10.40 57.81
CA THR J 73 8.65 10.49 57.41
C THR J 73 9.05 11.95 57.26
N HIS J 74 8.20 12.74 56.61
CA HIS J 74 8.47 14.16 56.39
C HIS J 74 8.59 14.90 57.71
N ARG J 75 7.69 14.58 58.65
CA ARG J 75 7.69 15.21 59.96
C ARG J 75 9.04 15.00 60.67
N VAL J 76 9.62 13.81 60.47
CA VAL J 76 10.93 13.51 61.03
C VAL J 76 12.02 14.29 60.33
N ASP J 77 11.96 14.30 59.00
CA ASP J 77 12.96 14.99 58.17
C ASP J 77 13.08 16.46 58.54
N LEU J 78 11.95 17.10 58.82
CA LEU J 78 11.97 18.51 59.22
C LEU J 78 12.93 18.68 60.40
N GLY J 79 12.77 17.83 61.41
CA GLY J 79 13.66 17.85 62.56
C GLY J 79 15.09 17.62 62.16
N THR J 80 15.33 16.57 61.39
CA THR J 80 16.69 16.21 60.97
C THR J 80 17.38 17.35 60.23
N LEU J 81 16.67 17.95 59.27
CA LEU J 81 17.22 19.03 58.46
C LEU J 81 17.51 20.27 59.30
N ARG J 82 16.67 20.50 60.30
CA ARG J 82 16.88 21.63 61.21
C ARG J 82 18.21 21.45 61.93
N GLY J 83 18.53 20.22 62.30
CA GLY J 83 19.80 19.90 62.92
C GLY J 83 20.97 20.03 61.96
N TYR J 84 20.83 19.50 60.75
CA TYR J 84 21.89 19.57 59.75
C TYR J 84 22.38 20.99 59.56
N TYR J 85 21.46 21.96 59.61
CA TYR J 85 21.79 23.35 59.32
C TYR J 85 21.90 24.22 60.58
N ASN J 86 21.83 23.59 61.74
CA ASN J 86 21.90 24.32 63.01
C ASN J 86 20.96 25.51 63.01
N GLN J 87 19.67 25.24 62.84
CA GLN J 87 18.67 26.30 62.76
C GLN J 87 17.83 26.39 64.03
N SER J 88 17.21 27.56 64.22
CA SER J 88 16.33 27.78 65.34
C SER J 88 15.17 26.80 65.32
N GLU J 89 14.52 26.62 66.46
CA GLU J 89 13.39 25.71 66.57
C GLU J 89 12.07 26.47 66.48
N ALA J 90 12.14 27.79 66.46
CA ALA J 90 10.94 28.62 66.44
C ALA J 90 10.61 29.08 65.02
N GLY J 91 11.48 28.74 64.08
CA GLY J 91 11.33 29.18 62.70
C GLY J 91 10.65 28.15 61.82
N SER J 92 9.74 28.62 60.96
CA SER J 92 9.06 27.74 60.01
C SER J 92 9.98 27.40 58.83
N HIS J 93 9.92 26.15 58.39
CA HIS J 93 10.71 25.70 57.25
C HIS J 93 9.91 24.78 56.34
N THR J 94 10.39 24.64 55.10
CA THR J 94 9.67 23.86 54.09
C THR J 94 10.50 22.73 53.49
N VAL J 95 9.91 21.54 53.47
CA VAL J 95 10.48 20.42 52.73
C VAL J 95 9.56 20.03 51.59
N GLN J 96 10.12 19.89 50.40
CA GLN J 96 9.34 19.47 49.25
C GLN J 96 9.94 18.24 48.60
N ARG J 97 9.09 17.37 48.10
CA ARG J 97 9.51 16.14 47.46
C ARG J 97 8.69 15.94 46.20
N MET J 98 9.34 15.52 45.13
CA MET J 98 8.63 15.18 43.92
C MET J 98 9.17 13.88 43.38
N TYR J 99 8.27 12.99 42.96
CA TYR J 99 8.66 11.81 42.21
C TYR J 99 7.59 11.38 41.22
N GLY J 100 8.00 10.55 40.26
CA GLY J 100 7.12 10.09 39.21
C GLY J 100 7.88 9.69 37.97
N CYS J 101 7.15 9.47 36.87
CA CYS J 101 7.73 8.90 35.66
C CYS J 101 7.12 9.46 34.37
N ASP J 102 7.91 9.45 33.31
CA ASP J 102 7.41 9.72 31.95
C ASP J 102 7.39 8.44 31.14
N VAL J 103 6.41 8.31 30.25
CA VAL J 103 6.38 7.23 29.27
C VAL J 103 6.31 7.80 27.87
N GLY J 104 6.80 7.04 26.89
CA GLY J 104 6.78 7.45 25.50
C GLY J 104 5.40 7.32 24.88
N SER J 105 5.31 7.65 23.60
CA SER J 105 4.04 7.64 22.88
C SER J 105 3.44 6.24 22.83
N ASP J 106 4.27 5.25 23.12
CA ASP J 106 3.86 3.86 23.14
C ASP J 106 3.68 3.37 24.59
N TRP J 107 3.88 4.30 25.53
CA TRP J 107 3.57 4.07 26.95
C TRP J 107 4.60 3.24 27.70
N ARG J 108 5.79 3.11 27.14
CA ARG J 108 6.87 2.41 27.83
C ARG J 108 7.77 3.41 28.57
N PHE J 109 8.42 2.95 29.64
CA PHE J 109 9.23 3.82 30.50
C PHE J 109 10.21 4.70 29.74
N LEU J 110 10.25 5.98 30.09
CA LEU J 110 11.12 6.96 29.44
C LEU J 110 12.10 7.59 30.43
N ARG J 111 11.55 8.21 31.47
CA ARG J 111 12.37 8.84 32.51
C ARG J 111 11.74 8.65 33.88
N GLY J 112 12.58 8.66 34.92
CA GLY J 112 12.11 8.59 36.28
C GLY J 112 12.64 9.80 37.04
N TYR J 113 11.89 10.24 38.05
CA TYR J 113 12.32 11.33 38.86
C TYR J 113 12.07 11.08 40.35
N HIS J 114 12.93 11.63 41.19
CA HIS J 114 12.74 11.58 42.62
C HIS J 114 13.74 12.57 43.26
N GLN J 115 13.22 13.63 43.87
CA GLN J 115 14.07 14.67 44.38
C GLN J 115 13.41 15.48 45.50
N TYR J 116 14.25 16.14 46.28
CA TYR J 116 13.81 16.92 47.43
C TYR J 116 14.32 18.34 47.31
N ALA J 117 13.65 19.26 48.00
CA ALA J 117 14.17 20.61 48.16
C ALA J 117 13.96 21.03 49.62
N TYR J 118 14.82 21.93 50.10
CA TYR J 118 14.67 22.43 51.46
C TYR J 118 14.65 23.96 51.44
N ASP J 119 13.55 24.53 51.92
CA ASP J 119 13.36 25.97 51.88
C ASP J 119 13.53 26.52 50.46
N GLY J 120 13.05 25.75 49.49
CA GLY J 120 12.97 26.21 48.12
C GLY J 120 14.18 25.97 47.24
N LYS J 121 15.20 25.31 47.77
CA LYS J 121 16.35 25.00 46.95
C LYS J 121 16.69 23.52 46.92
N ASP J 122 17.13 23.06 45.75
CA ASP J 122 17.60 21.69 45.56
C ASP J 122 18.36 21.18 46.78
N TYR J 123 17.93 20.06 47.33
CA TYR J 123 18.66 19.42 48.42
C TYR J 123 19.34 18.16 47.91
N ILE J 124 18.56 17.15 47.57
CA ILE J 124 19.09 15.94 46.96
C ILE J 124 18.18 15.50 45.82
N ALA J 125 18.78 14.92 44.78
CA ALA J 125 18.02 14.48 43.64
C ALA J 125 18.56 13.18 43.07
N LEU J 126 17.67 12.26 42.75
CA LEU J 126 18.05 11.04 42.04
C LEU J 126 18.39 11.40 40.61
N LYS J 127 19.57 10.99 40.15
CA LYS J 127 19.98 11.25 38.77
C LYS J 127 19.21 10.38 37.79
N GLU J 128 19.31 10.73 36.50
CA GLU J 128 18.56 10.04 35.46
C GLU J 128 18.86 8.55 35.37
N ASP J 129 20.10 8.17 35.65
CA ASP J 129 20.47 6.76 35.61
C ASP J 129 19.75 5.95 36.68
N LEU J 130 19.09 6.66 37.59
CA LEU J 130 18.31 6.04 38.66
C LEU J 130 19.19 5.14 39.53
N ARG J 131 20.44 5.55 39.71
CA ARG J 131 21.41 4.77 40.48
C ARG J 131 22.31 5.66 41.34
N SER J 132 22.43 6.93 40.97
CA SER J 132 23.30 7.85 41.69
C SER J 132 22.53 9.06 42.21
N TRP J 133 23.19 9.86 43.02
CA TRP J 133 22.55 11.02 43.65
C TRP J 133 23.31 12.31 43.39
N THR J 134 22.56 13.40 43.23
CA THR J 134 23.13 14.74 43.14
C THR J 134 22.92 15.44 44.48
N ALA J 135 24.01 15.72 45.18
CA ALA J 135 23.92 16.35 46.49
C ALA J 135 24.25 17.83 46.44
N ALA J 136 23.32 18.65 46.93
CA ALA J 136 23.46 20.10 46.86
C ALA J 136 24.70 20.62 47.59
N ASP J 137 24.85 20.22 48.85
CA ASP J 137 25.91 20.75 49.71
C ASP J 137 26.42 19.69 50.68
N MET J 138 27.01 20.14 51.78
CA MET J 138 27.55 19.23 52.79
C MET J 138 26.46 18.46 53.52
N ALA J 139 25.32 19.11 53.74
CA ALA J 139 24.21 18.49 54.44
C ALA J 139 23.61 17.37 53.58
N ALA J 140 23.49 17.65 52.29
CA ALA J 140 22.90 16.69 51.36
C ALA J 140 23.77 15.46 51.15
N GLN J 141 25.08 15.64 51.21
CA GLN J 141 26.01 14.53 51.02
C GLN J 141 25.90 13.53 52.18
N THR J 142 25.59 14.04 53.37
CA THR J 142 25.33 13.19 54.53
C THR J 142 24.14 12.25 54.27
N THR J 143 23.04 12.83 53.79
CA THR J 143 21.87 12.04 53.41
C THR J 143 22.23 11.14 52.23
N LYS J 144 23.04 11.69 51.32
CA LYS J 144 23.50 10.95 50.16
C LYS J 144 24.15 9.62 50.57
N HIS J 145 25.03 9.67 51.58
CA HIS J 145 25.72 8.46 52.04
C HIS J 145 24.73 7.48 52.67
N LYS J 146 23.87 8.01 53.54
CA LYS J 146 22.79 7.22 54.13
C LYS J 146 22.09 6.37 53.08
N TRP J 147 21.65 7.01 52.00
CA TRP J 147 20.80 6.37 51.02
C TRP J 147 21.57 5.43 50.10
N GLU J 148 22.86 5.68 49.93
CA GLU J 148 23.72 4.78 49.16
C GLU J 148 23.91 3.47 49.93
N ALA J 149 24.17 3.61 51.23
CA ALA J 149 24.44 2.45 52.09
C ALA J 149 23.20 1.58 52.31
N ALA J 150 22.02 2.18 52.15
CA ALA J 150 20.78 1.43 52.31
C ALA J 150 20.14 1.12 50.96
N HIS J 151 20.91 1.33 49.90
CA HIS J 151 20.46 1.02 48.54
C HIS J 151 19.08 1.60 48.25
N VAL J 152 18.89 2.86 48.62
CA VAL J 152 17.60 3.53 48.42
C VAL J 152 17.27 3.69 46.94
N ALA J 153 18.27 3.97 46.12
CA ALA J 153 18.05 4.13 44.68
C ALA J 153 17.52 2.87 44.00
N GLU J 154 18.04 1.71 44.40
CA GLU J 154 17.62 0.42 43.84
C GLU J 154 16.11 0.23 43.94
N GLN J 155 15.55 0.57 45.10
CA GLN J 155 14.12 0.39 45.36
C GLN J 155 13.29 1.40 44.58
N LEU J 156 13.77 2.64 44.55
CA LEU J 156 13.08 3.70 43.82
C LEU J 156 13.06 3.40 42.33
N ARG J 157 14.15 2.85 41.81
CA ARG J 157 14.24 2.46 40.41
C ARG J 157 13.18 1.42 40.08
N ALA J 158 13.05 0.43 40.95
CA ALA J 158 12.07 -0.64 40.76
C ALA J 158 10.66 -0.06 40.63
N TYR J 159 10.32 0.84 41.54
CA TYR J 159 9.02 1.53 41.51
C TYR J 159 8.83 2.39 40.26
N LEU J 160 9.85 3.17 39.91
CA LEU J 160 9.75 4.11 38.80
C LEU J 160 9.63 3.43 37.46
N GLU J 161 10.28 2.29 37.31
CA GLU J 161 10.23 1.53 36.07
C GLU J 161 9.11 0.50 36.08
N GLY J 162 8.61 0.20 37.27
CA GLY J 162 7.56 -0.79 37.41
C GLY J 162 6.19 -0.18 37.69
N THR J 163 5.80 -0.20 38.96
CA THR J 163 4.46 0.25 39.35
C THR J 163 4.09 1.66 38.85
N CYS J 164 5.03 2.61 38.93
CA CYS J 164 4.77 3.96 38.44
C CYS J 164 4.33 3.93 36.98
N VAL J 165 5.07 3.22 36.15
CA VAL J 165 4.69 3.05 34.75
C VAL J 165 3.39 2.24 34.64
N GLU J 166 3.31 1.14 35.36
CA GLU J 166 2.14 0.27 35.32
C GLU J 166 0.86 1.07 35.50
N TRP J 167 0.84 1.90 36.54
CA TRP J 167 -0.37 2.60 36.94
C TRP J 167 -0.65 3.87 36.15
N LEU J 168 0.41 4.55 35.70
CA LEU J 168 0.21 5.63 34.75
C LEU J 168 -0.64 5.08 33.60
N ARG J 169 -0.24 3.91 33.09
CA ARG J 169 -0.98 3.28 32.00
C ARG J 169 -2.44 3.03 32.37
N ARG J 170 -2.66 2.46 33.55
CA ARG J 170 -4.04 2.17 33.98
C ARG J 170 -4.89 3.43 34.06
N TYR J 171 -4.33 4.51 34.59
CA TYR J 171 -5.06 5.76 34.69
C TYR J 171 -5.42 6.28 33.30
N LEU J 172 -4.44 6.29 32.39
CA LEU J 172 -4.66 6.71 31.01
C LEU J 172 -5.82 5.95 30.37
N GLU J 173 -5.93 4.67 30.70
CA GLU J 173 -7.00 3.82 30.19
C GLU J 173 -8.33 4.14 30.87
N ASN J 174 -8.33 4.16 32.20
CA ASN J 174 -9.55 4.43 32.96
C ASN J 174 -10.13 5.81 32.70
N GLY J 175 -9.27 6.80 32.51
CA GLY J 175 -9.72 8.17 32.28
C GLY J 175 -9.46 8.64 30.86
N LYS J 176 -9.42 7.69 29.92
CA LYS J 176 -9.11 8.01 28.53
C LYS J 176 -9.94 9.17 27.98
N GLU J 177 -11.18 9.28 28.43
CA GLU J 177 -12.05 10.34 27.97
C GLU J 177 -11.49 11.71 28.34
N THR J 178 -10.76 11.75 29.45
CA THR J 178 -10.17 12.99 29.98
C THR J 178 -8.69 13.12 29.63
N LEU J 179 -7.93 12.06 29.89
CA LEU J 179 -6.48 12.10 29.74
C LEU J 179 -6.00 11.87 28.31
N GLN J 180 -6.82 11.26 27.47
CA GLN J 180 -6.41 11.02 26.08
C GLN J 180 -7.13 11.94 25.09
N ARG J 181 -7.67 13.04 25.61
CA ARG J 181 -8.36 14.01 24.76
C ARG J 181 -7.41 15.12 24.35
N THR J 182 -7.69 15.72 23.20
CA THR J 182 -7.01 16.95 22.82
C THR J 182 -8.06 18.03 22.60
N ASP J 183 -8.03 19.04 23.47
CA ASP J 183 -8.89 20.20 23.30
C ASP J 183 -8.11 21.32 22.62
N ALA J 184 -8.35 21.48 21.32
CA ALA J 184 -7.70 22.51 20.53
C ALA J 184 -8.11 23.89 21.03
N PRO J 185 -7.14 24.82 21.10
CA PRO J 185 -7.49 26.16 21.61
C PRO J 185 -8.54 26.86 20.76
N LYS J 186 -9.45 27.58 21.43
CA LYS J 186 -10.37 28.48 20.75
C LYS J 186 -9.68 29.83 20.71
N THR J 187 -9.51 30.38 19.51
CA THR J 187 -8.73 31.60 19.38
C THR J 187 -9.57 32.79 18.93
N HIS J 188 -9.15 33.96 19.38
CA HIS J 188 -9.67 35.21 18.87
C HIS J 188 -8.70 36.32 19.20
N MET J 189 -8.95 37.50 18.63
CA MET J 189 -8.07 38.63 18.79
C MET J 189 -8.91 39.81 19.29
N THR J 190 -8.32 40.63 20.14
CA THR J 190 -8.98 41.86 20.59
C THR J 190 -8.13 43.06 20.20
N HIS J 191 -8.78 44.20 19.98
CA HIS J 191 -8.11 45.44 19.61
C HIS J 191 -8.63 46.57 20.49
N HIS J 192 -7.73 47.21 21.23
CA HIS J 192 -8.11 48.30 22.13
C HIS J 192 -7.10 49.45 22.04
N ALA J 193 -7.61 50.67 21.95
CA ALA J 193 -6.76 51.84 21.75
C ALA J 193 -6.10 52.31 23.05
N VAL J 194 -4.78 52.23 23.10
CA VAL J 194 -3.99 52.78 24.20
C VAL J 194 -4.21 54.29 24.25
N SER J 195 -4.23 54.89 23.06
CA SER J 195 -4.52 56.30 22.90
C SER J 195 -4.92 56.47 21.44
N ASP J 196 -4.77 57.68 20.91
CA ASP J 196 -5.11 57.92 19.52
C ASP J 196 -4.00 57.62 18.51
N HIS J 197 -2.84 57.18 19.00
CA HIS J 197 -1.72 56.90 18.11
C HIS J 197 -1.18 55.47 18.30
N GLU J 198 -1.84 54.69 19.15
CA GLU J 198 -1.42 53.32 19.41
C GLU J 198 -2.60 52.43 19.82
N ALA J 199 -2.43 51.13 19.64
CA ALA J 199 -3.47 50.17 20.01
C ALA J 199 -2.86 48.86 20.47
N THR J 200 -3.52 48.20 21.42
CA THR J 200 -3.11 46.88 21.87
C THR J 200 -3.77 45.80 21.02
N LEU J 201 -2.96 44.92 20.45
CA LEU J 201 -3.48 43.74 19.78
C LEU J 201 -3.25 42.54 20.70
N ARG J 202 -4.32 41.92 21.18
CA ARG J 202 -4.19 40.74 22.04
C ARG J 202 -4.70 39.48 21.34
N CYS J 203 -3.84 38.47 21.28
CA CYS J 203 -4.18 37.18 20.69
C CYS J 203 -4.55 36.19 21.80
N TRP J 204 -5.74 35.62 21.72
CA TRP J 204 -6.24 34.71 22.76
C TRP J 204 -6.24 33.24 22.35
N ALA J 205 -5.84 32.38 23.28
CA ALA J 205 -6.03 30.94 23.17
C ALA J 205 -6.82 30.46 24.38
N LEU J 206 -7.99 29.84 24.15
CA LEU J 206 -8.85 29.46 25.27
C LEU J 206 -9.30 28.01 25.27
N SER J 207 -9.60 27.49 26.46
CA SER J 207 -10.22 26.18 26.62
C SER J 207 -9.43 25.07 25.93
N PHE J 208 -8.11 25.08 26.09
CA PHE J 208 -7.28 24.07 25.47
C PHE J 208 -6.68 23.08 26.47
N TYR J 209 -6.27 21.92 25.97
CA TYR J 209 -5.65 20.88 26.78
C TYR J 209 -4.87 19.95 25.85
N PRO J 210 -3.63 19.58 26.22
CA PRO J 210 -2.89 19.92 27.45
C PRO J 210 -2.40 21.36 27.48
N ALA J 211 -1.70 21.70 28.55
CA ALA J 211 -1.24 23.06 28.81
C ALA J 211 -0.23 23.53 27.77
N GLU J 212 0.60 22.61 27.29
CA GLU J 212 1.62 22.92 26.30
C GLU J 212 1.05 23.69 25.11
N ILE J 213 1.60 24.87 24.84
CA ILE J 213 1.14 25.71 23.74
C ILE J 213 2.19 26.73 23.31
N THR J 214 2.16 27.12 22.04
CA THR J 214 3.04 28.17 21.54
C THR J 214 2.24 29.32 20.92
N LEU J 215 2.35 30.48 21.53
CA LEU J 215 1.59 31.66 21.14
C LEU J 215 2.56 32.79 20.83
N THR J 216 2.60 33.24 19.57
CA THR J 216 3.65 34.17 19.15
C THR J 216 3.21 35.23 18.13
N TRP J 217 3.82 36.42 18.22
CA TRP J 217 3.52 37.52 17.30
C TRP J 217 4.67 37.76 16.33
N GLN J 218 4.33 38.03 15.08
CA GLN J 218 5.31 38.44 14.08
C GLN J 218 4.88 39.75 13.42
N ARG J 219 5.85 40.56 13.03
CA ARG J 219 5.60 41.76 12.25
C ARG J 219 6.32 41.62 10.92
N ASP J 220 5.58 41.65 9.83
CA ASP J 220 6.15 41.41 8.51
C ASP J 220 6.98 40.12 8.51
N GLY J 221 6.54 39.13 9.28
CA GLY J 221 7.20 37.84 9.31
C GLY J 221 8.41 37.74 10.22
N GLU J 222 8.67 38.78 11.00
CA GLU J 222 9.78 38.74 11.94
C GLU J 222 9.28 38.63 13.37
N ASP J 223 9.94 37.77 14.16
CA ASP J 223 9.53 37.51 15.54
C ASP J 223 9.62 38.75 16.41
N GLN J 224 8.60 38.96 17.24
CA GLN J 224 8.54 40.11 18.14
C GLN J 224 8.78 39.68 19.58
N THR J 225 9.71 38.76 19.76
CA THR J 225 9.99 38.18 21.07
C THR J 225 10.23 39.23 22.15
N GLN J 226 11.11 40.18 21.87
CA GLN J 226 11.44 41.27 22.80
C GLN J 226 10.32 42.27 22.98
N ASP J 227 9.34 42.25 22.09
CA ASP J 227 8.28 43.24 22.11
C ASP J 227 6.89 42.60 22.16
N THR J 228 6.82 41.44 22.81
CA THR J 228 5.56 40.74 23.01
C THR J 228 5.28 40.59 24.49
N GLU J 229 4.07 40.95 24.91
CA GLU J 229 3.65 40.68 26.27
C GLU J 229 2.99 39.31 26.30
N LEU J 230 3.62 38.36 26.96
CA LEU J 230 3.14 36.99 27.03
C LEU J 230 2.85 36.61 28.49
N VAL J 231 1.63 36.20 28.76
CA VAL J 231 1.29 35.77 30.12
C VAL J 231 1.54 34.27 30.32
N GLU J 232 1.72 33.89 31.58
CA GLU J 232 1.90 32.49 31.94
C GLU J 232 0.62 31.72 31.64
N THR J 233 0.77 30.56 31.00
CA THR J 233 -0.36 29.67 30.77
C THR J 233 -1.06 29.43 32.10
N ARG J 234 -2.40 29.54 32.09
CA ARG J 234 -3.17 29.56 33.33
C ARG J 234 -4.39 28.66 33.27
N PRO J 235 -4.74 28.05 34.41
CA PRO J 235 -5.91 27.14 34.46
C PRO J 235 -7.24 27.89 34.44
N ALA J 236 -8.16 27.43 33.60
CA ALA J 236 -9.50 28.01 33.55
C ALA J 236 -10.33 27.55 34.75
N GLY J 237 -9.97 26.40 35.31
CA GLY J 237 -10.66 25.87 36.48
C GLY J 237 -11.54 24.67 36.16
N ASP J 238 -11.76 24.44 34.88
CA ASP J 238 -12.58 23.33 34.42
C ASP J 238 -11.71 22.25 33.79
N GLY J 239 -10.41 22.31 34.08
CA GLY J 239 -9.47 21.35 33.52
C GLY J 239 -8.90 21.77 32.18
N THR J 240 -9.18 22.99 31.75
CA THR J 240 -8.55 23.53 30.55
C THR J 240 -7.66 24.70 30.91
N PHE J 241 -6.91 25.20 29.93
CA PHE J 241 -5.96 26.28 30.16
C PHE J 241 -6.20 27.48 29.26
N GLN J 242 -5.58 28.61 29.60
CA GLN J 242 -5.71 29.83 28.82
C GLN J 242 -4.35 30.47 28.68
N LYS J 243 -4.19 31.29 27.64
CA LYS J 243 -2.97 32.05 27.43
C LYS J 243 -3.24 33.14 26.39
N TRP J 244 -2.57 34.28 26.52
CA TRP J 244 -2.63 35.30 25.48
C TRP J 244 -1.31 36.02 25.28
N ALA J 245 -1.10 36.53 24.06
CA ALA J 245 0.07 37.35 23.76
C ALA J 245 -0.40 38.67 23.17
N ALA J 246 0.21 39.76 23.62
CA ALA J 246 -0.19 41.09 23.16
C ALA J 246 0.98 41.88 22.62
N VAL J 247 0.71 42.76 21.67
CA VAL J 247 1.73 43.66 21.13
C VAL J 247 1.17 45.06 20.98
N VAL J 248 2.05 46.05 21.04
CA VAL J 248 1.67 47.43 20.82
C VAL J 248 1.91 47.79 19.36
N VAL J 249 0.83 48.14 18.68
CA VAL J 249 0.86 48.37 17.24
C VAL J 249 0.60 49.85 16.92
N PRO J 250 1.53 50.48 16.22
CA PRO J 250 1.40 51.89 15.83
C PRO J 250 0.26 52.08 14.84
N SER J 251 -0.45 53.20 14.95
CA SER J 251 -1.58 53.49 14.09
C SER J 251 -1.33 53.05 12.65
N GLY J 252 -2.25 52.26 12.10
CA GLY J 252 -2.22 51.91 10.69
C GLY J 252 -1.32 50.75 10.31
N GLN J 253 -0.78 50.05 11.30
CA GLN J 253 0.10 48.93 11.01
C GLN J 253 -0.49 47.56 11.39
N GLU J 254 -1.77 47.54 11.74
CA GLU J 254 -2.41 46.29 12.16
C GLU J 254 -2.14 45.17 11.17
N GLN J 255 -2.32 45.46 9.89
CA GLN J 255 -2.13 44.46 8.85
C GLN J 255 -0.71 43.87 8.79
N ARG J 256 0.25 44.53 9.42
CA ARG J 256 1.62 44.01 9.46
C ARG J 256 1.79 42.83 10.42
N TYR J 257 0.91 42.73 11.41
CA TYR J 257 1.11 41.76 12.49
C TYR J 257 0.32 40.47 12.30
N THR J 258 0.94 39.37 12.67
CA THR J 258 0.28 38.08 12.65
C THR J 258 0.51 37.32 13.96
N CYS J 259 -0.56 36.69 14.46
CA CYS J 259 -0.46 35.84 15.63
C CYS J 259 -0.39 34.39 15.19
N HIS J 260 0.54 33.65 15.79
CA HIS J 260 0.78 32.27 15.40
C HIS J 260 0.54 31.33 16.59
N VAL J 261 -0.28 30.30 16.36
CA VAL J 261 -0.71 29.40 17.42
C VAL J 261 -0.39 27.95 17.10
N GLN J 262 0.44 27.33 17.92
CA GLN J 262 0.77 25.92 17.75
C GLN J 262 0.30 25.13 18.96
N HIS J 263 -0.44 24.06 18.71
CA HIS J 263 -0.95 23.21 19.78
C HIS J 263 -1.29 21.80 19.26
N GLU J 264 -1.09 20.81 20.12
CA GLU J 264 -1.32 19.40 19.78
C GLU J 264 -2.67 19.16 19.10
N GLY J 265 -3.68 19.92 19.49
CA GLY J 265 -5.03 19.71 19.01
C GLY J 265 -5.36 20.35 17.68
N LEU J 266 -4.44 21.17 17.17
CA LEU J 266 -4.63 21.84 15.89
C LEU J 266 -4.06 21.00 14.74
N PRO J 267 -4.89 20.74 13.71
CA PRO J 267 -4.40 20.08 12.49
C PRO J 267 -3.20 20.80 11.92
N LYS J 268 -3.30 22.12 11.82
CA LYS J 268 -2.19 22.94 11.33
C LYS J 268 -2.07 24.20 12.19
N PRO J 269 -0.83 24.67 12.39
CA PRO J 269 -0.60 25.92 13.13
C PRO J 269 -1.51 27.01 12.60
N LEU J 270 -2.04 27.84 13.50
CA LEU J 270 -2.92 28.93 13.07
C LEU J 270 -2.12 30.20 12.80
N THR J 271 -2.58 30.96 11.82
CA THR J 271 -2.05 32.27 11.53
C THR J 271 -3.20 33.26 11.60
N LEU J 272 -3.19 34.09 12.63
CA LEU J 272 -4.29 35.03 12.85
C LEU J 272 -3.81 36.44 12.54
N ARG J 273 -4.69 37.23 11.94
CA ARG J 273 -4.35 38.61 11.57
C ARG J 273 -5.58 39.49 11.78
N TRP J 274 -5.36 40.68 12.31
CA TRP J 274 -6.44 41.63 12.46
C TRP J 274 -6.80 42.19 11.08
N GLU J 275 -8.05 42.00 10.67
CA GLU J 275 -8.50 42.48 9.35
C GLU J 275 -10.00 42.26 9.13
N MET K 1 16.51 32.99 53.92
CA MET K 1 16.24 31.89 52.99
C MET K 1 15.56 32.38 51.73
N ILE K 2 15.37 31.46 50.78
CA ILE K 2 14.72 31.78 49.51
C ILE K 2 13.30 32.32 49.73
N GLN K 3 13.00 33.42 49.06
CA GLN K 3 11.68 34.03 49.09
C GLN K 3 11.34 34.50 47.68
N ARG K 4 10.23 34.00 47.13
CA ARG K 4 9.85 34.35 45.77
C ARG K 4 8.48 35.01 45.74
N THR K 5 8.40 36.18 45.11
CA THR K 5 7.16 36.95 45.05
C THR K 5 6.13 36.28 44.14
N PRO K 6 4.86 36.24 44.58
CA PRO K 6 3.81 35.61 43.76
C PRO K 6 3.49 36.41 42.51
N LYS K 7 3.38 35.73 41.39
CA LYS K 7 2.78 36.33 40.21
C LYS K 7 1.28 36.18 40.35
N ILE K 8 0.54 37.19 39.90
CA ILE K 8 -0.90 37.20 40.10
C ILE K 8 -1.62 37.45 38.79
N GLN K 9 -2.62 36.63 38.48
CA GLN K 9 -3.47 36.87 37.33
C GLN K 9 -4.94 36.75 37.75
N VAL K 10 -5.72 37.78 37.50
CA VAL K 10 -7.14 37.74 37.78
C VAL K 10 -7.89 37.68 36.46
N TYR K 11 -8.78 36.69 36.33
CA TYR K 11 -9.49 36.47 35.08
C TYR K 11 -10.72 35.62 35.30
N SER K 12 -11.57 35.55 34.28
CA SER K 12 -12.78 34.74 34.34
C SER K 12 -12.58 33.44 33.57
N ARG K 13 -13.29 32.39 33.96
CA ARG K 13 -13.14 31.09 33.33
C ARG K 13 -13.57 31.11 31.86
N HIS K 14 -14.71 31.76 31.62
CA HIS K 14 -15.24 31.94 30.28
C HIS K 14 -15.21 33.42 29.93
N PRO K 15 -15.17 33.75 28.64
CA PRO K 15 -15.27 35.17 28.25
C PRO K 15 -16.45 35.85 28.96
N ALA K 16 -16.19 36.97 29.62
CA ALA K 16 -17.22 37.66 30.39
C ALA K 16 -18.37 38.13 29.49
N GLU K 17 -19.58 37.76 29.89
CA GLU K 17 -20.79 38.29 29.29
C GLU K 17 -21.69 38.74 30.43
N ASN K 18 -22.06 40.03 30.42
CA ASN K 18 -22.89 40.56 31.47
C ASN K 18 -24.19 39.76 31.60
N GLY K 19 -24.57 39.45 32.84
CA GLY K 19 -25.78 38.69 33.08
C GLY K 19 -25.63 37.18 32.97
N LYS K 20 -24.46 36.71 32.55
CA LYS K 20 -24.25 35.27 32.40
C LYS K 20 -23.28 34.66 33.42
N SER K 21 -23.67 33.51 33.96
CA SER K 21 -22.89 32.77 34.96
C SER K 21 -21.45 32.50 34.54
N ASN K 22 -20.55 32.47 35.51
CA ASN K 22 -19.12 32.36 35.24
C ASN K 22 -18.34 32.03 36.52
N PHE K 23 -17.03 31.88 36.40
CA PHE K 23 -16.17 31.78 37.58
C PHE K 23 -15.10 32.89 37.55
N LEU K 24 -14.91 33.53 38.70
CA LEU K 24 -13.84 34.50 38.88
C LEU K 24 -12.61 33.81 39.45
N ASN K 25 -11.52 33.80 38.68
CA ASN K 25 -10.27 33.17 39.12
C ASN K 25 -9.22 34.17 39.53
N CYS K 26 -8.47 33.83 40.58
CA CYS K 26 -7.19 34.47 40.86
C CYS K 26 -6.09 33.41 40.98
N TYR K 27 -5.23 33.37 39.98
CA TYR K 27 -4.12 32.44 39.93
C TYR K 27 -2.84 33.08 40.48
N VAL K 28 -2.36 32.56 41.62
CA VAL K 28 -1.08 32.99 42.17
C VAL K 28 -0.04 31.92 41.93
N SER K 29 1.15 32.33 41.49
CA SER K 29 2.18 31.37 41.10
C SER K 29 3.60 31.86 41.34
N GLY K 30 4.55 30.94 41.31
CA GLY K 30 5.95 31.27 41.45
C GLY K 30 6.37 31.77 42.82
N PHE K 31 5.54 31.52 43.83
CA PHE K 31 5.84 32.04 45.16
C PHE K 31 6.51 31.04 46.11
N HIS K 32 7.11 31.60 47.17
CA HIS K 32 7.80 30.82 48.17
C HIS K 32 8.18 31.73 49.32
N PRO K 33 7.92 31.30 50.57
CA PRO K 33 7.28 30.04 50.98
C PRO K 33 5.80 29.96 50.61
N SER K 34 5.13 28.91 51.09
CA SER K 34 3.76 28.59 50.69
C SER K 34 2.68 29.42 51.39
N ASP K 35 3.03 29.97 52.56
CA ASP K 35 2.11 30.82 53.30
C ASP K 35 1.72 32.03 52.46
N ILE K 36 0.42 32.17 52.22
CA ILE K 36 -0.07 33.25 51.37
C ILE K 36 -1.53 33.55 51.70
N GLU K 37 -1.92 34.81 51.54
CA GLU K 37 -3.32 35.21 51.74
C GLU K 37 -3.88 35.78 50.44
N VAL K 38 -4.95 35.16 49.95
CA VAL K 38 -5.58 35.60 48.71
C VAL K 38 -7.07 35.82 48.90
N ASP K 39 -7.53 37.00 48.52
CA ASP K 39 -8.94 37.33 48.65
C ASP K 39 -9.49 37.82 47.32
N LEU K 40 -10.71 37.41 47.02
CA LEU K 40 -11.41 37.96 45.86
C LEU K 40 -12.32 39.07 46.34
N LEU K 41 -12.34 40.17 45.60
CA LEU K 41 -13.08 41.35 46.03
C LEU K 41 -14.14 41.75 45.02
N LYS K 42 -15.28 42.18 45.53
CA LYS K 42 -16.37 42.72 44.72
C LYS K 42 -16.62 44.14 45.21
N ASN K 43 -16.37 45.12 44.34
CA ASN K 43 -16.50 46.51 44.73
C ASN K 43 -15.81 46.81 46.06
N GLY K 44 -14.57 46.34 46.18
CA GLY K 44 -13.73 46.64 47.33
C GLY K 44 -13.92 45.74 48.54
N GLU K 45 -14.93 44.90 48.51
CA GLU K 45 -15.29 44.08 49.68
C GLU K 45 -15.01 42.60 49.47
N ARG K 46 -14.55 41.93 50.51
CA ARG K 46 -14.09 40.54 50.44
C ARG K 46 -15.24 39.56 50.15
N ILE K 47 -15.09 38.78 49.08
CA ILE K 47 -16.09 37.75 48.77
C ILE K 47 -15.87 36.55 49.69
N GLU K 48 -16.95 36.06 50.30
CA GLU K 48 -16.85 35.06 51.36
C GLU K 48 -16.81 33.61 50.88
N LYS K 49 -17.52 33.32 49.80
CA LYS K 49 -17.61 31.95 49.31
C LYS K 49 -16.53 31.69 48.25
N VAL K 50 -15.28 31.60 48.69
CA VAL K 50 -14.17 31.40 47.77
C VAL K 50 -13.41 30.12 48.09
N GLU K 51 -13.19 29.30 47.08
CA GLU K 51 -12.41 28.08 47.23
C GLU K 51 -11.05 28.21 46.56
N HIS K 52 -10.14 27.30 46.89
CA HIS K 52 -8.86 27.25 46.22
C HIS K 52 -8.42 25.82 45.93
N SER K 53 -7.58 25.68 44.92
CA SER K 53 -7.05 24.38 44.54
C SER K 53 -6.11 23.86 45.60
N ASP K 54 -5.65 22.63 45.41
CA ASP K 54 -4.73 21.99 46.32
C ASP K 54 -3.30 22.48 46.05
N LEU K 55 -2.61 22.88 47.11
CA LEU K 55 -1.24 23.37 46.97
C LEU K 55 -0.36 22.41 46.18
N SER K 56 0.27 22.93 45.14
CA SER K 56 1.21 22.15 44.34
C SER K 56 2.34 23.07 43.91
N PHE K 57 3.33 22.55 43.19
CA PHE K 57 4.45 23.38 42.77
C PHE K 57 5.06 22.98 41.42
N SER K 58 5.91 23.85 40.88
CA SER K 58 6.50 23.65 39.57
C SER K 58 7.87 22.95 39.66
N LYS K 59 8.57 22.92 38.53
CA LYS K 59 9.89 22.29 38.46
C LYS K 59 10.92 23.01 39.33
N ASP K 60 10.77 24.32 39.48
CA ASP K 60 11.73 25.10 40.27
C ASP K 60 11.36 25.19 41.75
N TRP K 61 10.38 24.37 42.16
CA TRP K 61 9.90 24.30 43.54
C TRP K 61 8.97 25.45 43.98
N SER K 62 8.71 26.41 43.10
CA SER K 62 7.80 27.49 43.48
C SER K 62 6.35 27.02 43.42
N PHE K 63 5.53 27.53 44.33
CA PHE K 63 4.15 27.08 44.52
C PHE K 63 3.16 27.78 43.61
N TYR K 64 2.02 27.14 43.37
CA TYR K 64 0.90 27.80 42.69
C TYR K 64 -0.46 27.39 43.25
N LEU K 65 -1.38 28.35 43.28
CA LEU K 65 -2.73 28.13 43.77
C LEU K 65 -3.74 28.84 42.87
N LEU K 66 -4.88 28.19 42.65
CA LEU K 66 -6.01 28.84 41.99
C LEU K 66 -7.10 29.10 42.99
N TYR K 67 -7.43 30.36 43.21
CA TYR K 67 -8.60 30.73 44.00
C TYR K 67 -9.73 31.08 43.06
N TYR K 68 -10.94 30.65 43.40
CA TYR K 68 -12.07 30.85 42.50
C TYR K 68 -13.40 30.93 43.22
N THR K 69 -14.37 31.50 42.53
CA THR K 69 -15.72 31.63 43.07
C THR K 69 -16.70 31.86 41.93
N GLU K 70 -17.92 31.39 42.11
CA GLU K 70 -18.97 31.64 41.13
C GLU K 70 -19.33 33.12 41.15
N PHE K 71 -19.52 33.70 39.97
CA PHE K 71 -20.00 35.08 39.89
C PHE K 71 -20.64 35.35 38.54
N THR K 72 -21.46 36.40 38.49
CA THR K 72 -22.14 36.77 37.28
C THR K 72 -21.73 38.20 36.92
N PRO K 73 -20.87 38.33 35.91
CA PRO K 73 -20.33 39.64 35.52
C PRO K 73 -21.46 40.61 35.24
N THR K 74 -21.18 41.89 35.43
CA THR K 74 -22.15 42.94 35.14
C THR K 74 -21.36 44.13 34.61
N GLU K 75 -22.05 45.14 34.11
CA GLU K 75 -21.36 46.30 33.57
C GLU K 75 -20.65 47.11 34.66
N LYS K 76 -21.31 47.26 35.81
CA LYS K 76 -20.89 48.19 36.85
C LYS K 76 -20.03 47.59 37.96
N ASP K 77 -20.20 46.30 38.24
CA ASP K 77 -19.47 45.64 39.32
C ASP K 77 -17.99 45.49 39.01
N GLU K 78 -17.15 45.97 39.93
CA GLU K 78 -15.71 45.83 39.79
C GLU K 78 -15.22 44.68 40.67
N TYR K 79 -14.33 43.86 40.13
CA TYR K 79 -13.74 42.77 40.89
C TYR K 79 -12.23 42.89 40.92
N ALA K 80 -11.62 42.34 41.97
CA ALA K 80 -10.18 42.40 42.13
C ALA K 80 -9.67 41.23 42.97
N CYS K 81 -8.37 40.98 42.89
CA CYS K 81 -7.73 39.96 43.71
C CYS K 81 -6.69 40.59 44.61
N ARG K 82 -6.83 40.37 45.92
CA ARG K 82 -5.90 40.91 46.89
C ARG K 82 -4.99 39.84 47.49
N VAL K 83 -3.68 40.05 47.37
CA VAL K 83 -2.72 39.05 47.81
C VAL K 83 -1.72 39.59 48.83
N ASN K 84 -1.44 38.80 49.86
CA ASN K 84 -0.38 39.13 50.81
C ASN K 84 0.60 37.98 51.00
N HIS K 85 1.88 38.33 51.18
CA HIS K 85 2.97 37.34 51.23
C HIS K 85 4.17 38.02 51.89
N VAL K 86 5.13 37.24 52.40
CA VAL K 86 6.28 37.84 53.09
C VAL K 86 7.07 38.77 52.16
N THR K 87 7.06 38.47 50.88
CA THR K 87 7.81 39.26 49.91
C THR K 87 7.13 40.59 49.57
N LEU K 88 5.96 40.83 50.16
CA LEU K 88 5.21 42.04 49.86
C LEU K 88 5.13 42.98 51.07
N SER K 89 5.54 44.23 50.85
CA SER K 89 5.53 45.21 51.92
C SER K 89 4.11 45.55 52.31
N GLN K 90 3.20 45.46 51.34
CA GLN K 90 1.78 45.65 51.57
C GLN K 90 1.02 44.71 50.64
N PRO K 91 -0.22 44.36 51.01
CA PRO K 91 -1.04 43.49 50.16
C PRO K 91 -1.17 44.07 48.76
N LYS K 92 -0.90 43.24 47.75
CA LYS K 92 -0.99 43.64 46.35
C LYS K 92 -2.41 43.42 45.82
N ILE K 93 -2.99 44.47 45.26
CA ILE K 93 -4.33 44.39 44.70
C ILE K 93 -4.27 44.45 43.18
N VAL K 94 -4.91 43.48 42.52
CA VAL K 94 -4.97 43.46 41.07
C VAL K 94 -6.41 43.45 40.58
N LYS K 95 -6.79 44.52 39.89
CA LYS K 95 -8.14 44.68 39.36
C LYS K 95 -8.42 43.67 38.26
N TRP K 96 -9.64 43.16 38.22
CA TRP K 96 -10.05 42.29 37.13
C TRP K 96 -10.34 43.13 35.89
N ASP K 97 -9.75 42.71 34.77
CA ASP K 97 -9.99 43.34 33.48
C ASP K 97 -10.52 42.26 32.55
N ARG K 98 -11.76 42.41 32.09
CA ARG K 98 -12.41 41.34 31.34
C ARG K 98 -11.66 41.07 30.04
N ASP K 99 -10.69 41.92 29.74
CA ASP K 99 -9.94 41.81 28.50
C ASP K 99 -8.51 41.32 28.78
N MET K 100 -8.29 40.75 29.96
CA MET K 100 -6.98 40.22 30.37
C MET K 100 -7.08 38.90 31.16
N LYS L 1 -0.11 5.52 41.55
CA LYS L 1 -0.02 4.91 42.88
C LYS L 1 1.21 5.38 43.63
N LEU L 2 1.00 5.74 44.90
CA LEU L 2 2.09 6.10 45.79
C LEU L 2 3.15 5.00 45.88
N TYR L 3 4.39 5.43 46.08
CA TYR L 3 5.49 4.52 46.32
C TYR L 3 5.33 3.86 47.69
N GLN L 4 5.62 2.56 47.76
CA GLN L 4 5.58 1.81 49.01
C GLN L 4 6.95 1.89 49.68
N ASN L 5 7.13 2.88 50.55
CA ASN L 5 8.44 3.15 51.15
C ASN L 5 8.66 2.56 52.54
N PRO L 6 9.90 2.14 52.83
CA PRO L 6 10.37 1.41 54.02
C PRO L 6 9.81 1.84 55.40
N THR L 7 9.87 3.12 55.79
CA THR L 7 10.34 4.23 54.98
C THR L 7 11.80 4.58 55.21
N THR L 8 12.25 5.64 54.56
CA THR L 8 13.65 6.05 54.62
C THR L 8 13.78 7.55 54.93
N TYR L 9 14.66 7.89 55.87
CA TYR L 9 14.78 9.26 56.34
C TYR L 9 15.93 10.03 55.69
N ILE L 10 15.75 11.35 55.59
CA ILE L 10 16.74 12.25 55.02
C ILE L 10 18.11 12.05 55.66
#